data_4OO5
# 
_entry.id   4OO5 
# 
_audit_conform.dict_name       mmcif_pdbx.dic 
_audit_conform.dict_version    5.397 
_audit_conform.dict_location   http://mmcif.pdb.org/dictionaries/ascii/mmcif_pdbx.dic 
# 
loop_
_database_2.database_id 
_database_2.database_code 
_database_2.pdbx_database_accession 
_database_2.pdbx_DOI 
PDB   4OO5         pdb_00004oo5 10.2210/pdb4oo5/pdb 
RCSB  RCSB084738   ?            ?                   
WWPDB D_1000084738 ?            ?                   
# 
loop_
_pdbx_audit_revision_history.ordinal 
_pdbx_audit_revision_history.data_content_type 
_pdbx_audit_revision_history.major_revision 
_pdbx_audit_revision_history.minor_revision 
_pdbx_audit_revision_history.revision_date 
1 'Structure model' 1 0 2014-02-12 
2 'Structure model' 1 1 2023-09-20 
3 'Structure model' 1 2 2024-10-16 
# 
_pdbx_audit_revision_details.ordinal             1 
_pdbx_audit_revision_details.revision_ordinal    1 
_pdbx_audit_revision_details.data_content_type   'Structure model' 
_pdbx_audit_revision_details.provider            repository 
_pdbx_audit_revision_details.type                'Initial release' 
_pdbx_audit_revision_details.description         ? 
_pdbx_audit_revision_details.details             ? 
# 
loop_
_pdbx_audit_revision_group.ordinal 
_pdbx_audit_revision_group.revision_ordinal 
_pdbx_audit_revision_group.data_content_type 
_pdbx_audit_revision_group.group 
1 2 'Structure model' 'Data collection'        
2 2 'Structure model' 'Database references'    
3 2 'Structure model' 'Derived calculations'   
4 2 'Structure model' 'Refinement description' 
5 3 'Structure model' 'Structure summary'      
# 
loop_
_pdbx_audit_revision_category.ordinal 
_pdbx_audit_revision_category.revision_ordinal 
_pdbx_audit_revision_category.data_content_type 
_pdbx_audit_revision_category.category 
1 2 'Structure model' chem_comp_atom                
2 2 'Structure model' chem_comp_bond                
3 2 'Structure model' database_2                    
4 2 'Structure model' pdbx_initial_refinement_model 
5 2 'Structure model' struct_conn                   
6 2 'Structure model' struct_ref_seq_dif            
7 3 'Structure model' pdbx_entry_details            
8 3 'Structure model' pdbx_modification_feature     
# 
loop_
_pdbx_audit_revision_item.ordinal 
_pdbx_audit_revision_item.revision_ordinal 
_pdbx_audit_revision_item.data_content_type 
_pdbx_audit_revision_item.item 
1 2 'Structure model' '_database_2.pdbx_DOI'                
2 2 'Structure model' '_database_2.pdbx_database_accession' 
3 2 'Structure model' '_struct_conn.pdbx_leaving_atom_flag' 
4 2 'Structure model' '_struct_ref_seq_dif.details'         
# 
_pdbx_database_status.status_code                     REL 
_pdbx_database_status.entry_id                        4OO5 
_pdbx_database_status.recvd_initial_deposition_date   2014-01-30 
_pdbx_database_status.deposit_site                    RCSB 
_pdbx_database_status.process_site                    RCSB 
_pdbx_database_status.status_code_sf                  REL 
_pdbx_database_status.status_code_mr                  ? 
_pdbx_database_status.SG_entry                        ? 
_pdbx_database_status.status_code_cs                  ? 
_pdbx_database_status.methods_development_category    ? 
_pdbx_database_status.pdb_format_compatible           Y 
_pdbx_database_status.status_code_nmr_data            ? 
# 
loop_
_pdbx_database_related.db_name 
_pdbx_database_related.db_id 
_pdbx_database_related.details 
_pdbx_database_related.content_type 
PDB 3M9J 'The same protein without S-nitroso modification, reduced form.'          unspecified 
PDB 3M9K 'The same protein without S-nitroso modification, oxidized form.'         unspecified 
PDB 2IIY 'The wildtype protein with S-nitroso modifications on C62 and C69, pH 7.' unspecified 
PDB 2HXK 'The wildtype protein with S-nitroso modifications on C62 and C69, pH 9.' unspecified 
PDB 4OO4 .                                                                         unspecified 
# 
loop_
_audit_author.name 
_audit_author.pdbx_ordinal 
'The, J.'        1 
'Weichsel, A.'   2 
'Montfort, W.R.' 3 
# 
loop_
_citation.id 
_citation.title 
_citation.journal_abbrev 
_citation.journal_volume 
_citation.page_first 
_citation.page_last 
_citation.year 
_citation.journal_id_ASTM 
_citation.country 
_citation.journal_id_ISSN 
_citation.journal_id_CSD 
_citation.book_publisher 
_citation.pdbx_database_id_PubMed 
_citation.pdbx_database_id_DOI 
primary 'Crystal Structure of a Thioredoxin Mutant Displays a Dynamic N-terminal Loop Surrounding an S-nitrosation Site' 
'To be Published' ?  ?    ?    ?    ?      ?  ?         0353 ? ?        ?               
1       'Crystal structure of human thioredoxin revealing an unraveled helix and exposed S-nitrosation site.'            
'Protein Sci.'    19 1801 1806 2010 PRCIEI US 0961-8368 0795 ? 20662007 10.1002/pro.455 
# 
loop_
_citation_author.citation_id 
_citation_author.name 
_citation_author.ordinal 
_citation_author.identifier_ORCID 
primary 'The, J.'        1 ? 
primary 'Weichsel, A.'   2 ? 
primary 'Montfort, W.R.' 3 ? 
1       'Weichsel, A.'   4 ? 
1       'Kem, M.'        5 ? 
1       'Montfort, W.R.' 6 ? 
# 
loop_
_entity.id 
_entity.type 
_entity.src_method 
_entity.pdbx_description 
_entity.formula_weight 
_entity.pdbx_number_of_molecules 
_entity.pdbx_ec 
_entity.pdbx_mutation 
_entity.pdbx_fragment 
_entity.details 
1 polymer man Thioredoxin 11747.345 1   ? 'C69S, C73S' ? ? 
2 water   nat water       18.015    101 ? ?            ? ? 
# 
_entity_name_com.entity_id   1 
_entity_name_com.name        'Trx, ATL-derived factor, ADF, Surface-associated sulphydryl protein, SASP' 
# 
_entity_poly.entity_id                      1 
_entity_poly.type                           'polypeptide(L)' 
_entity_poly.nstd_linkage                   no 
_entity_poly.nstd_monomer                   yes 
_entity_poly.pdbx_seq_one_letter_code       
;MVKQIESKTAFQEALDAAGDKLVVVDFSATWCGPCKMIKPFFHSLSEKYSNVIFLEVDVDD(SNC)QDVASESEVKSMPT
FQFFKKGQKVGEFSGANKEKLEATINELV
;
_entity_poly.pdbx_seq_one_letter_code_can   
;MVKQIESKTAFQEALDAAGDKLVVVDFSATWCGPCKMIKPFFHSLSEKYSNVIFLEVDVDDCQDVASESEVKSMPTFQFF
KKGQKVGEFSGANKEKLEATINELV
;
_entity_poly.pdbx_strand_id                 A 
_entity_poly.pdbx_target_identifier         ? 
# 
_pdbx_entity_nonpoly.entity_id   2 
_pdbx_entity_nonpoly.name        water 
_pdbx_entity_nonpoly.comp_id     HOH 
# 
loop_
_entity_poly_seq.entity_id 
_entity_poly_seq.num 
_entity_poly_seq.mon_id 
_entity_poly_seq.hetero 
1 1   MET n 
1 2   VAL n 
1 3   LYS n 
1 4   GLN n 
1 5   ILE n 
1 6   GLU n 
1 7   SER n 
1 8   LYS n 
1 9   THR n 
1 10  ALA n 
1 11  PHE n 
1 12  GLN n 
1 13  GLU n 
1 14  ALA n 
1 15  LEU n 
1 16  ASP n 
1 17  ALA n 
1 18  ALA n 
1 19  GLY n 
1 20  ASP n 
1 21  LYS n 
1 22  LEU n 
1 23  VAL n 
1 24  VAL n 
1 25  VAL n 
1 26  ASP n 
1 27  PHE n 
1 28  SER n 
1 29  ALA n 
1 30  THR n 
1 31  TRP n 
1 32  CYS n 
1 33  GLY n 
1 34  PRO n 
1 35  CYS n 
1 36  LYS n 
1 37  MET n 
1 38  ILE n 
1 39  LYS n 
1 40  PRO n 
1 41  PHE n 
1 42  PHE n 
1 43  HIS n 
1 44  SER n 
1 45  LEU n 
1 46  SER n 
1 47  GLU n 
1 48  LYS n 
1 49  TYR n 
1 50  SER n 
1 51  ASN n 
1 52  VAL n 
1 53  ILE n 
1 54  PHE n 
1 55  LEU n 
1 56  GLU n 
1 57  VAL n 
1 58  ASP n 
1 59  VAL n 
1 60  ASP n 
1 61  ASP n 
1 62  SNC n 
1 63  GLN n 
1 64  ASP n 
1 65  VAL n 
1 66  ALA n 
1 67  SER n 
1 68  GLU n 
1 69  SER n 
1 70  GLU n 
1 71  VAL n 
1 72  LYS n 
1 73  SER n 
1 74  MET n 
1 75  PRO n 
1 76  THR n 
1 77  PHE n 
1 78  GLN n 
1 79  PHE n 
1 80  PHE n 
1 81  LYS n 
1 82  LYS n 
1 83  GLY n 
1 84  GLN n 
1 85  LYS n 
1 86  VAL n 
1 87  GLY n 
1 88  GLU n 
1 89  PHE n 
1 90  SER n 
1 91  GLY n 
1 92  ALA n 
1 93  ASN n 
1 94  LYS n 
1 95  GLU n 
1 96  LYS n 
1 97  LEU n 
1 98  GLU n 
1 99  ALA n 
1 100 THR n 
1 101 ILE n 
1 102 ASN n 
1 103 GLU n 
1 104 LEU n 
1 105 VAL n 
# 
_entity_src_gen.entity_id                          1 
_entity_src_gen.pdbx_src_id                        1 
_entity_src_gen.pdbx_alt_source_flag               sample 
_entity_src_gen.pdbx_seq_type                      ? 
_entity_src_gen.pdbx_beg_seq_num                   ? 
_entity_src_gen.pdbx_end_seq_num                   ? 
_entity_src_gen.gene_src_common_name               human 
_entity_src_gen.gene_src_genus                     ? 
_entity_src_gen.pdbx_gene_src_gene                 'TXN, TRDX, TRX, TRX1' 
_entity_src_gen.gene_src_species                   ? 
_entity_src_gen.gene_src_strain                    ? 
_entity_src_gen.gene_src_tissue                    ? 
_entity_src_gen.gene_src_tissue_fraction           ? 
_entity_src_gen.gene_src_details                   ? 
_entity_src_gen.pdbx_gene_src_fragment             ? 
_entity_src_gen.pdbx_gene_src_scientific_name      'Homo sapiens' 
_entity_src_gen.pdbx_gene_src_ncbi_taxonomy_id     9606 
_entity_src_gen.pdbx_gene_src_variant              ? 
_entity_src_gen.pdbx_gene_src_cell_line            ? 
_entity_src_gen.pdbx_gene_src_atcc                 ? 
_entity_src_gen.pdbx_gene_src_organ                ? 
_entity_src_gen.pdbx_gene_src_organelle            ? 
_entity_src_gen.pdbx_gene_src_cell                 ? 
_entity_src_gen.pdbx_gene_src_cellular_location    ? 
_entity_src_gen.host_org_common_name               ? 
_entity_src_gen.pdbx_host_org_scientific_name      'Escherichia coli' 
_entity_src_gen.pdbx_host_org_ncbi_taxonomy_id     469008 
_entity_src_gen.host_org_genus                     ? 
_entity_src_gen.pdbx_host_org_gene                 ? 
_entity_src_gen.pdbx_host_org_organ                ? 
_entity_src_gen.host_org_species                   ? 
_entity_src_gen.pdbx_host_org_tissue               ? 
_entity_src_gen.pdbx_host_org_tissue_fraction      ? 
_entity_src_gen.pdbx_host_org_strain               'BL21(DE3)' 
_entity_src_gen.pdbx_host_org_variant              ? 
_entity_src_gen.pdbx_host_org_cell_line            ? 
_entity_src_gen.pdbx_host_org_atcc                 ? 
_entity_src_gen.pdbx_host_org_culture_collection   ? 
_entity_src_gen.pdbx_host_org_cell                 ? 
_entity_src_gen.pdbx_host_org_organelle            ? 
_entity_src_gen.pdbx_host_org_cellular_location    ? 
_entity_src_gen.pdbx_host_org_vector_type          plasmid 
_entity_src_gen.pdbx_host_org_vector               ? 
_entity_src_gen.host_org_details                   ? 
_entity_src_gen.expression_system_id               ? 
_entity_src_gen.plasmid_name                       pET-3a 
_entity_src_gen.plasmid_details                    ? 
_entity_src_gen.pdbx_description                   ? 
# 
loop_
_chem_comp.id 
_chem_comp.type 
_chem_comp.mon_nstd_flag 
_chem_comp.name 
_chem_comp.pdbx_synonyms 
_chem_comp.formula 
_chem_comp.formula_weight 
ALA 'L-peptide linking' y ALANINE            ? 'C3 H7 N O2'     89.093  
ASN 'L-peptide linking' y ASPARAGINE         ? 'C4 H8 N2 O3'    132.118 
ASP 'L-peptide linking' y 'ASPARTIC ACID'    ? 'C4 H7 N O4'     133.103 
CYS 'L-peptide linking' y CYSTEINE           ? 'C3 H7 N O2 S'   121.158 
GLN 'L-peptide linking' y GLUTAMINE          ? 'C5 H10 N2 O3'   146.144 
GLU 'L-peptide linking' y 'GLUTAMIC ACID'    ? 'C5 H9 N O4'     147.129 
GLY 'peptide linking'   y GLYCINE            ? 'C2 H5 N O2'     75.067  
HIS 'L-peptide linking' y HISTIDINE          ? 'C6 H10 N3 O2 1' 156.162 
HOH non-polymer         . WATER              ? 'H2 O'           18.015  
ILE 'L-peptide linking' y ISOLEUCINE         ? 'C6 H13 N O2'    131.173 
LEU 'L-peptide linking' y LEUCINE            ? 'C6 H13 N O2'    131.173 
LYS 'L-peptide linking' y LYSINE             ? 'C6 H15 N2 O2 1' 147.195 
MET 'L-peptide linking' y METHIONINE         ? 'C5 H11 N O2 S'  149.211 
PHE 'L-peptide linking' y PHENYLALANINE      ? 'C9 H11 N O2'    165.189 
PRO 'L-peptide linking' y PROLINE            ? 'C5 H9 N O2'     115.130 
SER 'L-peptide linking' y SERINE             ? 'C3 H7 N O3'     105.093 
SNC 'L-peptide linking' n S-NITROSO-CYSTEINE ? 'C3 H6 N2 O3 S'  150.156 
THR 'L-peptide linking' y THREONINE          ? 'C4 H9 N O3'     119.119 
TRP 'L-peptide linking' y TRYPTOPHAN         ? 'C11 H12 N2 O2'  204.225 
TYR 'L-peptide linking' y TYROSINE           ? 'C9 H11 N O3'    181.189 
VAL 'L-peptide linking' y VALINE             ? 'C5 H11 N O2'    117.146 
# 
loop_
_pdbx_poly_seq_scheme.asym_id 
_pdbx_poly_seq_scheme.entity_id 
_pdbx_poly_seq_scheme.seq_id 
_pdbx_poly_seq_scheme.mon_id 
_pdbx_poly_seq_scheme.ndb_seq_num 
_pdbx_poly_seq_scheme.pdb_seq_num 
_pdbx_poly_seq_scheme.auth_seq_num 
_pdbx_poly_seq_scheme.pdb_mon_id 
_pdbx_poly_seq_scheme.auth_mon_id 
_pdbx_poly_seq_scheme.pdb_strand_id 
_pdbx_poly_seq_scheme.pdb_ins_code 
_pdbx_poly_seq_scheme.hetero 
A 1 1   MET 1   1   1   MET MET A . n 
A 1 2   VAL 2   2   2   VAL VAL A . n 
A 1 3   LYS 3   3   3   LYS LYS A . n 
A 1 4   GLN 4   4   4   GLN GLN A . n 
A 1 5   ILE 5   5   5   ILE ILE A . n 
A 1 6   GLU 6   6   6   GLU GLU A . n 
A 1 7   SER 7   7   7   SER SER A . n 
A 1 8   LYS 8   8   8   LYS LYS A . n 
A 1 9   THR 9   9   9   THR THR A . n 
A 1 10  ALA 10  10  10  ALA ALA A . n 
A 1 11  PHE 11  11  11  PHE PHE A . n 
A 1 12  GLN 12  12  12  GLN GLN A . n 
A 1 13  GLU 13  13  13  GLU GLU A . n 
A 1 14  ALA 14  14  14  ALA ALA A . n 
A 1 15  LEU 15  15  15  LEU LEU A . n 
A 1 16  ASP 16  16  16  ASP ASP A . n 
A 1 17  ALA 17  17  17  ALA ALA A . n 
A 1 18  ALA 18  18  18  ALA ALA A . n 
A 1 19  GLY 19  19  19  GLY GLY A . n 
A 1 20  ASP 20  20  20  ASP ASP A . n 
A 1 21  LYS 21  21  21  LYS LYS A . n 
A 1 22  LEU 22  22  22  LEU LEU A . n 
A 1 23  VAL 23  23  23  VAL VAL A . n 
A 1 24  VAL 24  24  24  VAL VAL A . n 
A 1 25  VAL 25  25  25  VAL VAL A . n 
A 1 26  ASP 26  26  26  ASP ASP A . n 
A 1 27  PHE 27  27  27  PHE PHE A . n 
A 1 28  SER 28  28  28  SER SER A . n 
A 1 29  ALA 29  29  29  ALA ALA A . n 
A 1 30  THR 30  30  30  THR THR A . n 
A 1 31  TRP 31  31  31  TRP TRP A . n 
A 1 32  CYS 32  32  32  CYS CYS A . n 
A 1 33  GLY 33  33  33  GLY GLY A . n 
A 1 34  PRO 34  34  34  PRO PRO A . n 
A 1 35  CYS 35  35  35  CYS CYS A . n 
A 1 36  LYS 36  36  36  LYS LYS A . n 
A 1 37  MET 37  37  37  MET MET A . n 
A 1 38  ILE 38  38  38  ILE ILE A . n 
A 1 39  LYS 39  39  39  LYS LYS A . n 
A 1 40  PRO 40  40  40  PRO PRO A . n 
A 1 41  PHE 41  41  41  PHE PHE A . n 
A 1 42  PHE 42  42  42  PHE PHE A . n 
A 1 43  HIS 43  43  43  HIS HIS A . n 
A 1 44  SER 44  44  44  SER SER A . n 
A 1 45  LEU 45  45  45  LEU LEU A . n 
A 1 46  SER 46  46  46  SER SER A . n 
A 1 47  GLU 47  47  47  GLU GLU A . n 
A 1 48  LYS 48  48  48  LYS LYS A . n 
A 1 49  TYR 49  49  49  TYR TYR A . n 
A 1 50  SER 50  50  50  SER SER A . n 
A 1 51  ASN 51  51  51  ASN ASN A . n 
A 1 52  VAL 52  52  52  VAL VAL A . n 
A 1 53  ILE 53  53  53  ILE ILE A . n 
A 1 54  PHE 54  54  54  PHE PHE A . n 
A 1 55  LEU 55  55  55  LEU LEU A . n 
A 1 56  GLU 56  56  56  GLU GLU A . n 
A 1 57  VAL 57  57  57  VAL VAL A . n 
A 1 58  ASP 58  58  58  ASP ASP A . n 
A 1 59  VAL 59  59  59  VAL VAL A . n 
A 1 60  ASP 60  60  60  ASP ASP A . n 
A 1 61  ASP 61  61  61  ASP ASP A . n 
A 1 62  SNC 62  62  62  SNC SNC A . n 
A 1 63  GLN 63  63  63  GLN GLN A . n 
A 1 64  ASP 64  64  64  ASP ASP A . n 
A 1 65  VAL 65  65  65  VAL VAL A . n 
A 1 66  ALA 66  66  66  ALA ALA A . n 
A 1 67  SER 67  67  67  SER SER A . n 
A 1 68  GLU 68  68  68  GLU GLU A . n 
A 1 69  SER 69  69  69  SER SER A . n 
A 1 70  GLU 70  70  70  GLU GLU A . n 
A 1 71  VAL 71  71  71  VAL VAL A . n 
A 1 72  LYS 72  72  72  LYS LYS A . n 
A 1 73  SER 73  73  73  SER SER A . n 
A 1 74  MET 74  74  74  MET MET A . n 
A 1 75  PRO 75  75  75  PRO PRO A . n 
A 1 76  THR 76  76  76  THR THR A . n 
A 1 77  PHE 77  77  77  PHE PHE A . n 
A 1 78  GLN 78  78  78  GLN GLN A . n 
A 1 79  PHE 79  79  79  PHE PHE A . n 
A 1 80  PHE 80  80  80  PHE PHE A . n 
A 1 81  LYS 81  81  81  LYS LYS A . n 
A 1 82  LYS 82  82  82  LYS LYS A . n 
A 1 83  GLY 83  83  83  GLY GLY A . n 
A 1 84  GLN 84  84  84  GLN GLN A . n 
A 1 85  LYS 85  85  85  LYS LYS A . n 
A 1 86  VAL 86  86  86  VAL VAL A . n 
A 1 87  GLY 87  87  87  GLY GLY A . n 
A 1 88  GLU 88  88  88  GLU GLU A . n 
A 1 89  PHE 89  89  89  PHE PHE A . n 
A 1 90  SER 90  90  90  SER SER A . n 
A 1 91  GLY 91  91  91  GLY GLY A . n 
A 1 92  ALA 92  92  92  ALA ALA A . n 
A 1 93  ASN 93  93  93  ASN ASN A . n 
A 1 94  LYS 94  94  94  LYS LYS A . n 
A 1 95  GLU 95  95  95  GLU GLU A . n 
A 1 96  LYS 96  96  96  LYS LYS A . n 
A 1 97  LEU 97  97  97  LEU LEU A . n 
A 1 98  GLU 98  98  98  GLU GLU A . n 
A 1 99  ALA 99  99  99  ALA ALA A . n 
A 1 100 THR 100 100 100 THR THR A . n 
A 1 101 ILE 101 101 101 ILE ILE A . n 
A 1 102 ASN 102 102 102 ASN ASN A . n 
A 1 103 GLU 103 103 103 GLU GLU A . n 
A 1 104 LEU 104 104 104 LEU LEU A . n 
A 1 105 VAL 105 105 105 VAL VAL A . n 
# 
loop_
_pdbx_nonpoly_scheme.asym_id 
_pdbx_nonpoly_scheme.entity_id 
_pdbx_nonpoly_scheme.mon_id 
_pdbx_nonpoly_scheme.ndb_seq_num 
_pdbx_nonpoly_scheme.pdb_seq_num 
_pdbx_nonpoly_scheme.auth_seq_num 
_pdbx_nonpoly_scheme.pdb_mon_id 
_pdbx_nonpoly_scheme.auth_mon_id 
_pdbx_nonpoly_scheme.pdb_strand_id 
_pdbx_nonpoly_scheme.pdb_ins_code 
B 2 HOH 1   201 1   HOH HOH A . 
B 2 HOH 2   202 2   HOH HOH A . 
B 2 HOH 3   203 3   HOH HOH A . 
B 2 HOH 4   204 4   HOH HOH A . 
B 2 HOH 5   205 5   HOH HOH A . 
B 2 HOH 6   206 6   HOH HOH A . 
B 2 HOH 7   207 7   HOH HOH A . 
B 2 HOH 8   208 8   HOH HOH A . 
B 2 HOH 9   209 9   HOH HOH A . 
B 2 HOH 10  210 10  HOH HOH A . 
B 2 HOH 11  211 11  HOH HOH A . 
B 2 HOH 12  212 12  HOH HOH A . 
B 2 HOH 13  213 13  HOH HOH A . 
B 2 HOH 14  214 14  HOH HOH A . 
B 2 HOH 15  215 15  HOH HOH A . 
B 2 HOH 16  216 16  HOH HOH A . 
B 2 HOH 17  217 17  HOH HOH A . 
B 2 HOH 18  218 18  HOH HOH A . 
B 2 HOH 19  219 19  HOH HOH A . 
B 2 HOH 20  220 20  HOH HOH A . 
B 2 HOH 21  221 21  HOH HOH A . 
B 2 HOH 22  222 22  HOH HOH A . 
B 2 HOH 23  223 23  HOH HOH A . 
B 2 HOH 24  224 24  HOH HOH A . 
B 2 HOH 25  225 25  HOH HOH A . 
B 2 HOH 26  226 26  HOH HOH A . 
B 2 HOH 27  227 27  HOH HOH A . 
B 2 HOH 28  228 28  HOH HOH A . 
B 2 HOH 29  229 29  HOH HOH A . 
B 2 HOH 30  230 30  HOH HOH A . 
B 2 HOH 31  231 31  HOH HOH A . 
B 2 HOH 32  232 32  HOH HOH A . 
B 2 HOH 33  233 33  HOH HOH A . 
B 2 HOH 34  234 34  HOH HOH A . 
B 2 HOH 35  235 35  HOH HOH A . 
B 2 HOH 36  236 36  HOH HOH A . 
B 2 HOH 37  237 37  HOH HOH A . 
B 2 HOH 38  238 38  HOH HOH A . 
B 2 HOH 39  239 39  HOH HOH A . 
B 2 HOH 40  240 40  HOH HOH A . 
B 2 HOH 41  241 41  HOH HOH A . 
B 2 HOH 42  242 42  HOH HOH A . 
B 2 HOH 43  243 43  HOH HOH A . 
B 2 HOH 44  244 44  HOH HOH A . 
B 2 HOH 45  245 45  HOH HOH A . 
B 2 HOH 46  246 46  HOH HOH A . 
B 2 HOH 47  247 47  HOH HOH A . 
B 2 HOH 48  248 48  HOH HOH A . 
B 2 HOH 49  249 49  HOH HOH A . 
B 2 HOH 50  250 50  HOH HOH A . 
B 2 HOH 51  251 51  HOH HOH A . 
B 2 HOH 52  252 52  HOH HOH A . 
B 2 HOH 53  253 53  HOH HOH A . 
B 2 HOH 54  254 54  HOH HOH A . 
B 2 HOH 55  255 55  HOH HOH A . 
B 2 HOH 56  256 56  HOH HOH A . 
B 2 HOH 57  257 57  HOH HOH A . 
B 2 HOH 58  258 58  HOH HOH A . 
B 2 HOH 59  259 59  HOH HOH A . 
B 2 HOH 60  260 60  HOH HOH A . 
B 2 HOH 61  261 61  HOH HOH A . 
B 2 HOH 62  262 62  HOH HOH A . 
B 2 HOH 63  263 63  HOH HOH A . 
B 2 HOH 64  264 64  HOH HOH A . 
B 2 HOH 65  265 65  HOH HOH A . 
B 2 HOH 66  266 66  HOH HOH A . 
B 2 HOH 67  267 67  HOH HOH A . 
B 2 HOH 68  268 68  HOH HOH A . 
B 2 HOH 69  269 69  HOH HOH A . 
B 2 HOH 70  270 70  HOH HOH A . 
B 2 HOH 71  271 71  HOH HOH A . 
B 2 HOH 72  272 72  HOH HOH A . 
B 2 HOH 73  273 73  HOH HOH A . 
B 2 HOH 74  274 74  HOH HOH A . 
B 2 HOH 75  275 75  HOH HOH A . 
B 2 HOH 76  276 76  HOH HOH A . 
B 2 HOH 77  277 77  HOH HOH A . 
B 2 HOH 78  278 78  HOH HOH A . 
B 2 HOH 79  279 79  HOH HOH A . 
B 2 HOH 80  280 80  HOH HOH A . 
B 2 HOH 81  281 81  HOH HOH A . 
B 2 HOH 82  282 82  HOH HOH A . 
B 2 HOH 83  283 83  HOH HOH A . 
B 2 HOH 84  284 84  HOH HOH A . 
B 2 HOH 85  285 85  HOH HOH A . 
B 2 HOH 86  286 86  HOH HOH A . 
B 2 HOH 87  287 87  HOH HOH A . 
B 2 HOH 88  288 88  HOH HOH A . 
B 2 HOH 89  289 89  HOH HOH A . 
B 2 HOH 90  290 90  HOH HOH A . 
B 2 HOH 91  291 91  HOH HOH A . 
B 2 HOH 92  292 92  HOH HOH A . 
B 2 HOH 93  293 93  HOH HOH A . 
B 2 HOH 94  294 94  HOH HOH A . 
B 2 HOH 95  295 95  HOH HOH A . 
B 2 HOH 96  296 96  HOH HOH A . 
B 2 HOH 97  297 97  HOH HOH A . 
B 2 HOH 98  298 98  HOH HOH A . 
B 2 HOH 99  299 99  HOH HOH A . 
B 2 HOH 100 300 100 HOH HOH A . 
B 2 HOH 101 301 101 HOH HOH A . 
# 
loop_
_software.name 
_software.classification 
_software.version 
_software.citation_id 
_software.pdbx_ordinal 
XDS      'data scaling'   .        ? 1 
MOLREP   phasing          .        ? 2 
REFMAC   refinement       5.8.0049 ? 3 
HKL-2000 'data reduction' .        ? 4 
SCALA    'data scaling'   .        ? 5 
# 
_cell.entry_id           4OO5 
_cell.length_a           67.008 
_cell.length_b           26.038 
_cell.length_c           51.090 
_cell.angle_alpha        90.00 
_cell.angle_beta         94.83 
_cell.angle_gamma        90.00 
_cell.Z_PDB              4 
_cell.pdbx_unique_axis   ? 
_cell.length_a_esd       ? 
_cell.length_b_esd       ? 
_cell.length_c_esd       ? 
_cell.angle_alpha_esd    ? 
_cell.angle_beta_esd     ? 
_cell.angle_gamma_esd    ? 
# 
_symmetry.entry_id                         4OO5 
_symmetry.space_group_name_H-M             'C 1 2 1' 
_symmetry.pdbx_full_space_group_name_H-M   ? 
_symmetry.cell_setting                     ? 
_symmetry.Int_Tables_number                5 
_symmetry.space_group_name_Hall            ? 
# 
_exptl.entry_id          4OO5 
_exptl.method            'X-RAY DIFFRACTION' 
_exptl.crystals_number   1 
# 
_exptl_crystal.id                    1 
_exptl_crystal.density_meas          ? 
_exptl_crystal.density_Matthews      1.89 
_exptl_crystal.density_percent_sol   34.93 
_exptl_crystal.description           ? 
_exptl_crystal.F_000                 ? 
_exptl_crystal.preparation           ? 
# 
_exptl_crystal_grow.crystal_id      1 
_exptl_crystal_grow.method          'VAPOR DIFFUSION, HANGING DROP' 
_exptl_crystal_grow.temp            289 
_exptl_crystal_grow.temp_details    ? 
_exptl_crystal_grow.pH              4 
_exptl_crystal_grow.pdbx_details    '21% PEG 3350, 0.1 M sodium acetate, pH 4, VAPOR DIFFUSION, HANGING DROP, temperature 289K' 
_exptl_crystal_grow.pdbx_pH_range   ? 
# 
_diffrn.id                     1 
_diffrn.ambient_temp           100 
_diffrn.ambient_temp_details   ? 
_diffrn.crystal_id             1 
# 
_diffrn_detector.diffrn_id              1 
_diffrn_detector.detector               CCD 
_diffrn_detector.type                   'MARMOSAIC 325 mm CCD' 
_diffrn_detector.pdbx_collection_date   2012-01-06 
_diffrn_detector.details                'RH COATED FLAT MIRROR, TOROIDAL FOCUSING MIRROR' 
# 
_diffrn_radiation.diffrn_id                        1 
_diffrn_radiation.wavelength_id                    1 
_diffrn_radiation.pdbx_monochromatic_or_laue_m_l   M 
_diffrn_radiation.monochromator                    'SI(111) DOUBLE CRYSTAL MONOCHROMATOR' 
_diffrn_radiation.pdbx_diffrn_protocol             'SINGLE WAVELENGTH' 
_diffrn_radiation.pdbx_scattering_type             x-ray 
# 
_diffrn_radiation_wavelength.id           1 
_diffrn_radiation_wavelength.wavelength   0.9795 
_diffrn_radiation_wavelength.wt           1.0 
# 
_diffrn_source.diffrn_id                   1 
_diffrn_source.source                      SYNCHROTRON 
_diffrn_source.type                        'SSRL BEAMLINE BL9-2' 
_diffrn_source.pdbx_synchrotron_site       SSRL 
_diffrn_source.pdbx_synchrotron_beamline   BL9-2 
_diffrn_source.pdbx_wavelength             ? 
_diffrn_source.pdbx_wavelength_list        0.9795 
# 
_reflns.entry_id                     4OO5 
_reflns.observed_criterion_sigma_I   0 
_reflns.observed_criterion_sigma_F   0 
_reflns.d_resolution_low             25.45 
_reflns.d_resolution_high            1.54 
_reflns.number_obs                   12978 
_reflns.number_all                   12978 
_reflns.percent_possible_obs         98.7 
_reflns.pdbx_Rmerge_I_obs            0.076 
_reflns.pdbx_Rsym_value              ? 
_reflns.pdbx_netI_over_sigmaI        7.2 
_reflns.B_iso_Wilson_estimate        17.9 
_reflns.pdbx_redundancy              3.0 
_reflns.R_free_details               ? 
_reflns.limit_h_max                  ? 
_reflns.limit_h_min                  ? 
_reflns.limit_k_max                  ? 
_reflns.limit_k_min                  ? 
_reflns.limit_l_max                  ? 
_reflns.limit_l_min                  ? 
_reflns.observed_criterion_F_max     ? 
_reflns.observed_criterion_F_min     ? 
_reflns.pdbx_chi_squared             ? 
_reflns.pdbx_scaling_rejects         ? 
_reflns.pdbx_ordinal                 1 
_reflns.pdbx_diffrn_id               1 
# 
_reflns_shell.d_res_high             1.54 
_reflns_shell.d_res_low              1.63 
_reflns_shell.percent_possible_all   95.9 
_reflns_shell.Rmerge_I_obs           0.326 
_reflns_shell.pdbx_Rsym_value        ? 
_reflns_shell.meanI_over_sigI_obs    2.1 
_reflns_shell.pdbx_redundancy        2.9 
_reflns_shell.percent_possible_obs   ? 
_reflns_shell.number_unique_all      1837 
_reflns_shell.number_measured_all    ? 
_reflns_shell.number_measured_obs    ? 
_reflns_shell.number_unique_obs      ? 
_reflns_shell.pdbx_chi_squared       ? 
_reflns_shell.pdbx_ordinal           1 
_reflns_shell.pdbx_diffrn_id         1 
# 
_refine.entry_id                                 4OO5 
_refine.ls_number_reflns_obs                     12317 
_refine.ls_number_reflns_all                     12317 
_refine.pdbx_ls_sigma_I                          0 
_refine.pdbx_ls_sigma_F                          0 
_refine.pdbx_data_cutoff_high_absF               ? 
_refine.pdbx_data_cutoff_low_absF                ? 
_refine.pdbx_data_cutoff_high_rms_absF           ? 
_refine.ls_d_res_low                             25.45 
_refine.ls_d_res_high                            1.54 
_refine.ls_percent_reflns_obs                    98.20 
_refine.ls_R_factor_obs                          0.19396 
_refine.ls_R_factor_all                          ? 
_refine.ls_R_factor_R_work                       0.19131 
_refine.ls_R_factor_R_free                       0.24836 
_refine.ls_R_factor_R_free_error                 ? 
_refine.ls_R_factor_R_free_error_details         ? 
_refine.ls_percent_reflns_R_free                 4.9 
_refine.ls_number_reflns_R_free                  632 
_refine.ls_number_parameters                     ? 
_refine.ls_number_restraints                     ? 
_refine.occupancy_min                            ? 
_refine.occupancy_max                            ? 
_refine.correlation_coeff_Fo_to_Fc               0.962 
_refine.correlation_coeff_Fo_to_Fc_free          0.930 
_refine.B_iso_mean                               29.765 
_refine.aniso_B[1][1]                            0.06 
_refine.aniso_B[2][2]                            1.63 
_refine.aniso_B[3][3]                            -1.64 
_refine.aniso_B[1][2]                            0.00 
_refine.aniso_B[1][3]                            -0.17 
_refine.aniso_B[2][3]                            0.00 
_refine.solvent_model_details                    'BABINET MODEL WITH MASK' 
_refine.solvent_model_param_ksol                 ? 
_refine.solvent_model_param_bsol                 ? 
_refine.pdbx_solvent_vdw_probe_radii             1.20 
_refine.pdbx_solvent_ion_probe_radii             0.80 
_refine.pdbx_solvent_shrinkage_radii             0.80 
_refine.pdbx_ls_cross_valid_method               THROUGHOUT 
_refine.details                                  'HYDROGENS HAVE BEEN ADDED IN THE RIDING POSITIONS' 
_refine.pdbx_starting_model                      'PDB ENTRY 1ERT' 
_refine.pdbx_method_to_determine_struct          'MOLECULAR REPLACEMENT' 
_refine.pdbx_isotropic_thermal_model             Isotropic 
_refine.pdbx_stereochemistry_target_values       'MAXIMUM LIKELIHOOD' 
_refine.pdbx_stereochem_target_val_spec_case     ? 
_refine.pdbx_R_Free_selection_details            RANDOM 
_refine.pdbx_overall_ESU_R                       0.107 
_refine.pdbx_overall_ESU_R_Free                  0.114 
_refine.overall_SU_ML                            0.101 
_refine.pdbx_overall_phase_error                 ? 
_refine.overall_SU_B                             2.969 
_refine.overall_SU_R_Cruickshank_DPI             ? 
_refine.ls_redundancy_reflns_obs                 ? 
_refine.B_iso_min                                ? 
_refine.B_iso_max                                ? 
_refine.overall_SU_R_free                        ? 
_refine.ls_wR_factor_R_free                      ? 
_refine.ls_wR_factor_R_work                      ? 
_refine.overall_FOM_free_R_set                   ? 
_refine.overall_FOM_work_R_set                   ? 
_refine.pdbx_diffrn_id                           1 
_refine.pdbx_refine_id                           'X-RAY DIFFRACTION' 
_refine.pdbx_TLS_residual_ADP_flag               ? 
_refine.pdbx_overall_SU_R_free_Cruickshank_DPI   ? 
_refine.pdbx_overall_SU_R_Blow_DPI               ? 
_refine.pdbx_overall_SU_R_free_Blow_DPI          ? 
# 
_refine_analyze.entry_id                        4OO5 
_refine_analyze.Luzzati_coordinate_error_obs    0.209 
_refine_analyze.Luzzati_sigma_a_obs             ? 
_refine_analyze.Luzzati_d_res_low_obs           ? 
_refine_analyze.Luzzati_coordinate_error_free   ? 
_refine_analyze.Luzzati_sigma_a_free            ? 
_refine_analyze.Luzzati_d_res_low_free          ? 
_refine_analyze.number_disordered_residues      ? 
_refine_analyze.occupancy_sum_hydrogen          ? 
_refine_analyze.occupancy_sum_non_hydrogen      ? 
_refine_analyze.pdbx_Luzzati_d_res_high_obs     ? 
_refine_analyze.pdbx_refine_id                  'X-RAY DIFFRACTION' 
# 
_refine_hist.pdbx_refine_id                   'X-RAY DIFFRACTION' 
_refine_hist.cycle_id                         LAST 
_refine_hist.pdbx_number_atoms_protein        823 
_refine_hist.pdbx_number_atoms_nucleic_acid   0 
_refine_hist.pdbx_number_atoms_ligand         0 
_refine_hist.number_atoms_solvent             101 
_refine_hist.number_atoms_total               924 
_refine_hist.d_res_high                       1.54 
_refine_hist.d_res_low                        25.45 
# 
loop_
_refine_ls_restr.type 
_refine_ls_restr.dev_ideal 
_refine_ls_restr.dev_ideal_target 
_refine_ls_restr.weight 
_refine_ls_restr.number 
_refine_ls_restr.pdbx_restraint_function 
_refine_ls_restr.pdbx_refine_id 
r_bond_refined_d       0.021  0.019  ? 963  ? 'X-RAY DIFFRACTION' 
r_bond_other_d         0.001  0.020  ? 902  ? 'X-RAY DIFFRACTION' 
r_angle_refined_deg    2.025  1.968  ? 1313 ? 'X-RAY DIFFRACTION' 
r_angle_other_deg      0.936  3.000  ? 2122 ? 'X-RAY DIFFRACTION' 
r_dihedral_angle_1_deg 6.378  5.000  ? 132  ? 'X-RAY DIFFRACTION' 
r_dihedral_angle_2_deg 35.640 26.786 ? 42   ? 'X-RAY DIFFRACTION' 
r_dihedral_angle_3_deg 16.367 15.000 ? 189  ? 'X-RAY DIFFRACTION' 
r_chiral_restr         0.129  0.200  ? 139  ? 'X-RAY DIFFRACTION' 
r_gen_planes_refined   0.009  0.020  ? 1155 ? 'X-RAY DIFFRACTION' 
r_gen_planes_other     0.003  0.020  ? 203  ? 'X-RAY DIFFRACTION' 
r_mcbond_it            2.470  2.711  ? 489  ? 'X-RAY DIFFRACTION' 
r_mcbond_other         2.465  2.709  ? 488  ? 'X-RAY DIFFRACTION' 
r_mcangle_it           3.371  4.054  ? 634  ? 'X-RAY DIFFRACTION' 
r_mcangle_other        3.368  4.056  ? 635  ? 'X-RAY DIFFRACTION' 
r_scbond_it            3.879  3.028  ? 472  ? 'X-RAY DIFFRACTION' 
r_scbond_other         3.877  3.029  ? 472  ? 'X-RAY DIFFRACTION' 
r_scangle_other        5.743  4.404  ? 678  ? 'X-RAY DIFFRACTION' 
r_long_range_B_refined 7.366  22.848 ? 1162 ? 'X-RAY DIFFRACTION' 
r_long_range_B_other   7.308  22.386 ? 1128 ? 'X-RAY DIFFRACTION' 
# 
_refine_ls_shell.pdbx_total_number_of_bins_used   20 
_refine_ls_shell.d_res_high                       1.544 
_refine_ls_shell.d_res_low                        1.584 
_refine_ls_shell.number_reflns_R_work             816 
_refine_ls_shell.R_factor_R_work                  0.302 
_refine_ls_shell.percent_reflns_obs               90.04 
_refine_ls_shell.R_factor_R_free                  0.387 
_refine_ls_shell.R_factor_R_free_error            ? 
_refine_ls_shell.percent_reflns_R_free            ? 
_refine_ls_shell.number_reflns_R_free             43 
_refine_ls_shell.number_reflns_all                ? 
_refine_ls_shell.R_factor_all                     ? 
_refine_ls_shell.number_reflns_obs                816 
_refine_ls_shell.redundancy_reflns_obs            ? 
_refine_ls_shell.pdbx_refine_id                   'X-RAY DIFFRACTION' 
# 
_struct.entry_id                  4OO5 
_struct.title                     'Crystal Structure of S-nitrosated Human Thioredoxin Mutant' 
_struct.pdbx_model_details        ? 
_struct.pdbx_CASP_flag            ? 
_struct.pdbx_model_type_details   ? 
# 
_struct_keywords.entry_id        4OO5 
_struct_keywords.pdbx_keywords   OXIDOREDUCTASE 
_struct_keywords.text            'S-nitrosation, S-nitrosocysteine, OXIDOREDUCTASE' 
# 
loop_
_struct_asym.id 
_struct_asym.pdbx_blank_PDB_chainid_flag 
_struct_asym.pdbx_modified 
_struct_asym.entity_id 
_struct_asym.details 
A N N 1 ? 
B N N 2 ? 
# 
_struct_ref.id                         1 
_struct_ref.db_name                    UNP 
_struct_ref.db_code                    THIO_HUMAN 
_struct_ref.pdbx_db_accession          P10599 
_struct_ref.entity_id                  1 
_struct_ref.pdbx_seq_one_letter_code   
;MVKQIESKTAFQEALDAAGDKLVVVDFSATWCGPCKMIKPFFHSLSEKYSNVIFLEVDVDDCQDVASECEVKCMPTFQFF
KKGQKVGEFSGANKEKLEATINELV
;
_struct_ref.pdbx_align_begin           1 
_struct_ref.pdbx_db_isoform            ? 
# 
_struct_ref_seq.align_id                      1 
_struct_ref_seq.ref_id                        1 
_struct_ref_seq.pdbx_PDB_id_code              4OO5 
_struct_ref_seq.pdbx_strand_id                A 
_struct_ref_seq.seq_align_beg                 1 
_struct_ref_seq.pdbx_seq_align_beg_ins_code   ? 
_struct_ref_seq.seq_align_end                 105 
_struct_ref_seq.pdbx_seq_align_end_ins_code   ? 
_struct_ref_seq.pdbx_db_accession             P10599 
_struct_ref_seq.db_align_beg                  1 
_struct_ref_seq.pdbx_db_align_beg_ins_code    ? 
_struct_ref_seq.db_align_end                  105 
_struct_ref_seq.pdbx_db_align_end_ins_code    ? 
_struct_ref_seq.pdbx_auth_seq_align_beg       1 
_struct_ref_seq.pdbx_auth_seq_align_end       105 
# 
loop_
_struct_ref_seq_dif.align_id 
_struct_ref_seq_dif.pdbx_pdb_id_code 
_struct_ref_seq_dif.mon_id 
_struct_ref_seq_dif.pdbx_pdb_strand_id 
_struct_ref_seq_dif.seq_num 
_struct_ref_seq_dif.pdbx_pdb_ins_code 
_struct_ref_seq_dif.pdbx_seq_db_name 
_struct_ref_seq_dif.pdbx_seq_db_accession_code 
_struct_ref_seq_dif.db_mon_id 
_struct_ref_seq_dif.pdbx_seq_db_seq_num 
_struct_ref_seq_dif.details 
_struct_ref_seq_dif.pdbx_auth_seq_num 
_struct_ref_seq_dif.pdbx_ordinal 
1 4OO5 SER A 69 ? UNP P10599 CYS 69 'engineered mutation' 69 1 
1 4OO5 SER A 73 ? UNP P10599 CYS 73 'engineered mutation' 73 2 
# 
_pdbx_struct_assembly.id                   1 
_pdbx_struct_assembly.details              author_and_software_defined_assembly 
_pdbx_struct_assembly.method_details       PISA 
_pdbx_struct_assembly.oligomeric_details   monomeric 
_pdbx_struct_assembly.oligomeric_count     1 
# 
_pdbx_struct_assembly_gen.assembly_id       1 
_pdbx_struct_assembly_gen.oper_expression   1 
_pdbx_struct_assembly_gen.asym_id_list      A,B 
# 
_pdbx_struct_oper_list.id                   1 
_pdbx_struct_oper_list.type                 'identity operation' 
_pdbx_struct_oper_list.name                 1_555 
_pdbx_struct_oper_list.symmetry_operation   x,y,z 
_pdbx_struct_oper_list.matrix[1][1]         1.0000000000 
_pdbx_struct_oper_list.matrix[1][2]         0.0000000000 
_pdbx_struct_oper_list.matrix[1][3]         0.0000000000 
_pdbx_struct_oper_list.vector[1]            0.0000000000 
_pdbx_struct_oper_list.matrix[2][1]         0.0000000000 
_pdbx_struct_oper_list.matrix[2][2]         1.0000000000 
_pdbx_struct_oper_list.matrix[2][3]         0.0000000000 
_pdbx_struct_oper_list.vector[2]            0.0000000000 
_pdbx_struct_oper_list.matrix[3][1]         0.0000000000 
_pdbx_struct_oper_list.matrix[3][2]         0.0000000000 
_pdbx_struct_oper_list.matrix[3][3]         1.0000000000 
_pdbx_struct_oper_list.vector[3]            0.0000000000 
# 
_struct_biol.id        1 
_struct_biol.details   ? 
# 
loop_
_struct_conf.conf_type_id 
_struct_conf.id 
_struct_conf.pdbx_PDB_helix_id 
_struct_conf.beg_label_comp_id 
_struct_conf.beg_label_asym_id 
_struct_conf.beg_label_seq_id 
_struct_conf.pdbx_beg_PDB_ins_code 
_struct_conf.end_label_comp_id 
_struct_conf.end_label_asym_id 
_struct_conf.end_label_seq_id 
_struct_conf.pdbx_end_PDB_ins_code 
_struct_conf.beg_auth_comp_id 
_struct_conf.beg_auth_asym_id 
_struct_conf.beg_auth_seq_id 
_struct_conf.end_auth_comp_id 
_struct_conf.end_auth_asym_id 
_struct_conf.end_auth_seq_id 
_struct_conf.pdbx_PDB_helix_class 
_struct_conf.details 
_struct_conf.pdbx_PDB_helix_length 
HELX_P HELX_P1 1 SER A 7  ? ALA A 18  ? SER A 7  ALA A 18  1 ? 12 
HELX_P HELX_P2 2 CYS A 32 ? TYR A 49  ? CYS A 32 TYR A 49  1 ? 18 
HELX_P HELX_P3 3 SNC A 62 ? SER A 69  ? SNC A 62 SER A 69  1 ? 8  
HELX_P HELX_P4 4 ASN A 93 ? VAL A 105 ? ASN A 93 VAL A 105 1 ? 13 
# 
_struct_conf_type.id          HELX_P 
_struct_conf_type.criteria    ? 
_struct_conf_type.reference   ? 
# 
loop_
_struct_conn.id 
_struct_conn.conn_type_id 
_struct_conn.pdbx_leaving_atom_flag 
_struct_conn.pdbx_PDB_id 
_struct_conn.ptnr1_label_asym_id 
_struct_conn.ptnr1_label_comp_id 
_struct_conn.ptnr1_label_seq_id 
_struct_conn.ptnr1_label_atom_id 
_struct_conn.pdbx_ptnr1_label_alt_id 
_struct_conn.pdbx_ptnr1_PDB_ins_code 
_struct_conn.pdbx_ptnr1_standard_comp_id 
_struct_conn.ptnr1_symmetry 
_struct_conn.ptnr2_label_asym_id 
_struct_conn.ptnr2_label_comp_id 
_struct_conn.ptnr2_label_seq_id 
_struct_conn.ptnr2_label_atom_id 
_struct_conn.pdbx_ptnr2_label_alt_id 
_struct_conn.pdbx_ptnr2_PDB_ins_code 
_struct_conn.ptnr1_auth_asym_id 
_struct_conn.ptnr1_auth_comp_id 
_struct_conn.ptnr1_auth_seq_id 
_struct_conn.ptnr2_auth_asym_id 
_struct_conn.ptnr2_auth_comp_id 
_struct_conn.ptnr2_auth_seq_id 
_struct_conn.ptnr2_symmetry 
_struct_conn.pdbx_ptnr3_label_atom_id 
_struct_conn.pdbx_ptnr3_label_seq_id 
_struct_conn.pdbx_ptnr3_label_comp_id 
_struct_conn.pdbx_ptnr3_label_asym_id 
_struct_conn.pdbx_ptnr3_label_alt_id 
_struct_conn.pdbx_ptnr3_PDB_ins_code 
_struct_conn.details 
_struct_conn.pdbx_dist_value 
_struct_conn.pdbx_value_order 
_struct_conn.pdbx_role 
disulf1 disulf ?    ? A CYS 32 SG ? ? ? 1_555 A CYS 35 SG ? ? A CYS 32 A CYS 35 1_555 ? ? ? ? ? ? ? 2.099 ? ? 
covale1 covale both ? A ASP 61 C  ? ? ? 1_555 A SNC 62 N  ? ? A ASP 61 A SNC 62 1_555 ? ? ? ? ? ? ? 1.333 ? ? 
covale2 covale both ? A SNC 62 C  ? ? ? 1_555 A GLN 63 N  ? ? A SNC 62 A GLN 63 1_555 ? ? ? ? ? ? ? 1.324 ? ? 
# 
loop_
_struct_conn_type.id 
_struct_conn_type.criteria 
_struct_conn_type.reference 
disulf ? ? 
covale ? ? 
# 
loop_
_pdbx_modification_feature.ordinal 
_pdbx_modification_feature.label_comp_id 
_pdbx_modification_feature.label_asym_id 
_pdbx_modification_feature.label_seq_id 
_pdbx_modification_feature.label_alt_id 
_pdbx_modification_feature.modified_residue_label_comp_id 
_pdbx_modification_feature.modified_residue_label_asym_id 
_pdbx_modification_feature.modified_residue_label_seq_id 
_pdbx_modification_feature.modified_residue_label_alt_id 
_pdbx_modification_feature.auth_comp_id 
_pdbx_modification_feature.auth_asym_id 
_pdbx_modification_feature.auth_seq_id 
_pdbx_modification_feature.PDB_ins_code 
_pdbx_modification_feature.symmetry 
_pdbx_modification_feature.modified_residue_auth_comp_id 
_pdbx_modification_feature.modified_residue_auth_asym_id 
_pdbx_modification_feature.modified_residue_auth_seq_id 
_pdbx_modification_feature.modified_residue_PDB_ins_code 
_pdbx_modification_feature.modified_residue_symmetry 
_pdbx_modification_feature.comp_id_linking_atom 
_pdbx_modification_feature.modified_residue_id_linking_atom 
_pdbx_modification_feature.modified_residue_id 
_pdbx_modification_feature.ref_pcm_id 
_pdbx_modification_feature.ref_comp_id 
_pdbx_modification_feature.type 
_pdbx_modification_feature.category 
1 SNC A 62 ? .   . .  . SNC A 62 ? 1_555 .   . .  . .     .  .  CYS 1 SNC Nitrosylation 'Named protein modification' 
2 CYS A 32 ? CYS A 35 ? CYS A 32 ? 1_555 CYS A 35 ? 1_555 SG SG .   . .   None          'Disulfide bridge'           
# 
_struct_mon_prot_cis.pdbx_id                1 
_struct_mon_prot_cis.label_comp_id          MET 
_struct_mon_prot_cis.label_seq_id           74 
_struct_mon_prot_cis.label_asym_id          A 
_struct_mon_prot_cis.label_alt_id           . 
_struct_mon_prot_cis.pdbx_PDB_ins_code      ? 
_struct_mon_prot_cis.auth_comp_id           MET 
_struct_mon_prot_cis.auth_seq_id            74 
_struct_mon_prot_cis.auth_asym_id           A 
_struct_mon_prot_cis.pdbx_label_comp_id_2   PRO 
_struct_mon_prot_cis.pdbx_label_seq_id_2    75 
_struct_mon_prot_cis.pdbx_label_asym_id_2   A 
_struct_mon_prot_cis.pdbx_PDB_ins_code_2    ? 
_struct_mon_prot_cis.pdbx_auth_comp_id_2    PRO 
_struct_mon_prot_cis.pdbx_auth_seq_id_2     75 
_struct_mon_prot_cis.pdbx_auth_asym_id_2    A 
_struct_mon_prot_cis.pdbx_PDB_model_num     1 
_struct_mon_prot_cis.pdbx_omega_angle       -12.97 
# 
_struct_sheet.id               A 
_struct_sheet.type             ? 
_struct_sheet.number_strands   5 
_struct_sheet.details          ? 
# 
loop_
_struct_sheet_order.sheet_id 
_struct_sheet_order.range_id_1 
_struct_sheet_order.range_id_2 
_struct_sheet_order.offset 
_struct_sheet_order.sense 
A 1 2 ? parallel      
A 2 3 ? parallel      
A 3 4 ? anti-parallel 
A 4 5 ? anti-parallel 
# 
loop_
_struct_sheet_range.sheet_id 
_struct_sheet_range.id 
_struct_sheet_range.beg_label_comp_id 
_struct_sheet_range.beg_label_asym_id 
_struct_sheet_range.beg_label_seq_id 
_struct_sheet_range.pdbx_beg_PDB_ins_code 
_struct_sheet_range.end_label_comp_id 
_struct_sheet_range.end_label_asym_id 
_struct_sheet_range.end_label_seq_id 
_struct_sheet_range.pdbx_end_PDB_ins_code 
_struct_sheet_range.beg_auth_comp_id 
_struct_sheet_range.beg_auth_asym_id 
_struct_sheet_range.beg_auth_seq_id 
_struct_sheet_range.end_auth_comp_id 
_struct_sheet_range.end_auth_asym_id 
_struct_sheet_range.end_auth_seq_id 
A 1 VAL A 2  ? ILE A 5  ? VAL A 2  ILE A 5  
A 2 ILE A 53 ? ASP A 58 ? ILE A 53 ASP A 58 
A 3 VAL A 23 ? SER A 28 ? VAL A 23 SER A 28 
A 4 THR A 76 ? LYS A 81 ? THR A 76 LYS A 81 
A 5 GLN A 84 ? SER A 90 ? GLN A 84 SER A 90 
# 
loop_
_pdbx_struct_sheet_hbond.sheet_id 
_pdbx_struct_sheet_hbond.range_id_1 
_pdbx_struct_sheet_hbond.range_id_2 
_pdbx_struct_sheet_hbond.range_1_label_atom_id 
_pdbx_struct_sheet_hbond.range_1_label_comp_id 
_pdbx_struct_sheet_hbond.range_1_label_asym_id 
_pdbx_struct_sheet_hbond.range_1_label_seq_id 
_pdbx_struct_sheet_hbond.range_1_PDB_ins_code 
_pdbx_struct_sheet_hbond.range_1_auth_atom_id 
_pdbx_struct_sheet_hbond.range_1_auth_comp_id 
_pdbx_struct_sheet_hbond.range_1_auth_asym_id 
_pdbx_struct_sheet_hbond.range_1_auth_seq_id 
_pdbx_struct_sheet_hbond.range_2_label_atom_id 
_pdbx_struct_sheet_hbond.range_2_label_comp_id 
_pdbx_struct_sheet_hbond.range_2_label_asym_id 
_pdbx_struct_sheet_hbond.range_2_label_seq_id 
_pdbx_struct_sheet_hbond.range_2_PDB_ins_code 
_pdbx_struct_sheet_hbond.range_2_auth_atom_id 
_pdbx_struct_sheet_hbond.range_2_auth_comp_id 
_pdbx_struct_sheet_hbond.range_2_auth_asym_id 
_pdbx_struct_sheet_hbond.range_2_auth_seq_id 
A 1 2 N LYS A 3  ? N LYS A 3  O PHE A 54 ? O PHE A 54 
A 2 3 O ILE A 53 ? O ILE A 53 N VAL A 24 ? N VAL A 24 
A 3 4 N VAL A 25 ? N VAL A 25 O GLN A 78 ? O GLN A 78 
A 4 5 N PHE A 77 ? N PHE A 77 O PHE A 89 ? O PHE A 89 
# 
_pdbx_entry_details.entry_id                   4OO5 
_pdbx_entry_details.compound_details           ? 
_pdbx_entry_details.source_details             ? 
_pdbx_entry_details.nonpolymer_details         ? 
_pdbx_entry_details.sequence_details           ? 
_pdbx_entry_details.has_ligand_of_interest     ? 
_pdbx_entry_details.has_protein_modification   Y 
# 
loop_
_pdbx_validate_rmsd_angle.id 
_pdbx_validate_rmsd_angle.PDB_model_num 
_pdbx_validate_rmsd_angle.auth_atom_id_1 
_pdbx_validate_rmsd_angle.auth_asym_id_1 
_pdbx_validate_rmsd_angle.auth_comp_id_1 
_pdbx_validate_rmsd_angle.auth_seq_id_1 
_pdbx_validate_rmsd_angle.PDB_ins_code_1 
_pdbx_validate_rmsd_angle.label_alt_id_1 
_pdbx_validate_rmsd_angle.auth_atom_id_2 
_pdbx_validate_rmsd_angle.auth_asym_id_2 
_pdbx_validate_rmsd_angle.auth_comp_id_2 
_pdbx_validate_rmsd_angle.auth_seq_id_2 
_pdbx_validate_rmsd_angle.PDB_ins_code_2 
_pdbx_validate_rmsd_angle.label_alt_id_2 
_pdbx_validate_rmsd_angle.auth_atom_id_3 
_pdbx_validate_rmsd_angle.auth_asym_id_3 
_pdbx_validate_rmsd_angle.auth_comp_id_3 
_pdbx_validate_rmsd_angle.auth_seq_id_3 
_pdbx_validate_rmsd_angle.PDB_ins_code_3 
_pdbx_validate_rmsd_angle.label_alt_id_3 
_pdbx_validate_rmsd_angle.angle_value 
_pdbx_validate_rmsd_angle.angle_target_value 
_pdbx_validate_rmsd_angle.angle_deviation 
_pdbx_validate_rmsd_angle.angle_standard_deviation 
_pdbx_validate_rmsd_angle.linker_flag 
1 1 C  A GLY 33 ? ? N  A PRO 34 ? ? CA  A PRO 34 ? ? 128.45 119.30 9.15  1.50 Y 
2 1 CB A ASP 61 ? ? CG A ASP 61 ? ? OD2 A ASP 61 ? ? 112.48 118.30 -5.82 0.90 N 
3 1 CB A ASP 64 ? ? CG A ASP 64 ? ? OD1 A ASP 64 ? ? 125.31 118.30 7.01  0.90 N 
4 1 CB A ASP 64 ? ? CG A ASP 64 ? ? OD2 A ASP 64 ? ? 111.31 118.30 -6.99 0.90 N 
# 
_pdbx_validate_torsion.id              1 
_pdbx_validate_torsion.PDB_model_num   1 
_pdbx_validate_torsion.auth_comp_id    LYS 
_pdbx_validate_torsion.auth_asym_id    A 
_pdbx_validate_torsion.auth_seq_id     72 
_pdbx_validate_torsion.PDB_ins_code    ? 
_pdbx_validate_torsion.label_alt_id    ? 
_pdbx_validate_torsion.phi             -124.18 
_pdbx_validate_torsion.psi             -54.73 
# 
_pdbx_struct_mod_residue.id               1 
_pdbx_struct_mod_residue.label_asym_id    A 
_pdbx_struct_mod_residue.label_comp_id    SNC 
_pdbx_struct_mod_residue.label_seq_id     62 
_pdbx_struct_mod_residue.auth_asym_id     A 
_pdbx_struct_mod_residue.auth_comp_id     SNC 
_pdbx_struct_mod_residue.auth_seq_id      62 
_pdbx_struct_mod_residue.PDB_ins_code     ? 
_pdbx_struct_mod_residue.parent_comp_id   CYS 
_pdbx_struct_mod_residue.details          S-NITROSO-CYSTEINE 
# 
loop_
_pdbx_struct_special_symmetry.id 
_pdbx_struct_special_symmetry.PDB_model_num 
_pdbx_struct_special_symmetry.auth_asym_id 
_pdbx_struct_special_symmetry.auth_comp_id 
_pdbx_struct_special_symmetry.auth_seq_id 
_pdbx_struct_special_symmetry.PDB_ins_code 
_pdbx_struct_special_symmetry.label_asym_id 
_pdbx_struct_special_symmetry.label_comp_id 
_pdbx_struct_special_symmetry.label_seq_id 
1 1 A HOH 208 ? B HOH . 
2 1 A HOH 274 ? B HOH . 
# 
loop_
_chem_comp_atom.comp_id 
_chem_comp_atom.atom_id 
_chem_comp_atom.type_symbol 
_chem_comp_atom.pdbx_aromatic_flag 
_chem_comp_atom.pdbx_stereo_config 
_chem_comp_atom.pdbx_ordinal 
ALA N    N N N 1   
ALA CA   C N S 2   
ALA C    C N N 3   
ALA O    O N N 4   
ALA CB   C N N 5   
ALA OXT  O N N 6   
ALA H    H N N 7   
ALA H2   H N N 8   
ALA HA   H N N 9   
ALA HB1  H N N 10  
ALA HB2  H N N 11  
ALA HB3  H N N 12  
ALA HXT  H N N 13  
ASN N    N N N 14  
ASN CA   C N S 15  
ASN C    C N N 16  
ASN O    O N N 17  
ASN CB   C N N 18  
ASN CG   C N N 19  
ASN OD1  O N N 20  
ASN ND2  N N N 21  
ASN OXT  O N N 22  
ASN H    H N N 23  
ASN H2   H N N 24  
ASN HA   H N N 25  
ASN HB2  H N N 26  
ASN HB3  H N N 27  
ASN HD21 H N N 28  
ASN HD22 H N N 29  
ASN HXT  H N N 30  
ASP N    N N N 31  
ASP CA   C N S 32  
ASP C    C N N 33  
ASP O    O N N 34  
ASP CB   C N N 35  
ASP CG   C N N 36  
ASP OD1  O N N 37  
ASP OD2  O N N 38  
ASP OXT  O N N 39  
ASP H    H N N 40  
ASP H2   H N N 41  
ASP HA   H N N 42  
ASP HB2  H N N 43  
ASP HB3  H N N 44  
ASP HD2  H N N 45  
ASP HXT  H N N 46  
CYS N    N N N 47  
CYS CA   C N R 48  
CYS C    C N N 49  
CYS O    O N N 50  
CYS CB   C N N 51  
CYS SG   S N N 52  
CYS OXT  O N N 53  
CYS H    H N N 54  
CYS H2   H N N 55  
CYS HA   H N N 56  
CYS HB2  H N N 57  
CYS HB3  H N N 58  
CYS HG   H N N 59  
CYS HXT  H N N 60  
GLN N    N N N 61  
GLN CA   C N S 62  
GLN C    C N N 63  
GLN O    O N N 64  
GLN CB   C N N 65  
GLN CG   C N N 66  
GLN CD   C N N 67  
GLN OE1  O N N 68  
GLN NE2  N N N 69  
GLN OXT  O N N 70  
GLN H    H N N 71  
GLN H2   H N N 72  
GLN HA   H N N 73  
GLN HB2  H N N 74  
GLN HB3  H N N 75  
GLN HG2  H N N 76  
GLN HG3  H N N 77  
GLN HE21 H N N 78  
GLN HE22 H N N 79  
GLN HXT  H N N 80  
GLU N    N N N 81  
GLU CA   C N S 82  
GLU C    C N N 83  
GLU O    O N N 84  
GLU CB   C N N 85  
GLU CG   C N N 86  
GLU CD   C N N 87  
GLU OE1  O N N 88  
GLU OE2  O N N 89  
GLU OXT  O N N 90  
GLU H    H N N 91  
GLU H2   H N N 92  
GLU HA   H N N 93  
GLU HB2  H N N 94  
GLU HB3  H N N 95  
GLU HG2  H N N 96  
GLU HG3  H N N 97  
GLU HE2  H N N 98  
GLU HXT  H N N 99  
GLY N    N N N 100 
GLY CA   C N N 101 
GLY C    C N N 102 
GLY O    O N N 103 
GLY OXT  O N N 104 
GLY H    H N N 105 
GLY H2   H N N 106 
GLY HA2  H N N 107 
GLY HA3  H N N 108 
GLY HXT  H N N 109 
HIS N    N N N 110 
HIS CA   C N S 111 
HIS C    C N N 112 
HIS O    O N N 113 
HIS CB   C N N 114 
HIS CG   C Y N 115 
HIS ND1  N Y N 116 
HIS CD2  C Y N 117 
HIS CE1  C Y N 118 
HIS NE2  N Y N 119 
HIS OXT  O N N 120 
HIS H    H N N 121 
HIS H2   H N N 122 
HIS HA   H N N 123 
HIS HB2  H N N 124 
HIS HB3  H N N 125 
HIS HD1  H N N 126 
HIS HD2  H N N 127 
HIS HE1  H N N 128 
HIS HE2  H N N 129 
HIS HXT  H N N 130 
HOH O    O N N 131 
HOH H1   H N N 132 
HOH H2   H N N 133 
ILE N    N N N 134 
ILE CA   C N S 135 
ILE C    C N N 136 
ILE O    O N N 137 
ILE CB   C N S 138 
ILE CG1  C N N 139 
ILE CG2  C N N 140 
ILE CD1  C N N 141 
ILE OXT  O N N 142 
ILE H    H N N 143 
ILE H2   H N N 144 
ILE HA   H N N 145 
ILE HB   H N N 146 
ILE HG12 H N N 147 
ILE HG13 H N N 148 
ILE HG21 H N N 149 
ILE HG22 H N N 150 
ILE HG23 H N N 151 
ILE HD11 H N N 152 
ILE HD12 H N N 153 
ILE HD13 H N N 154 
ILE HXT  H N N 155 
LEU N    N N N 156 
LEU CA   C N S 157 
LEU C    C N N 158 
LEU O    O N N 159 
LEU CB   C N N 160 
LEU CG   C N N 161 
LEU CD1  C N N 162 
LEU CD2  C N N 163 
LEU OXT  O N N 164 
LEU H    H N N 165 
LEU H2   H N N 166 
LEU HA   H N N 167 
LEU HB2  H N N 168 
LEU HB3  H N N 169 
LEU HG   H N N 170 
LEU HD11 H N N 171 
LEU HD12 H N N 172 
LEU HD13 H N N 173 
LEU HD21 H N N 174 
LEU HD22 H N N 175 
LEU HD23 H N N 176 
LEU HXT  H N N 177 
LYS N    N N N 178 
LYS CA   C N S 179 
LYS C    C N N 180 
LYS O    O N N 181 
LYS CB   C N N 182 
LYS CG   C N N 183 
LYS CD   C N N 184 
LYS CE   C N N 185 
LYS NZ   N N N 186 
LYS OXT  O N N 187 
LYS H    H N N 188 
LYS H2   H N N 189 
LYS HA   H N N 190 
LYS HB2  H N N 191 
LYS HB3  H N N 192 
LYS HG2  H N N 193 
LYS HG3  H N N 194 
LYS HD2  H N N 195 
LYS HD3  H N N 196 
LYS HE2  H N N 197 
LYS HE3  H N N 198 
LYS HZ1  H N N 199 
LYS HZ2  H N N 200 
LYS HZ3  H N N 201 
LYS HXT  H N N 202 
MET N    N N N 203 
MET CA   C N S 204 
MET C    C N N 205 
MET O    O N N 206 
MET CB   C N N 207 
MET CG   C N N 208 
MET SD   S N N 209 
MET CE   C N N 210 
MET OXT  O N N 211 
MET H    H N N 212 
MET H2   H N N 213 
MET HA   H N N 214 
MET HB2  H N N 215 
MET HB3  H N N 216 
MET HG2  H N N 217 
MET HG3  H N N 218 
MET HE1  H N N 219 
MET HE2  H N N 220 
MET HE3  H N N 221 
MET HXT  H N N 222 
PHE N    N N N 223 
PHE CA   C N S 224 
PHE C    C N N 225 
PHE O    O N N 226 
PHE CB   C N N 227 
PHE CG   C Y N 228 
PHE CD1  C Y N 229 
PHE CD2  C Y N 230 
PHE CE1  C Y N 231 
PHE CE2  C Y N 232 
PHE CZ   C Y N 233 
PHE OXT  O N N 234 
PHE H    H N N 235 
PHE H2   H N N 236 
PHE HA   H N N 237 
PHE HB2  H N N 238 
PHE HB3  H N N 239 
PHE HD1  H N N 240 
PHE HD2  H N N 241 
PHE HE1  H N N 242 
PHE HE2  H N N 243 
PHE HZ   H N N 244 
PHE HXT  H N N 245 
PRO N    N N N 246 
PRO CA   C N S 247 
PRO C    C N N 248 
PRO O    O N N 249 
PRO CB   C N N 250 
PRO CG   C N N 251 
PRO CD   C N N 252 
PRO OXT  O N N 253 
PRO H    H N N 254 
PRO HA   H N N 255 
PRO HB2  H N N 256 
PRO HB3  H N N 257 
PRO HG2  H N N 258 
PRO HG3  H N N 259 
PRO HD2  H N N 260 
PRO HD3  H N N 261 
PRO HXT  H N N 262 
SER N    N N N 263 
SER CA   C N S 264 
SER C    C N N 265 
SER O    O N N 266 
SER CB   C N N 267 
SER OG   O N N 268 
SER OXT  O N N 269 
SER H    H N N 270 
SER H2   H N N 271 
SER HA   H N N 272 
SER HB2  H N N 273 
SER HB3  H N N 274 
SER HG   H N N 275 
SER HXT  H N N 276 
SNC N    N N N 277 
SNC CA   C N R 278 
SNC CB   C N N 279 
SNC SG   S N N 280 
SNC ND   N N N 281 
SNC OE   O N N 282 
SNC C    C N N 283 
SNC O    O N N 284 
SNC OXT  O N N 285 
SNC H    H N N 286 
SNC H2   H N N 287 
SNC HA   H N N 288 
SNC HB2  H N N 289 
SNC HB3  H N N 290 
SNC HXT  H N N 291 
THR N    N N N 292 
THR CA   C N S 293 
THR C    C N N 294 
THR O    O N N 295 
THR CB   C N R 296 
THR OG1  O N N 297 
THR CG2  C N N 298 
THR OXT  O N N 299 
THR H    H N N 300 
THR H2   H N N 301 
THR HA   H N N 302 
THR HB   H N N 303 
THR HG1  H N N 304 
THR HG21 H N N 305 
THR HG22 H N N 306 
THR HG23 H N N 307 
THR HXT  H N N 308 
TRP N    N N N 309 
TRP CA   C N S 310 
TRP C    C N N 311 
TRP O    O N N 312 
TRP CB   C N N 313 
TRP CG   C Y N 314 
TRP CD1  C Y N 315 
TRP CD2  C Y N 316 
TRP NE1  N Y N 317 
TRP CE2  C Y N 318 
TRP CE3  C Y N 319 
TRP CZ2  C Y N 320 
TRP CZ3  C Y N 321 
TRP CH2  C Y N 322 
TRP OXT  O N N 323 
TRP H    H N N 324 
TRP H2   H N N 325 
TRP HA   H N N 326 
TRP HB2  H N N 327 
TRP HB3  H N N 328 
TRP HD1  H N N 329 
TRP HE1  H N N 330 
TRP HE3  H N N 331 
TRP HZ2  H N N 332 
TRP HZ3  H N N 333 
TRP HH2  H N N 334 
TRP HXT  H N N 335 
TYR N    N N N 336 
TYR CA   C N S 337 
TYR C    C N N 338 
TYR O    O N N 339 
TYR CB   C N N 340 
TYR CG   C Y N 341 
TYR CD1  C Y N 342 
TYR CD2  C Y N 343 
TYR CE1  C Y N 344 
TYR CE2  C Y N 345 
TYR CZ   C Y N 346 
TYR OH   O N N 347 
TYR OXT  O N N 348 
TYR H    H N N 349 
TYR H2   H N N 350 
TYR HA   H N N 351 
TYR HB2  H N N 352 
TYR HB3  H N N 353 
TYR HD1  H N N 354 
TYR HD2  H N N 355 
TYR HE1  H N N 356 
TYR HE2  H N N 357 
TYR HH   H N N 358 
TYR HXT  H N N 359 
VAL N    N N N 360 
VAL CA   C N S 361 
VAL C    C N N 362 
VAL O    O N N 363 
VAL CB   C N N 364 
VAL CG1  C N N 365 
VAL CG2  C N N 366 
VAL OXT  O N N 367 
VAL H    H N N 368 
VAL H2   H N N 369 
VAL HA   H N N 370 
VAL HB   H N N 371 
VAL HG11 H N N 372 
VAL HG12 H N N 373 
VAL HG13 H N N 374 
VAL HG21 H N N 375 
VAL HG22 H N N 376 
VAL HG23 H N N 377 
VAL HXT  H N N 378 
# 
loop_
_chem_comp_bond.comp_id 
_chem_comp_bond.atom_id_1 
_chem_comp_bond.atom_id_2 
_chem_comp_bond.value_order 
_chem_comp_bond.pdbx_aromatic_flag 
_chem_comp_bond.pdbx_stereo_config 
_chem_comp_bond.pdbx_ordinal 
ALA N   CA   sing N N 1   
ALA N   H    sing N N 2   
ALA N   H2   sing N N 3   
ALA CA  C    sing N N 4   
ALA CA  CB   sing N N 5   
ALA CA  HA   sing N N 6   
ALA C   O    doub N N 7   
ALA C   OXT  sing N N 8   
ALA CB  HB1  sing N N 9   
ALA CB  HB2  sing N N 10  
ALA CB  HB3  sing N N 11  
ALA OXT HXT  sing N N 12  
ASN N   CA   sing N N 13  
ASN N   H    sing N N 14  
ASN N   H2   sing N N 15  
ASN CA  C    sing N N 16  
ASN CA  CB   sing N N 17  
ASN CA  HA   sing N N 18  
ASN C   O    doub N N 19  
ASN C   OXT  sing N N 20  
ASN CB  CG   sing N N 21  
ASN CB  HB2  sing N N 22  
ASN CB  HB3  sing N N 23  
ASN CG  OD1  doub N N 24  
ASN CG  ND2  sing N N 25  
ASN ND2 HD21 sing N N 26  
ASN ND2 HD22 sing N N 27  
ASN OXT HXT  sing N N 28  
ASP N   CA   sing N N 29  
ASP N   H    sing N N 30  
ASP N   H2   sing N N 31  
ASP CA  C    sing N N 32  
ASP CA  CB   sing N N 33  
ASP CA  HA   sing N N 34  
ASP C   O    doub N N 35  
ASP C   OXT  sing N N 36  
ASP CB  CG   sing N N 37  
ASP CB  HB2  sing N N 38  
ASP CB  HB3  sing N N 39  
ASP CG  OD1  doub N N 40  
ASP CG  OD2  sing N N 41  
ASP OD2 HD2  sing N N 42  
ASP OXT HXT  sing N N 43  
CYS N   CA   sing N N 44  
CYS N   H    sing N N 45  
CYS N   H2   sing N N 46  
CYS CA  C    sing N N 47  
CYS CA  CB   sing N N 48  
CYS CA  HA   sing N N 49  
CYS C   O    doub N N 50  
CYS C   OXT  sing N N 51  
CYS CB  SG   sing N N 52  
CYS CB  HB2  sing N N 53  
CYS CB  HB3  sing N N 54  
CYS SG  HG   sing N N 55  
CYS OXT HXT  sing N N 56  
GLN N   CA   sing N N 57  
GLN N   H    sing N N 58  
GLN N   H2   sing N N 59  
GLN CA  C    sing N N 60  
GLN CA  CB   sing N N 61  
GLN CA  HA   sing N N 62  
GLN C   O    doub N N 63  
GLN C   OXT  sing N N 64  
GLN CB  CG   sing N N 65  
GLN CB  HB2  sing N N 66  
GLN CB  HB3  sing N N 67  
GLN CG  CD   sing N N 68  
GLN CG  HG2  sing N N 69  
GLN CG  HG3  sing N N 70  
GLN CD  OE1  doub N N 71  
GLN CD  NE2  sing N N 72  
GLN NE2 HE21 sing N N 73  
GLN NE2 HE22 sing N N 74  
GLN OXT HXT  sing N N 75  
GLU N   CA   sing N N 76  
GLU N   H    sing N N 77  
GLU N   H2   sing N N 78  
GLU CA  C    sing N N 79  
GLU CA  CB   sing N N 80  
GLU CA  HA   sing N N 81  
GLU C   O    doub N N 82  
GLU C   OXT  sing N N 83  
GLU CB  CG   sing N N 84  
GLU CB  HB2  sing N N 85  
GLU CB  HB3  sing N N 86  
GLU CG  CD   sing N N 87  
GLU CG  HG2  sing N N 88  
GLU CG  HG3  sing N N 89  
GLU CD  OE1  doub N N 90  
GLU CD  OE2  sing N N 91  
GLU OE2 HE2  sing N N 92  
GLU OXT HXT  sing N N 93  
GLY N   CA   sing N N 94  
GLY N   H    sing N N 95  
GLY N   H2   sing N N 96  
GLY CA  C    sing N N 97  
GLY CA  HA2  sing N N 98  
GLY CA  HA3  sing N N 99  
GLY C   O    doub N N 100 
GLY C   OXT  sing N N 101 
GLY OXT HXT  sing N N 102 
HIS N   CA   sing N N 103 
HIS N   H    sing N N 104 
HIS N   H2   sing N N 105 
HIS CA  C    sing N N 106 
HIS CA  CB   sing N N 107 
HIS CA  HA   sing N N 108 
HIS C   O    doub N N 109 
HIS C   OXT  sing N N 110 
HIS CB  CG   sing N N 111 
HIS CB  HB2  sing N N 112 
HIS CB  HB3  sing N N 113 
HIS CG  ND1  sing Y N 114 
HIS CG  CD2  doub Y N 115 
HIS ND1 CE1  doub Y N 116 
HIS ND1 HD1  sing N N 117 
HIS CD2 NE2  sing Y N 118 
HIS CD2 HD2  sing N N 119 
HIS CE1 NE2  sing Y N 120 
HIS CE1 HE1  sing N N 121 
HIS NE2 HE2  sing N N 122 
HIS OXT HXT  sing N N 123 
HOH O   H1   sing N N 124 
HOH O   H2   sing N N 125 
ILE N   CA   sing N N 126 
ILE N   H    sing N N 127 
ILE N   H2   sing N N 128 
ILE CA  C    sing N N 129 
ILE CA  CB   sing N N 130 
ILE CA  HA   sing N N 131 
ILE C   O    doub N N 132 
ILE C   OXT  sing N N 133 
ILE CB  CG1  sing N N 134 
ILE CB  CG2  sing N N 135 
ILE CB  HB   sing N N 136 
ILE CG1 CD1  sing N N 137 
ILE CG1 HG12 sing N N 138 
ILE CG1 HG13 sing N N 139 
ILE CG2 HG21 sing N N 140 
ILE CG2 HG22 sing N N 141 
ILE CG2 HG23 sing N N 142 
ILE CD1 HD11 sing N N 143 
ILE CD1 HD12 sing N N 144 
ILE CD1 HD13 sing N N 145 
ILE OXT HXT  sing N N 146 
LEU N   CA   sing N N 147 
LEU N   H    sing N N 148 
LEU N   H2   sing N N 149 
LEU CA  C    sing N N 150 
LEU CA  CB   sing N N 151 
LEU CA  HA   sing N N 152 
LEU C   O    doub N N 153 
LEU C   OXT  sing N N 154 
LEU CB  CG   sing N N 155 
LEU CB  HB2  sing N N 156 
LEU CB  HB3  sing N N 157 
LEU CG  CD1  sing N N 158 
LEU CG  CD2  sing N N 159 
LEU CG  HG   sing N N 160 
LEU CD1 HD11 sing N N 161 
LEU CD1 HD12 sing N N 162 
LEU CD1 HD13 sing N N 163 
LEU CD2 HD21 sing N N 164 
LEU CD2 HD22 sing N N 165 
LEU CD2 HD23 sing N N 166 
LEU OXT HXT  sing N N 167 
LYS N   CA   sing N N 168 
LYS N   H    sing N N 169 
LYS N   H2   sing N N 170 
LYS CA  C    sing N N 171 
LYS CA  CB   sing N N 172 
LYS CA  HA   sing N N 173 
LYS C   O    doub N N 174 
LYS C   OXT  sing N N 175 
LYS CB  CG   sing N N 176 
LYS CB  HB2  sing N N 177 
LYS CB  HB3  sing N N 178 
LYS CG  CD   sing N N 179 
LYS CG  HG2  sing N N 180 
LYS CG  HG3  sing N N 181 
LYS CD  CE   sing N N 182 
LYS CD  HD2  sing N N 183 
LYS CD  HD3  sing N N 184 
LYS CE  NZ   sing N N 185 
LYS CE  HE2  sing N N 186 
LYS CE  HE3  sing N N 187 
LYS NZ  HZ1  sing N N 188 
LYS NZ  HZ2  sing N N 189 
LYS NZ  HZ3  sing N N 190 
LYS OXT HXT  sing N N 191 
MET N   CA   sing N N 192 
MET N   H    sing N N 193 
MET N   H2   sing N N 194 
MET CA  C    sing N N 195 
MET CA  CB   sing N N 196 
MET CA  HA   sing N N 197 
MET C   O    doub N N 198 
MET C   OXT  sing N N 199 
MET CB  CG   sing N N 200 
MET CB  HB2  sing N N 201 
MET CB  HB3  sing N N 202 
MET CG  SD   sing N N 203 
MET CG  HG2  sing N N 204 
MET CG  HG3  sing N N 205 
MET SD  CE   sing N N 206 
MET CE  HE1  sing N N 207 
MET CE  HE2  sing N N 208 
MET CE  HE3  sing N N 209 
MET OXT HXT  sing N N 210 
PHE N   CA   sing N N 211 
PHE N   H    sing N N 212 
PHE N   H2   sing N N 213 
PHE CA  C    sing N N 214 
PHE CA  CB   sing N N 215 
PHE CA  HA   sing N N 216 
PHE C   O    doub N N 217 
PHE C   OXT  sing N N 218 
PHE CB  CG   sing N N 219 
PHE CB  HB2  sing N N 220 
PHE CB  HB3  sing N N 221 
PHE CG  CD1  doub Y N 222 
PHE CG  CD2  sing Y N 223 
PHE CD1 CE1  sing Y N 224 
PHE CD1 HD1  sing N N 225 
PHE CD2 CE2  doub Y N 226 
PHE CD2 HD2  sing N N 227 
PHE CE1 CZ   doub Y N 228 
PHE CE1 HE1  sing N N 229 
PHE CE2 CZ   sing Y N 230 
PHE CE2 HE2  sing N N 231 
PHE CZ  HZ   sing N N 232 
PHE OXT HXT  sing N N 233 
PRO N   CA   sing N N 234 
PRO N   CD   sing N N 235 
PRO N   H    sing N N 236 
PRO CA  C    sing N N 237 
PRO CA  CB   sing N N 238 
PRO CA  HA   sing N N 239 
PRO C   O    doub N N 240 
PRO C   OXT  sing N N 241 
PRO CB  CG   sing N N 242 
PRO CB  HB2  sing N N 243 
PRO CB  HB3  sing N N 244 
PRO CG  CD   sing N N 245 
PRO CG  HG2  sing N N 246 
PRO CG  HG3  sing N N 247 
PRO CD  HD2  sing N N 248 
PRO CD  HD3  sing N N 249 
PRO OXT HXT  sing N N 250 
SER N   CA   sing N N 251 
SER N   H    sing N N 252 
SER N   H2   sing N N 253 
SER CA  C    sing N N 254 
SER CA  CB   sing N N 255 
SER CA  HA   sing N N 256 
SER C   O    doub N N 257 
SER C   OXT  sing N N 258 
SER CB  OG   sing N N 259 
SER CB  HB2  sing N N 260 
SER CB  HB3  sing N N 261 
SER OG  HG   sing N N 262 
SER OXT HXT  sing N N 263 
SNC N   CA   sing N N 264 
SNC N   H    sing N N 265 
SNC N   H2   sing N N 266 
SNC CA  CB   sing N N 267 
SNC CA  C    sing N N 268 
SNC CA  HA   sing N N 269 
SNC CB  SG   sing N N 270 
SNC CB  HB2  sing N N 271 
SNC CB  HB3  sing N N 272 
SNC SG  ND   sing N N 273 
SNC ND  OE   doub N N 274 
SNC C   O    doub N N 275 
SNC C   OXT  sing N N 276 
SNC OXT HXT  sing N N 277 
THR N   CA   sing N N 278 
THR N   H    sing N N 279 
THR N   H2   sing N N 280 
THR CA  C    sing N N 281 
THR CA  CB   sing N N 282 
THR CA  HA   sing N N 283 
THR C   O    doub N N 284 
THR C   OXT  sing N N 285 
THR CB  OG1  sing N N 286 
THR CB  CG2  sing N N 287 
THR CB  HB   sing N N 288 
THR OG1 HG1  sing N N 289 
THR CG2 HG21 sing N N 290 
THR CG2 HG22 sing N N 291 
THR CG2 HG23 sing N N 292 
THR OXT HXT  sing N N 293 
TRP N   CA   sing N N 294 
TRP N   H    sing N N 295 
TRP N   H2   sing N N 296 
TRP CA  C    sing N N 297 
TRP CA  CB   sing N N 298 
TRP CA  HA   sing N N 299 
TRP C   O    doub N N 300 
TRP C   OXT  sing N N 301 
TRP CB  CG   sing N N 302 
TRP CB  HB2  sing N N 303 
TRP CB  HB3  sing N N 304 
TRP CG  CD1  doub Y N 305 
TRP CG  CD2  sing Y N 306 
TRP CD1 NE1  sing Y N 307 
TRP CD1 HD1  sing N N 308 
TRP CD2 CE2  doub Y N 309 
TRP CD2 CE3  sing Y N 310 
TRP NE1 CE2  sing Y N 311 
TRP NE1 HE1  sing N N 312 
TRP CE2 CZ2  sing Y N 313 
TRP CE3 CZ3  doub Y N 314 
TRP CE3 HE3  sing N N 315 
TRP CZ2 CH2  doub Y N 316 
TRP CZ2 HZ2  sing N N 317 
TRP CZ3 CH2  sing Y N 318 
TRP CZ3 HZ3  sing N N 319 
TRP CH2 HH2  sing N N 320 
TRP OXT HXT  sing N N 321 
TYR N   CA   sing N N 322 
TYR N   H    sing N N 323 
TYR N   H2   sing N N 324 
TYR CA  C    sing N N 325 
TYR CA  CB   sing N N 326 
TYR CA  HA   sing N N 327 
TYR C   O    doub N N 328 
TYR C   OXT  sing N N 329 
TYR CB  CG   sing N N 330 
TYR CB  HB2  sing N N 331 
TYR CB  HB3  sing N N 332 
TYR CG  CD1  doub Y N 333 
TYR CG  CD2  sing Y N 334 
TYR CD1 CE1  sing Y N 335 
TYR CD1 HD1  sing N N 336 
TYR CD2 CE2  doub Y N 337 
TYR CD2 HD2  sing N N 338 
TYR CE1 CZ   doub Y N 339 
TYR CE1 HE1  sing N N 340 
TYR CE2 CZ   sing Y N 341 
TYR CE2 HE2  sing N N 342 
TYR CZ  OH   sing N N 343 
TYR OH  HH   sing N N 344 
TYR OXT HXT  sing N N 345 
VAL N   CA   sing N N 346 
VAL N   H    sing N N 347 
VAL N   H2   sing N N 348 
VAL CA  C    sing N N 349 
VAL CA  CB   sing N N 350 
VAL CA  HA   sing N N 351 
VAL C   O    doub N N 352 
VAL C   OXT  sing N N 353 
VAL CB  CG1  sing N N 354 
VAL CB  CG2  sing N N 355 
VAL CB  HB   sing N N 356 
VAL CG1 HG11 sing N N 357 
VAL CG1 HG12 sing N N 358 
VAL CG1 HG13 sing N N 359 
VAL CG2 HG21 sing N N 360 
VAL CG2 HG22 sing N N 361 
VAL CG2 HG23 sing N N 362 
VAL OXT HXT  sing N N 363 
# 
_pdbx_initial_refinement_model.id               1 
_pdbx_initial_refinement_model.entity_id_list   ? 
_pdbx_initial_refinement_model.type             'experimental model' 
_pdbx_initial_refinement_model.source_name      PDB 
_pdbx_initial_refinement_model.accession_code   1ERT 
_pdbx_initial_refinement_model.details          'PDB ENTRY 1ERT' 
# 
_atom_sites.entry_id                    4OO5 
_atom_sites.fract_transf_matrix[1][1]   0.01414356 
_atom_sites.fract_transf_matrix[1][2]   0.00139950 
_atom_sites.fract_transf_matrix[1][3]   -0.00472383 
_atom_sites.fract_transf_matrix[2][1]   -0.01092813 
_atom_sites.fract_transf_matrix[2][2]   0.02738740 
_atom_sites.fract_transf_matrix[2][3]   -0.02460590 
_atom_sites.fract_transf_matrix[3][1]   0.00479120 
_atom_sites.fract_transf_matrix[3][2]   0.01375371 
_atom_sites.fract_transf_matrix[3][3]   0.01318056 
_atom_sites.fract_transf_vector[1]      0.115567 
_atom_sites.fract_transf_vector[2]      0.026071 
_atom_sites.fract_transf_vector[3]      0.249913 
# 
loop_
_atom_type.symbol 
C 
N 
O 
S 
# 
loop_
_atom_site.group_PDB 
_atom_site.id 
_atom_site.type_symbol 
_atom_site.label_atom_id 
_atom_site.label_alt_id 
_atom_site.label_comp_id 
_atom_site.label_asym_id 
_atom_site.label_entity_id 
_atom_site.label_seq_id 
_atom_site.pdbx_PDB_ins_code 
_atom_site.Cartn_x 
_atom_site.Cartn_y 
_atom_site.Cartn_z 
_atom_site.occupancy 
_atom_site.B_iso_or_equiv 
_atom_site.pdbx_formal_charge 
_atom_site.auth_seq_id 
_atom_site.auth_comp_id 
_atom_site.auth_asym_id 
_atom_site.auth_atom_id 
_atom_site.pdbx_PDB_model_num 
ATOM   1    N N   . MET A 1 1   ? -0.277  11.270  6.080   0.50 37.16 ? 1   MET A N   1 
ATOM   2    C CA  . MET A 1 1   ? -0.743  11.491  4.679   0.50 39.80 ? 1   MET A CA  1 
ATOM   3    C C   . MET A 1 1   ? -0.484  10.254  3.808   0.50 36.54 ? 1   MET A C   1 
ATOM   4    O O   . MET A 1 1   ? 0.613   9.703   3.751   0.50 37.76 ? 1   MET A O   1 
ATOM   5    C CB  . MET A 1 1   ? -0.078  12.732  4.061   0.50 44.62 ? 1   MET A CB  1 
ATOM   6    C CG  . MET A 1 1   ? -0.115  12.777  2.538   0.50 48.08 ? 1   MET A CG  1 
ATOM   7    S SD  . MET A 1 1   ? 0.082   14.425  1.795   0.50 55.23 ? 1   MET A SD  1 
ATOM   8    C CE  . MET A 1 1   ? -1.637  14.850  1.478   0.50 50.47 ? 1   MET A CE  1 
ATOM   9    N N   . VAL A 1 2   ? -1.545  9.832   3.161   1.00 35.16 ? 2   VAL A N   1 
ATOM   10   C CA  . VAL A 1 2   ? -1.531  8.752   2.133   1.00 35.10 ? 2   VAL A CA  1 
ATOM   11   C C   . VAL A 1 2   ? -1.364  9.288   0.648   1.00 35.02 ? 2   VAL A C   1 
ATOM   12   O O   . VAL A 1 2   ? -2.170  10.098  0.128   1.00 34.81 ? 2   VAL A O   1 
ATOM   13   C CB  . VAL A 1 2   ? -2.842  7.875   2.180   1.00 35.61 ? 2   VAL A CB  1 
ATOM   14   C CG1 . VAL A 1 2   ? -2.717  6.749   1.203   1.00 32.83 ? 2   VAL A CG1 1 
ATOM   15   C CG2 . VAL A 1 2   ? -3.139  7.311   3.585   1.00 34.33 ? 2   VAL A CG2 1 
ATOM   16   N N   A LYS A 1 3   ? -0.304  8.821   0.007   0.33 32.81 ? 3   LYS A N   1 
ATOM   17   N N   B LYS A 1 3   ? -0.373  8.767   -0.044  0.33 34.03 ? 3   LYS A N   1 
ATOM   18   N N   C LYS A 1 3   ? -0.318  8.806   -0.016  0.33 32.08 ? 3   LYS A N   1 
ATOM   19   C CA  A LYS A 1 3   ? -0.079  9.153   -1.381  0.33 31.20 ? 3   LYS A CA  1 
ATOM   20   C CA  B LYS A 1 3   ? -0.042  9.277   -1.362  0.33 33.20 ? 3   LYS A CA  1 
ATOM   21   C CA  C LYS A 1 3   ? -0.012  9.206   -1.394  0.33 30.06 ? 3   LYS A CA  1 
ATOM   22   C C   A LYS A 1 3   ? -1.145  8.415   -2.229  0.33 32.15 ? 3   LYS A C   1 
ATOM   23   C C   B LYS A 1 3   ? -0.837  8.497   -2.438  0.33 33.92 ? 3   LYS A C   1 
ATOM   24   C C   C LYS A 1 3   ? -0.920  8.450   -2.391  0.33 32.19 ? 3   LYS A C   1 
ATOM   25   O O   A LYS A 1 3   ? -1.429  7.234   -2.091  0.33 26.81 ? 3   LYS A O   1 
ATOM   26   O O   B LYS A 1 3   ? -0.558  7.315   -2.697  0.33 28.85 ? 3   LYS A O   1 
ATOM   27   O O   C LYS A 1 3   ? -0.780  7.237   -2.582  0.33 27.49 ? 3   LYS A O   1 
ATOM   28   C CB  A LYS A 1 3   ? 1.352   8.800   -1.791  0.33 31.09 ? 3   LYS A CB  1 
ATOM   29   C CB  B LYS A 1 3   ? 1.474   9.203   -1.492  0.33 34.28 ? 3   LYS A CB  1 
ATOM   30   C CB  C LYS A 1 3   ? 1.457   8.901   -1.705  0.33 29.20 ? 3   LYS A CB  1 
ATOM   31   C CG  A LYS A 1 3   ? 2.423   9.786   -1.329  0.33 29.11 ? 3   LYS A CG  1 
ATOM   32   C CG  B LYS A 1 3   ? 2.096   9.659   -0.173  0.33 36.03 ? 3   LYS A CG  1 
ATOM   33   C CG  C LYS A 1 3   ? 2.469   9.691   -0.900  0.33 27.42 ? 3   LYS A CG  1 
ATOM   34   C CD  A LYS A 1 3   ? 2.059   11.256  -1.603  0.33 28.86 ? 3   LYS A CD  1 
ATOM   35   C CD  B LYS A 1 3   ? 3.592   9.853   -0.210  0.33 34.64 ? 3   LYS A CD  1 
ATOM   36   C CD  C LYS A 1 3   ? 2.038   11.154  -0.762  0.33 27.18 ? 3   LYS A CD  1 
ATOM   37   C CE  A LYS A 1 3   ? 0.945   11.772  -0.695  0.33 28.39 ? 3   LYS A CE  1 
ATOM   38   C CE  B LYS A 1 3   ? 4.067   10.769  0.915   0.33 33.58 ? 3   LYS A CE  1 
ATOM   39   C CE  C LYS A 1 3   ? 2.755   11.869  0.370   0.33 28.08 ? 3   LYS A CE  1 
ATOM   40   N NZ  A LYS A 1 3   ? 0.646   13.223  -0.895  0.33 26.24 ? 3   LYS A NZ  1 
ATOM   41   N NZ  B LYS A 1 3   ? 5.531   11.002  0.806   0.33 32.58 ? 3   LYS A NZ  1 
ATOM   42   N NZ  C LYS A 1 3   ? 2.727   13.311  0.075   0.33 26.88 ? 3   LYS A NZ  1 
ATOM   43   N N   . GLN A 1 4   ? -1.829  9.173   -3.044  1.00 31.55 ? 4   GLN A N   1 
ATOM   44   C CA  . GLN A 1 4   ? -2.633  8.580   -4.069  1.00 27.24 ? 4   GLN A CA  1 
ATOM   45   C C   . GLN A 1 4   ? -1.875  8.346   -5.433  1.00 27.00 ? 4   GLN A C   1 
ATOM   46   O O   . GLN A 1 4   ? -1.528  9.344   -6.073  1.00 23.23 ? 4   GLN A O   1 
ATOM   47   C CB  . GLN A 1 4   ? -3.796  9.493   -4.308  1.00 33.65 ? 4   GLN A CB  1 
ATOM   48   C CG  . GLN A 1 4   ? -4.802  8.843   -5.220  1.00 29.90 ? 4   GLN A CG  1 
ATOM   49   C CD  . GLN A 1 4   ? -5.685  7.746   -4.574  1.00 36.92 ? 4   GLN A CD  1 
ATOM   50   O OE1 . GLN A 1 4   ? -6.162  7.911   -3.475  1.00 42.15 ? 4   GLN A OE1 1 
ATOM   51   N NE2 . GLN A 1 4   ? -5.947  6.694   -5.297  1.00 32.88 ? 4   GLN A NE2 1 
ATOM   52   N N   . ILE A 1 5   ? -1.643  7.079   -5.846  1.00 22.66 ? 5   ILE A N   1 
ATOM   53   C CA  . ILE A 1 5   ? -0.813  6.739   -7.040  1.00 22.77 ? 5   ILE A CA  1 
ATOM   54   C C   . ILE A 1 5   ? -1.669  6.560   -8.301  1.00 26.04 ? 5   ILE A C   1 
ATOM   55   O O   . ILE A 1 5   ? -2.625  5.745   -8.321  1.00 22.66 ? 5   ILE A O   1 
ATOM   56   C CB  . ILE A 1 5   ? -0.002  5.433   -6.812  1.00 24.56 ? 5   ILE A CB  1 
ATOM   57   C CG1 . ILE A 1 5   ? 0.962   5.654   -5.639  1.00 25.84 ? 5   ILE A CG1 1 
ATOM   58   C CG2 . ILE A 1 5   ? 0.688   4.992   -8.158  1.00 24.96 ? 5   ILE A CG2 1 
ATOM   59   C CD1 . ILE A 1 5   ? 2.059   6.678   -5.809  1.00 26.97 ? 5   ILE A CD1 1 
ATOM   60   N N   . GLU A 1 6   ? -1.335  7.285   -9.384  1.00 24.02 ? 6   GLU A N   1 
ATOM   61   C CA  . GLU A 1 6   ? -2.158  7.232   -10.574 1.00 25.63 ? 6   GLU A CA  1 
ATOM   62   C C   . GLU A 1 6   ? -1.396  7.037   -11.858 1.00 25.36 ? 6   GLU A C   1 
ATOM   63   O O   . GLU A 1 6   ? -1.885  7.409   -12.946 1.00 22.97 ? 6   GLU A O   1 
ATOM   64   C CB  . GLU A 1 6   ? -3.022  8.523   -10.678 1.00 24.41 ? 6   GLU A CB  1 
ATOM   65   C CG  . GLU A 1 6   ? -4.121  8.591   -9.642  1.00 25.77 ? 6   GLU A CG  1 
ATOM   66   C CD  . GLU A 1 6   ? -5.160  7.471   -9.776  1.00 24.35 ? 6   GLU A CD  1 
ATOM   67   O OE1 . GLU A 1 6   ? -5.242  6.707   -10.754 1.00 27.57 ? 6   GLU A OE1 1 
ATOM   68   O OE2 . GLU A 1 6   ? -5.841  7.369   -8.712  1.00 37.71 ? 6   GLU A OE2 1 
ATOM   69   N N   . SER A 1 7   ? -0.191  6.489   -11.728 1.00 22.78 ? 7   SER A N   1 
ATOM   70   C CA  . SER A 1 7   ? 0.547   5.905   -12.855 1.00 25.00 ? 7   SER A CA  1 
ATOM   71   C C   . SER A 1 7   ? 1.646   5.021   -12.315 1.00 22.80 ? 7   SER A C   1 
ATOM   72   O O   . SER A 1 7   ? 2.088   5.178   -11.145 1.00 22.40 ? 7   SER A O   1 
ATOM   73   C CB  . SER A 1 7   ? 1.164   7.008   -13.771 1.00 25.75 ? 7   SER A CB  1 
ATOM   74   O OG  . SER A 1 7   ? 2.145   7.733   -13.125 1.00 26.64 ? 7   SER A OG  1 
ATOM   75   N N   . LYS A 1 8   ? 2.142   4.162   -13.194 1.00 25.15 ? 8   LYS A N   1 
ATOM   76   C CA  . LYS A 1 8   ? 3.363   3.398   -12.931 1.00 24.88 ? 8   LYS A CA  1 
ATOM   77   C C   . LYS A 1 8   ? 4.589   4.297   -12.722 1.00 27.03 ? 8   LYS A C   1 
ATOM   78   O O   . LYS A 1 8   ? 5.345   4.095   -11.794 1.00 23.94 ? 8   LYS A O   1 
ATOM   79   C CB  . LYS A 1 8   ? 3.605   2.428   -14.061 1.00 28.79 ? 8   LYS A CB  1 
ATOM   80   C CG  . LYS A 1 8   ? 4.871   1.648   -13.895 1.00 30.92 ? 8   LYS A CG  1 
ATOM   81   C CD  . LYS A 1 8   ? 4.961   0.494   -14.863 1.00 33.44 ? 8   LYS A CD  1 
ATOM   82   C CE  . LYS A 1 8   ? 6.269   -0.214  -14.648 1.00 35.73 ? 8   LYS A CE  1 
ATOM   83   N NZ  . LYS A 1 8   ? 6.371   -1.384  -15.549 1.00 40.14 ? 8   LYS A NZ  1 
ATOM   84   N N   . THR A 1 9   ? 4.709   5.400   -13.481 1.00 26.11 ? 9   THR A N   1 
ATOM   85   C CA  . THR A 1 9   ? 5.810   6.291   -13.192 1.00 28.38 ? 9   THR A CA  1 
ATOM   86   C C   . THR A 1 9   ? 5.740   6.960   -11.792 1.00 26.90 ? 9   THR A C   1 
ATOM   87   O O   . THR A 1 9   ? 6.749   7.116   -11.135 1.00 27.23 ? 9   THR A O   1 
ATOM   88   C CB  . THR A 1 9   ? 5.974   7.394   -14.259 1.00 32.69 ? 9   THR A CB  1 
ATOM   89   O OG1 . THR A 1 9   ? 4.821   8.197   -14.295 1.00 41.23 ? 9   THR A OG1 1 
ATOM   90   C CG2 . THR A 1 9   ? 6.212   6.798   -15.567 1.00 32.90 ? 9   THR A CG2 1 
ATOM   91   N N   . ALA A 1 10  ? 4.546   7.353   -11.341 1.00 25.45 ? 10  ALA A N   1 
ATOM   92   C CA  . ALA A 1 10  ? 4.415   7.950   -10.063 1.00 24.19 ? 10  ALA A CA  1 
ATOM   93   C C   . ALA A 1 10  ? 4.744   6.912   -8.986  1.00 21.35 ? 10  ALA A C   1 
ATOM   94   O O   . ALA A 1 10  ? 5.292   7.262   -7.948  1.00 24.20 ? 10  ALA A O   1 
ATOM   95   C CB  . ALA A 1 10  ? 2.979   8.473   -9.884  1.00 24.92 ? 10  ALA A CB  1 
ATOM   96   N N   . PHE A 1 11  ? 4.355   5.661   -9.244  1.00 20.87 ? 11  PHE A N   1 
ATOM   97   C CA  . PHE A 1 11  ? 4.616   4.562   -8.289  1.00 24.83 ? 11  PHE A CA  1 
ATOM   98   C C   . PHE A 1 11  ? 6.127   4.376   -8.101  1.00 25.31 ? 11  PHE A C   1 
ATOM   99   O O   . PHE A 1 11  ? 6.657   4.357   -6.958  1.00 23.38 ? 11  PHE A O   1 
ATOM   100  C CB  . PHE A 1 11  ? 3.955   3.278   -8.847  1.00 22.31 ? 11  PHE A CB  1 
ATOM   101  C CG  . PHE A 1 11  ? 4.071   2.038   -7.911  1.00 25.31 ? 11  PHE A CG  1 
ATOM   102  C CD1 . PHE A 1 11  ? 3.485   2.021   -6.660  1.00 27.96 ? 11  PHE A CD1 1 
ATOM   103  C CD2 . PHE A 1 11  ? 4.753   0.897   -8.317  1.00 27.72 ? 11  PHE A CD2 1 
ATOM   104  C CE1 . PHE A 1 11  ? 3.590   0.896   -5.823  1.00 28.13 ? 11  PHE A CE1 1 
ATOM   105  C CE2 . PHE A 1 11  ? 4.880   -0.211  -7.492  1.00 26.94 ? 11  PHE A CE2 1 
ATOM   106  C CZ  . PHE A 1 11  ? 4.259   -0.214  -6.244  1.00 25.98 ? 11  PHE A CZ  1 
ATOM   107  N N   . GLN A 1 12  ? 6.823   4.240   -9.240  1.00 23.70 ? 12  GLN A N   1 
ATOM   108  C CA  . GLN A 1 12  ? 8.302   4.067   -9.229  1.00 30.56 ? 12  GLN A CA  1 
ATOM   109  C C   . GLN A 1 12  ? 9.010   5.284   -8.611  1.00 26.72 ? 12  GLN A C   1 
ATOM   110  O O   . GLN A 1 12  ? 9.991   5.111   -7.835  1.00 29.90 ? 12  GLN A O   1 
ATOM   111  C CB  . GLN A 1 12  ? 8.870   3.823   -10.640 1.00 36.61 ? 12  GLN A CB  1 
ATOM   112  C CG  . GLN A 1 12  ? 8.308   2.616   -11.402 1.00 40.95 ? 12  GLN A CG  1 
ATOM   113  C CD  . GLN A 1 12  ? 8.673   2.570   -12.935 1.00 51.50 ? 12  GLN A CD  1 
ATOM   114  O OE1 . GLN A 1 12  ? 9.067   1.505   -13.445 1.00 57.33 ? 12  GLN A OE1 1 
ATOM   115  N NE2 . GLN A 1 12  ? 8.511   3.707   -13.667 1.00 48.56 ? 12  GLN A NE2 1 
ATOM   116  N N   . GLU A 1 13  ? 8.552   6.500   -8.944  1.00 27.30 ? 13  GLU A N   1 
ATOM   117  C CA  . GLU A 1 13  ? 9.123   7.745   -8.377  1.00 28.88 ? 13  GLU A CA  1 
ATOM   118  C C   . GLU A 1 13  ? 8.972   7.849   -6.850  1.00 28.15 ? 13  GLU A C   1 
ATOM   119  O O   . GLU A 1 13  ? 9.847   8.327   -6.135  1.00 29.50 ? 13  GLU A O   1 
ATOM   120  C CB  . GLU A 1 13  ? 8.507   8.992   -9.020  1.00 36.89 ? 13  GLU A CB  1 
ATOM   121  C CG  . GLU A 1 13  ? 9.401   9.800   -9.939  1.00 46.04 ? 13  GLU A CG  1 
ATOM   122  C CD  . GLU A 1 13  ? 8.792   10.105  -11.313 1.00 55.86 ? 13  GLU A CD  1 
ATOM   123  O OE1 . GLU A 1 13  ? 9.510   9.853   -12.343 1.00 54.59 ? 13  GLU A OE1 1 
ATOM   124  O OE2 . GLU A 1 13  ? 7.628   10.612  -11.371 1.00 50.20 ? 13  GLU A OE2 1 
ATOM   125  N N   . ALA A 1 14  ? 7.816   7.373   -6.366  1.00 27.92 ? 14  ALA A N   1 
ATOM   126  C CA  . ALA A 1 14  ? 7.531   7.351   -4.957  1.00 27.20 ? 14  ALA A CA  1 
ATOM   127  C C   . ALA A 1 14  ? 8.487   6.369   -4.288  1.00 24.13 ? 14  ALA A C   1 
ATOM   128  O O   . ALA A 1 14  ? 9.018   6.673   -3.205  1.00 29.23 ? 14  ALA A O   1 
ATOM   129  C CB  . ALA A 1 14  ? 6.065   6.934   -4.731  1.00 27.57 ? 14  ALA A CB  1 
ATOM   130  N N   . LEU A 1 15  ? 8.648   5.158   -4.865  1.00 25.01 ? 15  LEU A N   1 
ATOM   131  C CA  . LEU A 1 15  ? 9.543   4.181   -4.277  1.00 26.73 ? 15  LEU A CA  1 
ATOM   132  C C   . LEU A 1 15  ? 10.989  4.712   -4.229  1.00 32.74 ? 15  LEU A C   1 
ATOM   133  O O   . LEU A 1 15  ? 11.779  4.341   -3.317  1.00 30.69 ? 15  LEU A O   1 
ATOM   134  C CB  . LEU A 1 15  ? 9.511   2.877   -5.032  1.00 27.87 ? 15  LEU A CB  1 
ATOM   135  C CG  . LEU A 1 15  ? 8.229   2.012   -4.860  1.00 30.38 ? 15  LEU A CG  1 
ATOM   136  C CD1 . LEU A 1 15  ? 8.333   0.731   -5.689  1.00 29.37 ? 15  LEU A CD1 1 
ATOM   137  C CD2 . LEU A 1 15  ? 7.884   1.666   -3.397  1.00 31.85 ? 15  LEU A CD2 1 
ATOM   138  N N   . ASP A 1 16  ? 11.322  5.554   -5.210  1.00 33.77 ? 16  ASP A N   1 
ATOM   139  C CA  . ASP A 1 16  ? 12.667  6.138   -5.291  1.00 38.73 ? 16  ASP A CA  1 
ATOM   140  C C   . ASP A 1 16  ? 12.820  7.265   -4.278  1.00 36.48 ? 16  ASP A C   1 
ATOM   141  O O   . ASP A 1 16  ? 13.770  7.254   -3.523  1.00 41.69 ? 16  ASP A O   1 
ATOM   142  C CB  . ASP A 1 16  ? 12.992  6.589   -6.747  1.00 40.79 ? 16  ASP A CB  1 
ATOM   143  C CG  . ASP A 1 16  ? 13.068  5.384   -7.762  1.00 47.73 ? 16  ASP A CG  1 
ATOM   144  O OD1 . ASP A 1 16  ? 13.145  4.175   -7.376  1.00 46.28 ? 16  ASP A OD1 1 
ATOM   145  O OD2 . ASP A 1 16  ? 13.044  5.635   -9.005  1.00 55.58 ? 16  ASP A OD2 1 
ATOM   146  N N   . ALA A 1 17  ? 11.879  8.211   -4.209  1.00 35.77 ? 17  ALA A N   1 
ATOM   147  C CA  . ALA A 1 17  ? 11.957  9.339   -3.234  1.00 35.41 ? 17  ALA A CA  1 
ATOM   148  C C   . ALA A 1 17  ? 11.859  8.895   -1.731  1.00 35.98 ? 17  ALA A C   1 
ATOM   149  O O   . ALA A 1 17  ? 12.209  9.670   -0.817  1.00 35.16 ? 17  ALA A O   1 
ATOM   150  C CB  . ALA A 1 17  ? 10.896  10.400  -3.551  1.00 39.11 ? 17  ALA A CB  1 
ATOM   151  N N   . ALA A 1 18  ? 11.381  7.664   -1.485  1.00 35.78 ? 18  ALA A N   1 
ATOM   152  C CA  . ALA A 1 18  ? 11.334  7.060   -0.128  1.00 36.22 ? 18  ALA A CA  1 
ATOM   153  C C   . ALA A 1 18  ? 12.666  7.042   0.635   1.00 37.42 ? 18  ALA A C   1 
ATOM   154  O O   . ALA A 1 18  ? 12.693  6.988   1.858   1.00 33.36 ? 18  ALA A O   1 
ATOM   155  C CB  . ALA A 1 18  ? 10.793  5.653   -0.214  1.00 35.78 ? 18  ALA A CB  1 
ATOM   156  N N   . GLY A 1 19  ? 13.781  7.091   -0.088  1.00 40.46 ? 19  GLY A N   1 
ATOM   157  C CA  . GLY A 1 19  ? 15.049  6.887   0.563   1.00 38.63 ? 19  GLY A CA  1 
ATOM   158  C C   . GLY A 1 19  ? 15.057  5.548   1.270   1.00 35.14 ? 19  GLY A C   1 
ATOM   159  O O   . GLY A 1 19  ? 14.759  4.523   0.658   1.00 37.94 ? 19  GLY A O   1 
ATOM   160  N N   . ASP A 1 20  ? 15.391  5.557   2.564   1.00 35.93 ? 20  ASP A N   1 
ATOM   161  C CA  . ASP A 1 20  ? 15.491  4.341   3.369   1.00 41.89 ? 20  ASP A CA  1 
ATOM   162  C C   . ASP A 1 20  ? 14.182  3.975   4.101   1.00 38.00 ? 20  ASP A C   1 
ATOM   163  O O   . ASP A 1 20  ? 14.179  3.038   4.880   1.00 40.49 ? 20  ASP A O   1 
ATOM   164  C CB  . ASP A 1 20  ? 16.624  4.479   4.425   1.00 41.33 ? 20  ASP A CB  1 
ATOM   165  C CG  . ASP A 1 20  ? 16.240  5.362   5.662   0.50 42.42 ? 20  ASP A CG  1 
ATOM   166  O OD1 . ASP A 1 20  ? 15.273  6.156   5.613   0.50 49.04 ? 20  ASP A OD1 1 
ATOM   167  O OD2 . ASP A 1 20  ? 16.942  5.280   6.700   0.50 39.87 ? 20  ASP A OD2 1 
ATOM   168  N N   . LYS A 1 21  ? 13.120  4.748   3.884   1.00 37.17 ? 21  LYS A N   1 
ATOM   169  C CA  . LYS A 1 21  ? 11.900  4.555   4.652   1.00 36.47 ? 21  LYS A CA  1 
ATOM   170  C C   . LYS A 1 21  ? 11.086  3.352   4.152   1.00 34.12 ? 21  LYS A C   1 
ATOM   171  O O   . LYS A 1 21  ? 11.012  3.045   2.939   1.00 33.44 ? 21  LYS A O   1 
ATOM   172  C CB  . LYS A 1 21  ? 11.018  5.774   4.584   1.00 35.60 ? 21  LYS A CB  1 
ATOM   173  C CG  . LYS A 1 21  ? 11.590  7.007   5.246   1.00 40.96 ? 21  LYS A CG  1 
ATOM   174  C CD  . LYS A 1 21  ? 10.722  8.117   4.752   1.00 43.62 ? 21  LYS A CD  1 
ATOM   175  C CE  . LYS A 1 21  ? 10.931  9.400   5.492   1.00 43.29 ? 21  LYS A CE  1 
ATOM   176  N NZ  . LYS A 1 21  ? 9.805   10.291  5.089   1.00 44.00 ? 21  LYS A NZ  1 
ATOM   177  N N   . LEU A 1 22  ? 10.504  2.666   5.114   1.00 28.89 ? 22  LEU A N   1 
ATOM   178  C CA  . LEU A 1 22  ? 9.391   1.796   4.772   1.00 26.94 ? 22  LEU A CA  1 
ATOM   179  C C   . LEU A 1 22  ? 8.324   2.487   3.964   1.00 22.60 ? 22  LEU A C   1 
ATOM   180  O O   . LEU A 1 22  ? 7.833   3.576   4.265   1.00 24.54 ? 22  LEU A O   1 
ATOM   181  C CB  . LEU A 1 22  ? 8.686   1.294   6.053   1.00 26.07 ? 22  LEU A CB  1 
ATOM   182  C CG  . LEU A 1 22  ? 7.748   0.087   5.802   1.00 25.04 ? 22  LEU A CG  1 
ATOM   183  C CD1 . LEU A 1 22  ? 8.445   -1.048  5.091   1.00 23.38 ? 22  LEU A CD1 1 
ATOM   184  C CD2 . LEU A 1 22  ? 7.122   -0.465  7.080   1.00 25.42 ? 22  LEU A CD2 1 
ATOM   185  N N   . VAL A 1 23  ? 7.928   1.795   2.875   1.00 26.68 ? 23  VAL A N   1 
ATOM   186  C CA  . VAL A 1 23  ? 6.790   2.161   2.069   1.00 25.60 ? 23  VAL A CA  1 
ATOM   187  C C   . VAL A 1 23  ? 5.725   1.038   2.161   1.00 21.12 ? 23  VAL A C   1 
ATOM   188  O O   . VAL A 1 23  ? 6.029   -0.097  1.950   1.00 21.97 ? 23  VAL A O   1 
ATOM   189  C CB  . VAL A 1 23  ? 7.157   2.305   0.582   1.00 24.81 ? 23  VAL A CB  1 
ATOM   190  C CG1 . VAL A 1 23  ? 5.919   2.724   -0.181  1.00 25.52 ? 23  VAL A CG1 1 
ATOM   191  C CG2 . VAL A 1 23  ? 8.285   3.311   0.413   1.00 24.89 ? 23  VAL A CG2 1 
ATOM   192  N N   . VAL A 1 24  ? 4.527   1.448   2.513   1.00 21.69 ? 24  VAL A N   1 
ATOM   193  C CA  . VAL A 1 24  ? 3.361   0.538   2.616   1.00 23.32 ? 24  VAL A CA  1 
ATOM   194  C C   . VAL A 1 24  ? 2.359   0.914   1.513   1.00 20.35 ? 24  VAL A C   1 
ATOM   195  O O   . VAL A 1 24  ? 1.920   2.070   1.399   1.00 20.17 ? 24  VAL A O   1 
ATOM   196  C CB  . VAL A 1 24  ? 2.646   0.755   3.969   1.00 23.64 ? 24  VAL A CB  1 
ATOM   197  C CG1 . VAL A 1 24  ? 1.445   -0.224  4.067   1.00 24.37 ? 24  VAL A CG1 1 
ATOM   198  C CG2 . VAL A 1 24  ? 3.608   0.465   5.119   1.00 27.26 ? 24  VAL A CG2 1 
ATOM   199  N N   . VAL A 1 25  ? 1.987   -0.073  0.705   1.00 20.46 ? 25  VAL A N   1 
ATOM   200  C CA  . VAL A 1 25  ? 1.087   0.161   -0.408  1.00 21.77 ? 25  VAL A CA  1 
ATOM   201  C C   . VAL A 1 25  ? -0.213  -0.660  -0.267  1.00 19.11 ? 25  VAL A C   1 
ATOM   202  O O   . VAL A 1 25  ? -0.145  -1.889  -0.084  1.00 19.85 ? 25  VAL A O   1 
ATOM   203  C CB  . VAL A 1 25  ? 1.711   -0.310  -1.724  1.00 21.92 ? 25  VAL A CB  1 
ATOM   204  C CG1 . VAL A 1 25  ? 0.837   0.149   -2.883  1.00 21.68 ? 25  VAL A CG1 1 
ATOM   205  C CG2 . VAL A 1 25  ? 3.125   0.242   -1.848  1.00 22.82 ? 25  VAL A CG2 1 
ATOM   206  N N   . ASP A 1 26  ? -1.314  0.055   -0.266  1.00 16.70 ? 26  ASP A N   1 
ATOM   207  C CA  . ASP A 1 26  ? -2.646  -0.537  -0.197  1.00 18.27 ? 26  ASP A CA  1 
ATOM   208  C C   . ASP A 1 26  ? -3.190  -0.671  -1.621  1.00 18.01 ? 26  ASP A C   1 
ATOM   209  O O   . ASP A 1 26  ? -3.506  0.356   -2.205  1.00 19.07 ? 26  ASP A O   1 
ATOM   210  C CB  . ASP A 1 26  ? -3.545  0.329   0.685   1.00 20.08 ? 26  ASP A CB  1 
ATOM   211  C CG  . ASP A 1 26  ? -4.955  -0.168  0.788   1.00 20.81 ? 26  ASP A CG  1 
ATOM   212  O OD1 . ASP A 1 26  ? -5.367  -1.103  0.108   1.00 19.92 ? 26  ASP A OD1 1 
ATOM   213  O OD2 . ASP A 1 26  ? -5.726  0.329   1.622   1.00 22.59 ? 26  ASP A OD2 1 
ATOM   214  N N   . PHE A 1 27  ? -3.313  -1.886  -2.150  1.00 17.00 ? 27  PHE A N   1 
ATOM   215  C CA  . PHE A 1 27  ? -3.955  -2.149  -3.427  1.00 17.93 ? 27  PHE A CA  1 
ATOM   216  C C   . PHE A 1 27  ? -5.429  -2.486  -3.102  1.00 18.81 ? 27  PHE A C   1 
ATOM   217  O O   . PHE A 1 27  ? -5.713  -3.483  -2.429  1.00 21.38 ? 27  PHE A O   1 
ATOM   218  C CB  . PHE A 1 27  ? -3.314  -3.390  -4.120  1.00 18.69 ? 27  PHE A CB  1 
ATOM   219  C CG  . PHE A 1 27  ? -1.954  -3.159  -4.642  1.00 19.14 ? 27  PHE A CG  1 
ATOM   220  C CD1 . PHE A 1 27  ? -0.813  -3.344  -3.821  1.00 20.98 ? 27  PHE A CD1 1 
ATOM   221  C CD2 . PHE A 1 27  ? -1.741  -2.744  -5.967  1.00 21.02 ? 27  PHE A CD2 1 
ATOM   222  C CE1 . PHE A 1 27  ? 0.470   -3.124  -4.322  1.00 20.61 ? 27  PHE A CE1 1 
ATOM   223  C CE2 . PHE A 1 27  ? -0.445  -2.478  -6.414  1.00 20.77 ? 27  PHE A CE2 1 
ATOM   224  C CZ  . PHE A 1 27  ? 0.653   -2.739  -5.640  1.00 20.58 ? 27  PHE A CZ  1 
ATOM   225  N N   A SER A 1 28  ? -6.366  -1.665  -3.548  0.33 18.51 ? 28  SER A N   1 
ATOM   226  N N   B SER A 1 28  ? -6.333  -1.633  -3.581  0.33 18.49 ? 28  SER A N   1 
ATOM   227  N N   C SER A 1 28  ? -6.322  -1.668  -3.650  0.33 18.43 ? 28  SER A N   1 
ATOM   228  C CA  A SER A 1 28  ? -7.770  -1.934  -3.294  0.33 19.87 ? 28  SER A CA  1 
ATOM   229  C CA  B SER A 1 28  ? -7.759  -1.696  -3.285  0.33 19.66 ? 28  SER A CA  1 
ATOM   230  C CA  C SER A 1 28  ? -7.725  -1.612  -3.297  0.33 19.48 ? 28  SER A CA  1 
ATOM   231  C C   A SER A 1 28  ? -8.584  -1.649  -4.564  0.33 20.30 ? 28  SER A C   1 
ATOM   232  C C   B SER A 1 28  ? -8.583  -1.627  -4.584  0.33 20.12 ? 28  SER A C   1 
ATOM   233  C C   C SER A 1 28  ? -8.587  -1.590  -4.587  0.33 19.99 ? 28  SER A C   1 
ATOM   234  O O   A SER A 1 28  ? -8.034  -1.244  -5.599  0.33 20.34 ? 28  SER A O   1 
ATOM   235  O O   B SER A 1 28  ? -8.039  -1.332  -5.659  0.33 20.16 ? 28  SER A O   1 
ATOM   236  O O   C SER A 1 28  ? -8.061  -1.300  -5.671  0.33 20.07 ? 28  SER A O   1 
ATOM   237  C CB  A SER A 1 28  ? -8.253  -1.147  -2.049  0.33 19.85 ? 28  SER A CB  1 
ATOM   238  C CB  B SER A 1 28  ? -8.144  -0.536  -2.328  0.33 19.16 ? 28  SER A CB  1 
ATOM   239  C CB  C SER A 1 28  ? -7.927  -0.343  -2.427  0.33 18.68 ? 28  SER A CB  1 
ATOM   240  O OG  A SER A 1 28  ? -7.787  -1.754  -0.832  0.33 18.45 ? 28  SER A OG  1 
ATOM   241  O OG  B SER A 1 28  ? -8.055  0.724   -2.973  0.33 18.85 ? 28  SER A OG  1 
ATOM   242  O OG  C SER A 1 28  ? -9.276  0.050   -2.337  0.33 19.07 ? 28  SER A OG  1 
ATOM   243  N N   . ALA A 1 29  ? -9.876  -1.928  -4.465  1.00 21.59 ? 29  ALA A N   1 
ATOM   244  C CA  . ALA A 1 29  ? -10.847 -1.784  -5.548  1.00 24.03 ? 29  ALA A CA  1 
ATOM   245  C C   . ALA A 1 29  ? -12.131 -1.264  -4.890  1.00 26.55 ? 29  ALA A C   1 
ATOM   246  O O   . ALA A 1 29  ? -12.399 -1.564  -3.711  1.00 23.23 ? 29  ALA A O   1 
ATOM   247  C CB  . ALA A 1 29  ? -11.095 -3.131  -6.197  1.00 26.21 ? 29  ALA A CB  1 
ATOM   248  N N   . THR A 1 30  ? -12.902 -0.474  -5.653  1.00 28.65 ? 30  THR A N   1 
ATOM   249  C CA  . THR A 1 30  ? -14.119 0.165   -5.153  1.00 31.52 ? 30  THR A CA  1 
ATOM   250  C C   . THR A 1 30  ? -15.236 -0.842  -4.760  1.00 30.22 ? 30  THR A C   1 
ATOM   251  O O   . THR A 1 30  ? -16.027 -0.619  -3.850  1.00 31.80 ? 30  THR A O   1 
ATOM   252  C CB  . THR A 1 30  ? -14.685 1.150   -6.233  1.00 34.72 ? 30  THR A CB  1 
ATOM   253  O OG1 . THR A 1 30  ? -14.927 0.424   -7.464  1.00 36.22 ? 30  THR A OG1 1 
ATOM   254  C CG2 . THR A 1 30  ? -13.716 2.290   -6.484  1.00 36.15 ? 30  THR A CG2 1 
ATOM   255  N N   . TRP A 1 31  ? -15.261 -1.974  -5.437  1.00 26.66 ? 31  TRP A N   1 
ATOM   256  C CA  . TRP A 1 31  ? -16.249 -3.073  -5.123  1.00 29.14 ? 31  TRP A CA  1 
ATOM   257  C C   . TRP A 1 31  ? -15.939 -3.911  -3.871  1.00 28.17 ? 31  TRP A C   1 
ATOM   258  O O   . TRP A 1 31  ? -16.714 -4.802  -3.479  1.00 31.61 ? 31  TRP A O   1 
ATOM   259  C CB  . TRP A 1 31  ? -16.473 -4.021  -6.331  1.00 26.88 ? 31  TRP A CB  1 
ATOM   260  C CG  . TRP A 1 31  ? -15.206 -4.523  -6.903  1.00 26.20 ? 31  TRP A CG  1 
ATOM   261  C CD1 . TRP A 1 31  ? -14.517 -4.024  -8.001  1.00 27.65 ? 31  TRP A CD1 1 
ATOM   262  C CD2 . TRP A 1 31  ? -14.445 -5.626  -6.437  1.00 26.53 ? 31  TRP A CD2 1 
ATOM   263  N NE1 . TRP A 1 31  ? -13.391 -4.752  -8.220  1.00 27.42 ? 31  TRP A NE1 1 
ATOM   264  C CE2 . TRP A 1 31  ? -13.319 -5.750  -7.276  1.00 25.82 ? 31  TRP A CE2 1 
ATOM   265  C CE3 . TRP A 1 31  ? -14.588 -6.520  -5.361  1.00 25.69 ? 31  TRP A CE3 1 
ATOM   266  C CZ2 . TRP A 1 31  ? -12.349 -6.729  -7.078  1.00 27.42 ? 31  TRP A CZ2 1 
ATOM   267  C CZ3 . TRP A 1 31  ? -13.679 -7.489  -5.199  1.00 24.48 ? 31  TRP A CZ3 1 
ATOM   268  C CH2 . TRP A 1 31  ? -12.543 -7.584  -6.005  1.00 28.42 ? 31  TRP A CH2 1 
ATOM   269  N N   . CYS A 1 32  ? -14.783 -3.610  -3.256  1.00 27.28 ? 32  CYS A N   1 
ATOM   270  C CA  . CYS A 1 32  ? -14.262 -4.385  -2.147  1.00 23.50 ? 32  CYS A CA  1 
ATOM   271  C C   . CYS A 1 32  ? -14.689 -3.618  -0.831  1.00 23.14 ? 32  CYS A C   1 
ATOM   272  O O   . CYS A 1 32  ? -14.112 -2.657  -0.520  1.00 27.07 ? 32  CYS A O   1 
ATOM   273  C CB  . CYS A 1 32  ? -12.721 -4.466  -2.332  1.00 22.26 ? 32  CYS A CB  1 
ATOM   274  S SG  . CYS A 1 32  ? -11.890 -5.131  -0.902  1.00 23.90 ? 32  CYS A SG  1 
ATOM   275  N N   . GLY A 1 33  ? -15.800 -4.031  -0.217  1.00 28.10 ? 33  GLY A N   1 
ATOM   276  C CA  . GLY A 1 33  ? -16.279 -3.420  1.026   1.00 30.87 ? 33  GLY A CA  1 
ATOM   277  C C   . GLY A 1 33  ? -15.222 -3.197  2.132   1.00 28.74 ? 33  GLY A C   1 
ATOM   278  O O   . GLY A 1 33  ? -15.028 -2.005  2.545   1.00 32.22 ? 33  GLY A O   1 
ATOM   279  N N   . PRO A 1 34  ? -14.527 -4.257  2.532   1.00 28.79 ? 34  PRO A N   1 
ATOM   280  C CA  . PRO A 1 34  ? -13.444 -4.321  3.542   1.00 31.82 ? 34  PRO A CA  1 
ATOM   281  C C   . PRO A 1 34  ? -12.286 -3.469  3.151   1.00 33.24 ? 34  PRO A C   1 
ATOM   282  O O   . PRO A 1 34  ? -11.637 -2.897  4.023   1.00 27.40 ? 34  PRO A O   1 
ATOM   283  C CB  . PRO A 1 34  ? -13.003 -5.781  3.536   1.00 27.52 ? 34  PRO A CB  1 
ATOM   284  C CG  . PRO A 1 34  ? -14.193 -6.480  2.997   1.00 32.00 ? 34  PRO A CG  1 
ATOM   285  C CD  . PRO A 1 34  ? -14.608 -5.592  1.925   1.00 27.55 ? 34  PRO A CD  1 
ATOM   286  N N   . CYS A 1 35  ? -12.074 -3.313  1.842   1.00 25.69 ? 35  CYS A N   1 
ATOM   287  C CA  . CYS A 1 35  ? -11.118 -2.321  1.398   1.00 23.36 ? 35  CYS A CA  1 
ATOM   288  C C   . CYS A 1 35  ? -11.572 -0.896  1.818   1.00 28.09 ? 35  CYS A C   1 
ATOM   289  O O   . CYS A 1 35  ? -10.813 -0.082  2.341   1.00 24.61 ? 35  CYS A O   1 
ATOM   290  C CB  . CYS A 1 35  ? -10.978 -2.377  -0.149  1.00 25.37 ? 35  CYS A CB  1 
ATOM   291  S SG  . CYS A 1 35  ? -10.212 -3.870  -0.848  1.00 22.68 ? 35  CYS A SG  1 
ATOM   292  N N   . LYS A 1 36  ? -12.858 -0.593  1.605   1.00 31.67 ? 36  LYS A N   1 
ATOM   293  C CA  . LYS A 1 36  ? -13.414 0.685   2.033   1.00 33.48 ? 36  LYS A CA  1 
ATOM   294  C C   . LYS A 1 36  ? -13.522 0.731   3.604   1.00 31.23 ? 36  LYS A C   1 
ATOM   295  O O   . LYS A 1 36  ? -13.259 1.775   4.177   1.00 41.50 ? 36  LYS A O   1 
ATOM   296  C CB  . LYS A 1 36  ? -14.753 0.983   1.308   1.00 41.55 ? 36  LYS A CB  1 
ATOM   297  C CG  . LYS A 1 36  ? -14.591 1.314   -0.204  1.00 45.71 ? 36  LYS A CG  1 
ATOM   298  C CD  . LYS A 1 36  ? -15.905 1.301   -1.058  1.00 48.59 ? 36  LYS A CD  1 
ATOM   299  C CE  . LYS A 1 36  ? -16.652 -0.047  -0.966  1.00 50.72 ? 36  LYS A CE  1 
ATOM   300  N NZ  . LYS A 1 36  ? -17.910 -0.203  -1.752  1.00 53.38 ? 36  LYS A NZ  1 
ATOM   301  N N   . MET A 1 37  ? -13.769 -0.382  4.271   1.00 32.63 ? 37  MET A N   1 
ATOM   302  C CA  . MET A 1 37  ? -13.857 -0.331  5.735   1.00 41.46 ? 37  MET A CA  1 
ATOM   303  C C   . MET A 1 37  ? -12.466 -0.015  6.359   1.00 41.40 ? 37  MET A C   1 
ATOM   304  O O   . MET A 1 37  ? -12.377 0.747   7.319   1.00 38.13 ? 37  MET A O   1 
ATOM   305  C CB  . MET A 1 37  ? -14.525 -1.594  6.347   1.00 51.76 ? 37  MET A CB  1 
ATOM   306  C CG  . MET A 1 37  ? -13.637 -2.780  6.705   1.00 63.84 ? 37  MET A CG  1 
ATOM   307  S SD  . MET A 1 37  ? -14.505 -4.278  7.307   1.00 95.47 ? 37  MET A SD  1 
ATOM   308  C CE  . MET A 1 37  ? -15.871 -4.576  6.174   1.00 82.10 ? 37  MET A CE  1 
ATOM   309  N N   . ILE A 1 38  ? -11.380 -0.554  5.790   1.00 36.40 ? 38  ILE A N   1 
ATOM   310  C CA  . ILE A 1 38  ? -10.033 -0.317  6.396   1.00 30.11 ? 38  ILE A CA  1 
ATOM   311  C C   . ILE A 1 38  ? -9.379  1.015   5.980   1.00 28.35 ? 38  ILE A C   1 
ATOM   312  O O   . ILE A 1 38  ? -8.361  1.384   6.549   1.00 26.02 ? 38  ILE A O   1 
ATOM   313  C CB  . ILE A 1 38  ? -9.085  -1.555  6.179   1.00 26.35 ? 38  ILE A CB  1 
ATOM   314  C CG1 . ILE A 1 38  ? -7.942  -1.655  7.254   1.00 24.61 ? 38  ILE A CG1 1 
ATOM   315  C CG2 . ILE A 1 38  ? -8.558  -1.554  4.724   1.00 25.43 ? 38  ILE A CG2 1 
ATOM   316  C CD1 . ILE A 1 38  ? -7.133  -2.902  7.345   1.00 24.21 ? 38  ILE A CD1 1 
ATOM   317  N N   A LYS A 1 39  ? -9.945  1.727   5.014   0.50 28.67 ? 39  LYS A N   1 
ATOM   318  N N   B LYS A 1 39  ? -9.916  1.756   4.999   0.50 29.25 ? 39  LYS A N   1 
ATOM   319  C CA  A LYS A 1 39  ? -9.321  2.916   4.481   0.50 29.92 ? 39  LYS A CA  1 
ATOM   320  C CA  B LYS A 1 39  ? -9.208  2.946   4.497   0.50 31.59 ? 39  LYS A CA  1 
ATOM   321  C C   A LYS A 1 39  ? -9.025  4.006   5.561   0.50 29.63 ? 39  LYS A C   1 
ATOM   322  C C   B LYS A 1 39  ? -8.981  4.027   5.595   0.50 30.08 ? 39  LYS A C   1 
ATOM   323  O O   A LYS A 1 39  ? -7.924  4.523   5.622   0.50 29.12 ? 39  LYS A O   1 
ATOM   324  O O   B LYS A 1 39  ? -7.892  4.570   5.692   0.50 29.83 ? 39  LYS A O   1 
ATOM   325  C CB  A LYS A 1 39  ? -10.216 3.402   3.340   0.50 35.79 ? 39  LYS A CB  1 
ATOM   326  C CB  B LYS A 1 39  ? -9.903  3.529   3.249   0.50 38.47 ? 39  LYS A CB  1 
ATOM   327  C CG  A LYS A 1 39  ? -9.978  4.775   2.767   0.50 33.97 ? 39  LYS A CG  1 
ATOM   328  C CG  B LYS A 1 39  ? -9.204  4.709   2.595   0.50 41.46 ? 39  LYS A CG  1 
ATOM   329  C CD  A LYS A 1 39  ? -10.726 4.821   1.425   0.50 36.08 ? 39  LYS A CD  1 
ATOM   330  C CD  B LYS A 1 39  ? -9.611  4.870   1.119   0.50 46.49 ? 39  LYS A CD  1 
ATOM   331  C CE  A LYS A 1 39  ? -10.642 6.161   0.708   0.50 36.39 ? 39  LYS A CE  1 
ATOM   332  C CE  B LYS A 1 39  ? -9.429  6.301   0.572   0.50 47.41 ? 39  LYS A CE  1 
ATOM   333  N NZ  A LYS A 1 39  ? -11.635 7.135   1.200   0.50 33.55 ? 39  LYS A NZ  1 
ATOM   334  N NZ  B LYS A 1 39  ? -8.019  6.792   0.446   0.50 43.26 ? 39  LYS A NZ  1 
ATOM   335  N N   . PRO A 1 40  ? -10.002 4.316   6.426   1.00 30.47 ? 40  PRO A N   1 
ATOM   336  C CA  . PRO A 1 40  ? -9.730  5.248   7.546   1.00 30.90 ? 40  PRO A CA  1 
ATOM   337  C C   . PRO A 1 40  ? -8.603  4.810   8.464   1.00 25.98 ? 40  PRO A C   1 
ATOM   338  O O   . PRO A 1 40  ? -7.718  5.652   8.757   1.00 23.88 ? 40  PRO A O   1 
ATOM   339  C CB  . PRO A 1 40  ? -11.059 5.250   8.331   1.00 34.86 ? 40  PRO A CB  1 
ATOM   340  C CG  . PRO A 1 40  ? -12.100 4.947   7.273   1.00 36.24 ? 40  PRO A CG  1 
ATOM   341  C CD  . PRO A 1 40  ? -11.411 3.868   6.458   1.00 35.02 ? 40  PRO A CD  1 
ATOM   342  N N   . PHE A 1 41  ? -8.595  3.519   8.843   1.00 25.86 ? 41  PHE A N   1 
ATOM   343  C CA  . PHE A 1 41  ? -7.472  2.994   9.632   1.00 24.48 ? 41  PHE A CA  1 
ATOM   344  C C   . PHE A 1 41  ? -6.146  3.118   8.883   1.00 23.06 ? 41  PHE A C   1 
ATOM   345  O O   . PHE A 1 41  ? -5.098  3.455   9.479   1.00 21.88 ? 41  PHE A O   1 
ATOM   346  C CB  . PHE A 1 41  ? -7.717  1.543   10.076  1.00 23.50 ? 41  PHE A CB  1 
ATOM   347  C CG  . PHE A 1 41  ? -6.589  0.959   10.888  1.00 21.85 ? 41  PHE A CG  1 
ATOM   348  C CD1 . PHE A 1 41  ? -6.343  1.424   12.187  1.00 23.84 ? 41  PHE A CD1 1 
ATOM   349  C CD2 . PHE A 1 41  ? -5.680  0.055   10.334  1.00 22.87 ? 41  PHE A CD2 1 
ATOM   350  C CE1 . PHE A 1 41  ? -5.296  0.867   12.933  1.00 22.85 ? 41  PHE A CE1 1 
ATOM   351  C CE2 . PHE A 1 41  ? -4.658  -0.502  11.113  1.00 21.37 ? 41  PHE A CE2 1 
ATOM   352  C CZ  . PHE A 1 41  ? -4.493  -0.111  12.398  1.00 22.69 ? 41  PHE A CZ  1 
ATOM   353  N N   . PHE A 1 42  ? -6.162  2.871   7.547   1.00 21.20 ? 42  PHE A N   1 
ATOM   354  C CA  . PHE A 1 42  ? -4.995  3.127   6.747   1.00 19.72 ? 42  PHE A CA  1 
ATOM   355  C C   . PHE A 1 42  ? -4.480  4.602   6.831   1.00 21.43 ? 42  PHE A C   1 
ATOM   356  O O   . PHE A 1 42  ? -3.255  4.829   6.970   1.00 22.46 ? 42  PHE A O   1 
ATOM   357  C CB  . PHE A 1 42  ? -5.225  2.606   5.311   1.00 20.38 ? 42  PHE A CB  1 
ATOM   358  C CG  . PHE A 1 42  ? -3.953  2.483   4.515   1.00 18.43 ? 42  PHE A CG  1 
ATOM   359  C CD1 . PHE A 1 42  ? -3.054  1.438   4.743   1.00 18.21 ? 42  PHE A CD1 1 
ATOM   360  C CD2 . PHE A 1 42  ? -3.635  3.404   3.480   1.00 20.92 ? 42  PHE A CD2 1 
ATOM   361  C CE1 . PHE A 1 42  ? -1.872  1.346   4.008   1.00 18.47 ? 42  PHE A CE1 1 
ATOM   362  C CE2 . PHE A 1 42  ? -2.441  3.276   2.717   1.00 19.32 ? 42  PHE A CE2 1 
ATOM   363  C CZ  . PHE A 1 42  ? -1.568  2.308   2.979   1.00 19.01 ? 42  PHE A CZ  1 
ATOM   364  N N   . HIS A 1 43  ? -5.405  5.539   6.670   1.00 24.66 ? 43  HIS A N   1 
ATOM   365  C CA  . HIS A 1 43  ? -5.158  6.993   6.839   1.00 26.56 ? 43  HIS A CA  1 
ATOM   366  C C   . HIS A 1 43  ? -4.608  7.294   8.243   1.00 25.43 ? 43  HIS A C   1 
ATOM   367  O O   . HIS A 1 43  ? -3.598  7.961   8.389   1.00 24.01 ? 43  HIS A O   1 
ATOM   368  C CB  . HIS A 1 43  ? -6.444  7.785   6.517   1.00 32.43 ? 43  HIS A CB  1 
ATOM   369  C CG  . HIS A 1 43  ? -6.674  7.986   5.048   0.50 33.83 ? 43  HIS A CG  1 
ATOM   370  N ND1 . HIS A 1 43  ? -6.024  8.958   4.318   0.50 35.69 ? 43  HIS A ND1 1 
ATOM   371  C CD2 . HIS A 1 43  ? -7.488  7.347   4.177   0.50 36.30 ? 43  HIS A CD2 1 
ATOM   372  C CE1 . HIS A 1 43  ? -6.411  8.893   3.056   0.50 35.62 ? 43  HIS A CE1 1 
ATOM   373  N NE2 . HIS A 1 43  ? -7.299  7.922   2.943   0.50 35.51 ? 43  HIS A NE2 1 
ATOM   374  N N   . SER A 1 44  ? -5.202  6.682   9.254   1.00 26.50 ? 44  SER A N   1 
ATOM   375  C CA  . SER A 1 44  ? -4.689  6.819   10.657  1.00 24.25 ? 44  SER A CA  1 
ATOM   376  C C   . SER A 1 44  ? -3.215  6.387   10.813  1.00 25.55 ? 44  SER A C   1 
ATOM   377  O O   . SER A 1 44  ? -2.398  7.018   11.509  1.00 25.96 ? 44  SER A O   1 
ATOM   378  C CB  . SER A 1 44  ? -5.629  6.088   11.624  1.00 24.75 ? 44  SER A CB  1 
ATOM   379  O OG  . SER A 1 44  ? -5.279  4.747   11.854  1.00 22.75 ? 44  SER A OG  1 
ATOM   380  N N   . LEU A 1 45  ? -2.824  5.261   10.193  1.00 21.69 ? 45  LEU A N   1 
ATOM   381  C CA  . LEU A 1 45  ? -1.479  4.817   10.293  1.00 22.65 ? 45  LEU A CA  1 
ATOM   382  C C   . LEU A 1 45  ? -0.530  5.874   9.685   1.00 24.21 ? 45  LEU A C   1 
ATOM   383  O O   . LEU A 1 45  ? 0.585   6.039   10.178  1.00 25.15 ? 45  LEU A O   1 
ATOM   384  C CB  . LEU A 1 45  ? -1.361  3.451   9.610   1.00 24.30 ? 45  LEU A CB  1 
ATOM   385  C CG  . LEU A 1 45  ? -1.972  2.254   10.397  1.00 23.76 ? 45  LEU A CG  1 
ATOM   386  C CD1 . LEU A 1 45  ? -1.963  0.974   9.560   1.00 24.52 ? 45  LEU A CD1 1 
ATOM   387  C CD2 . LEU A 1 45  ? -1.301  1.931   11.764  1.00 25.06 ? 45  LEU A CD2 1 
ATOM   388  N N   . SER A 1 46  ? -0.970  6.482   8.566   1.00 25.36 ? 46  SER A N   1 
ATOM   389  C CA  . SER A 1 46  ? -0.153  7.458   7.899   1.00 27.25 ? 46  SER A CA  1 
ATOM   390  C C   . SER A 1 46  ? 0.030   8.723   8.750   1.00 30.01 ? 46  SER A C   1 
ATOM   391  O O   . SER A 1 46  ? 1.104   9.302   8.697   1.00 32.88 ? 46  SER A O   1 
ATOM   392  C CB  . SER A 1 46  ? -0.694  7.874   6.507   1.00 28.58 ? 46  SER A CB  1 
ATOM   393  O OG  . SER A 1 46  ? -1.815  8.729   6.598   1.00 34.69 ? 46  SER A OG  1 
ATOM   394  N N   . GLU A 1 47  ? -0.990  9.097   9.518   1.00 31.65 ? 47  GLU A N   1 
ATOM   395  C CA  . GLU A 1 47  ? -0.888  10.208  10.470  1.00 31.75 ? 47  GLU A CA  1 
ATOM   396  C C   . GLU A 1 47  ? -0.031  9.833   11.682  1.00 30.36 ? 47  GLU A C   1 
ATOM   397  O O   . GLU A 1 47  ? 0.757   10.626  12.159  1.00 30.43 ? 47  GLU A O   1 
ATOM   398  C CB  . GLU A 1 47  ? -2.280  10.650  10.938  1.00 35.66 ? 47  GLU A CB  1 
ATOM   399  C CG  . GLU A 1 47  ? -3.145  11.321  9.873   1.00 38.78 ? 47  GLU A CG  1 
ATOM   400  C CD  . GLU A 1 47  ? -4.610  11.401  10.273  1.00 46.39 ? 47  GLU A CD  1 
ATOM   401  O OE1 . GLU A 1 47  ? -4.989  10.721  11.216  1.00 49.33 ? 47  GLU A OE1 1 
ATOM   402  O OE2 . GLU A 1 47  ? -5.401  12.138  9.655   1.00 71.56 ? 47  GLU A OE2 1 
ATOM   403  N N   . LYS A 1 48  ? -0.209  8.612   12.173  1.00 29.66 ? 48  LYS A N   1 
ATOM   404  C CA  . LYS A 1 48  ? 0.559   8.098   13.315  1.00 28.69 ? 48  LYS A CA  1 
ATOM   405  C C   . LYS A 1 48  ? 2.043   7.878   13.016  1.00 33.29 ? 48  LYS A C   1 
ATOM   406  O O   . LYS A 1 48  ? 2.877   8.256   13.834  1.00 37.04 ? 48  LYS A O   1 
ATOM   407  C CB  . LYS A 1 48  ? -0.092  6.812   13.888  1.00 24.71 ? 48  LYS A CB  1 
ATOM   408  C CG  . LYS A 1 48  ? 0.684   6.068   14.979  1.00 26.22 ? 48  LYS A CG  1 
ATOM   409  C CD  . LYS A 1 48  ? -0.162  4.948   15.480  1.00 28.26 ? 48  LYS A CD  1 
ATOM   410  C CE  . LYS A 1 48  ? 0.541   4.341   16.647  1.00 28.62 ? 48  LYS A CE  1 
ATOM   411  N NZ  . LYS A 1 48  ? -0.234  3.306   17.290  1.00 27.86 ? 48  LYS A NZ  1 
ATOM   412  N N   . TYR A 1 49  ? 2.380   7.202   11.905  1.00 27.12 ? 49  TYR A N   1 
ATOM   413  C CA  . TYR A 1 49  ? 3.708   6.854   11.575  1.00 27.61 ? 49  TYR A CA  1 
ATOM   414  C C   . TYR A 1 49  ? 4.160   7.859   10.489  1.00 30.64 ? 49  TYR A C   1 
ATOM   415  O O   . TYR A 1 49  ? 4.092   7.591   9.292   1.00 27.35 ? 49  TYR A O   1 
ATOM   416  C CB  . TYR A 1 49  ? 3.781   5.402   11.056  1.00 29.08 ? 49  TYR A CB  1 
ATOM   417  C CG  . TYR A 1 49  ? 3.481   4.342   12.111  1.00 30.72 ? 49  TYR A CG  1 
ATOM   418  C CD1 . TYR A 1 49  ? 2.171   3.897   12.343  1.00 30.26 ? 49  TYR A CD1 1 
ATOM   419  C CD2 . TYR A 1 49  ? 4.492   3.750   12.838  1.00 29.52 ? 49  TYR A CD2 1 
ATOM   420  C CE1 . TYR A 1 49  ? 1.897   2.953   13.317  1.00 29.18 ? 49  TYR A CE1 1 
ATOM   421  C CE2 . TYR A 1 49  ? 4.216   2.824   13.821  1.00 31.80 ? 49  TYR A CE2 1 
ATOM   422  C CZ  . TYR A 1 49  ? 2.897   2.429   14.059  1.00 30.20 ? 49  TYR A CZ  1 
ATOM   423  O OH  . TYR A 1 49  ? 2.630   1.450   15.022  1.00 31.26 ? 49  TYR A OH  1 
ATOM   424  N N   . SER A 1 50  ? 4.583   9.044   10.917  1.00 32.07 ? 50  SER A N   1 
ATOM   425  C CA  . SER A 1 50  ? 5.004   10.074  9.933   1.00 35.25 ? 50  SER A CA  1 
ATOM   426  C C   . SER A 1 50  ? 6.359   9.695   9.351   1.00 33.77 ? 50  SER A C   1 
ATOM   427  O O   . SER A 1 50  ? 6.762   10.259  8.346   1.00 42.31 ? 50  SER A O   1 
ATOM   428  C CB  . SER A 1 50  ? 5.062   11.462  10.577  1.00 41.22 ? 50  SER A CB  1 
ATOM   429  O OG  . SER A 1 50  ? 5.816   11.368  11.765  1.00 42.19 ? 50  SER A OG  1 
ATOM   430  N N   . ASN A 1 51  ? 7.026   8.725   9.969   1.00 30.49 ? 51  ASN A N   1 
ATOM   431  C CA  . ASN A 1 51  ? 8.281   8.126   9.521   1.00 37.22 ? 51  ASN A CA  1 
ATOM   432  C C   . ASN A 1 51  ? 8.208   7.092   8.347   1.00 37.48 ? 51  ASN A C   1 
ATOM   433  O O   . ASN A 1 51  ? 9.216   6.517   7.938   1.00 38.23 ? 51  ASN A O   1 
ATOM   434  C CB  . ASN A 1 51  ? 8.964   7.435   10.737  1.00 43.95 ? 51  ASN A CB  1 
ATOM   435  C CG  . ASN A 1 51  ? 7.987   6.557   11.597  1.00 44.59 ? 51  ASN A CG  1 
ATOM   436  O OD1 . ASN A 1 51  ? 6.902   6.992   11.991  1.00 36.72 ? 51  ASN A OD1 1 
ATOM   437  N ND2 . ASN A 1 51  ? 8.404   5.335   11.903  1.00 43.05 ? 51  ASN A ND2 1 
ATOM   438  N N   . VAL A 1 52  ? 6.986   6.761   7.938   1.00 32.15 ? 52  VAL A N   1 
ATOM   439  C CA  . VAL A 1 52  ? 6.724   5.597   7.025   1.00 28.62 ? 52  VAL A CA  1 
ATOM   440  C C   . VAL A 1 52  ? 5.889   6.265   5.930   1.00 28.45 ? 52  VAL A C   1 
ATOM   441  O O   . VAL A 1 52  ? 5.097   7.170   6.191   1.00 26.83 ? 52  VAL A O   1 
ATOM   442  C CB  . VAL A 1 52  ? 5.910   4.413   7.742   1.00 26.63 ? 52  VAL A CB  1 
ATOM   443  C CG1 . VAL A 1 52  ? 5.348   3.352   6.732   1.00 27.29 ? 52  VAL A CG1 1 
ATOM   444  C CG2 . VAL A 1 52  ? 6.749   3.658   8.743   1.00 28.79 ? 52  VAL A CG2 1 
ATOM   445  N N   . ILE A 1 53  ? 6.054   5.790   4.686   1.00 24.97 ? 53  ILE A N   1 
ATOM   446  C CA  . ILE A 1 53  ? 5.328   6.313   3.556   1.00 24.44 ? 53  ILE A CA  1 
ATOM   447  C C   . ILE A 1 53  ? 4.239   5.330   3.174   1.00 22.46 ? 53  ILE A C   1 
ATOM   448  O O   . ILE A 1 53  ? 4.513   4.116   3.148   1.00 23.36 ? 53  ILE A O   1 
ATOM   449  C CB  . ILE A 1 53  ? 6.304   6.458   2.362   1.00 25.75 ? 53  ILE A CB  1 
ATOM   450  C CG1 . ILE A 1 53  ? 7.360   7.533   2.679   1.00 28.65 ? 53  ILE A CG1 1 
ATOM   451  C CG2 . ILE A 1 53  ? 5.615   6.734   1.051   1.00 24.68 ? 53  ILE A CG2 1 
ATOM   452  C CD1 . ILE A 1 53  ? 8.441   7.612   1.645   1.00 32.50 ? 53  ILE A CD1 1 
ATOM   453  N N   . PHE A 1 54  ? 3.075   5.910   3.029   1.00 20.77 ? 54  PHE A N   1 
ATOM   454  C CA  . PHE A 1 54  ? 1.777   5.182   2.707   1.00 21.52 ? 54  PHE A CA  1 
ATOM   455  C C   . PHE A 1 54  ? 1.272   5.634   1.329   1.00 22.10 ? 54  PHE A C   1 
ATOM   456  O O   . PHE A 1 54  ? 0.938   6.820   1.103   1.00 22.73 ? 54  PHE A O   1 
ATOM   457  C CB  . PHE A 1 54  ? 0.690   5.436   3.765   1.00 22.38 ? 54  PHE A CB  1 
ATOM   458  C CG  . PHE A 1 54  ? 1.064   4.903   5.135   1.00 24.30 ? 54  PHE A CG  1 
ATOM   459  C CD1 . PHE A 1 54  ? 1.972   5.580   5.950   1.00 23.70 ? 54  PHE A CD1 1 
ATOM   460  C CD2 . PHE A 1 54  ? 0.569   3.708   5.594   1.00 26.25 ? 54  PHE A CD2 1 
ATOM   461  C CE1 . PHE A 1 54  ? 2.351   5.059   7.211   1.00 24.67 ? 54  PHE A CE1 1 
ATOM   462  C CE2 . PHE A 1 54  ? 0.954   3.166   6.839   1.00 27.86 ? 54  PHE A CE2 1 
ATOM   463  C CZ  . PHE A 1 54  ? 1.845   3.845   7.655   1.00 26.17 ? 54  PHE A CZ  1 
ATOM   464  N N   . LEU A 1 55  ? 1.035   4.614   0.477   1.00 24.04 ? 55  LEU A N   1 
ATOM   465  C CA  . LEU A 1 55  ? 0.482   4.836   -0.868  1.00 23.89 ? 55  LEU A CA  1 
ATOM   466  C C   . LEU A 1 55  ? -0.806  4.006   -1.039  1.00 21.71 ? 55  LEU A C   1 
ATOM   467  O O   . LEU A 1 55  ? -0.944  2.926   -0.462  1.00 18.63 ? 55  LEU A O   1 
ATOM   468  C CB  . LEU A 1 55  ? 1.461   4.396   -2.001  1.00 24.76 ? 55  LEU A CB  1 
ATOM   469  C CG  . LEU A 1 55  ? 2.997   4.594   -1.908  1.00 31.98 ? 55  LEU A CG  1 
ATOM   470  C CD1 . LEU A 1 55  ? 3.900   4.062   -2.974  1.00 32.10 ? 55  LEU A CD1 1 
ATOM   471  C CD2 . LEU A 1 55  ? 3.190   6.039   -1.796  1.00 33.07 ? 55  LEU A CD2 1 
ATOM   472  N N   A GLU A 1 56  ? -1.706  4.510   -1.846  0.33 19.56 ? 56  GLU A N   1 
ATOM   473  N N   B GLU A 1 56  ? -1.714  4.515   -1.843  0.33 19.13 ? 56  GLU A N   1 
ATOM   474  N N   C GLU A 1 56  ? -1.729  4.534   -1.818  0.33 20.67 ? 56  GLU A N   1 
ATOM   475  C CA  A GLU A 1 56  ? -2.884  3.766   -2.243  0.33 20.48 ? 56  GLU A CA  1 
ATOM   476  C CA  B GLU A 1 56  ? -2.924  3.793   -2.236  0.33 19.73 ? 56  GLU A CA  1 
ATOM   477  C CA  C GLU A 1 56  ? -2.949  3.834   -2.230  0.33 22.10 ? 56  GLU A CA  1 
ATOM   478  C C   A GLU A 1 56  ? -2.882  3.624   -3.759  0.33 19.98 ? 56  GLU A C   1 
ATOM   479  C C   B GLU A 1 56  ? -2.969  3.643   -3.762  0.33 19.79 ? 56  GLU A C   1 
ATOM   480  C C   C GLU A 1 56  ? -2.860  3.626   -3.754  0.33 20.81 ? 56  GLU A C   1 
ATOM   481  O O   A GLU A 1 56  ? -2.657  4.601   -4.492  0.33 19.27 ? 56  GLU A O   1 
ATOM   482  O O   B GLU A 1 56  ? -2.884  4.635   -4.505  0.33 19.28 ? 56  GLU A O   1 
ATOM   483  O O   C GLU A 1 56  ? -2.525  4.569   -4.490  0.33 19.67 ? 56  GLU A O   1 
ATOM   484  C CB  A GLU A 1 56  ? -4.184  4.440   -1.789  0.33 21.47 ? 56  GLU A CB  1 
ATOM   485  C CB  B GLU A 1 56  ? -4.219  4.477   -1.749  0.33 20.22 ? 56  GLU A CB  1 
ATOM   486  C CB  C GLU A 1 56  ? -4.239  4.634   -1.902  0.33 24.93 ? 56  GLU A CB  1 
ATOM   487  C CG  A GLU A 1 56  ? -4.320  4.578   -0.281  0.33 23.42 ? 56  GLU A CG  1 
ATOM   488  C CG  B GLU A 1 56  ? -5.498  3.739   -2.138  0.33 20.75 ? 56  GLU A CG  1 
ATOM   489  C CG  C GLU A 1 56  ? -4.790  4.502   -0.480  0.33 27.89 ? 56  GLU A CG  1 
ATOM   490  C CD  A GLU A 1 56  ? -5.273  3.573   0.323   0.33 23.33 ? 56  GLU A CD  1 
ATOM   491  C CD  B GLU A 1 56  ? -6.799  4.518   -1.849  0.33 21.94 ? 56  GLU A CD  1 
ATOM   492  C CD  C GLU A 1 56  ? -5.868  5.536   -0.145  0.33 29.66 ? 56  GLU A CD  1 
ATOM   493  O OE1 A GLU A 1 56  ? -5.488  2.541   -0.313  0.33 26.22 ? 56  GLU A OE1 1 
ATOM   494  O OE1 B GLU A 1 56  ? -7.147  4.756   -0.672  0.33 21.33 ? 56  GLU A OE1 1 
ATOM   495  O OE1 C GLU A 1 56  ? -6.782  5.766   -0.976  0.33 29.98 ? 56  GLU A OE1 1 
ATOM   496  O OE2 A GLU A 1 56  ? -5.828  3.836   1.407   0.33 26.45 ? 56  GLU A OE2 1 
ATOM   497  O OE2 B GLU A 1 56  ? -7.476  4.926   -2.811  0.33 24.85 ? 56  GLU A OE2 1 
ATOM   498  O OE2 C GLU A 1 56  ? -5.804  6.124   0.953   0.33 31.80 ? 56  GLU A OE2 1 
ATOM   499  N N   . VAL A 1 57  ? -3.151  2.396   -4.210  1.00 20.04 ? 57  VAL A N   1 
ATOM   500  C CA  . VAL A 1 57  ? -3.239  2.071   -5.657  1.00 21.26 ? 57  VAL A CA  1 
ATOM   501  C C   . VAL A 1 57  ? -4.609  1.416   -5.857  1.00 19.90 ? 57  VAL A C   1 
ATOM   502  O O   . VAL A 1 57  ? -4.899  0.351   -5.294  1.00 21.07 ? 57  VAL A O   1 
ATOM   503  C CB  . VAL A 1 57  ? -2.061  1.130   -6.138  1.00 20.12 ? 57  VAL A CB  1 
ATOM   504  C CG1 . VAL A 1 57  ? -2.301  0.583   -7.573  1.00 23.55 ? 57  VAL A CG1 1 
ATOM   505  C CG2 . VAL A 1 57  ? -0.714  1.755   -5.921  1.00 22.68 ? 57  VAL A CG2 1 
ATOM   506  N N   . ASP A 1 58  ? -5.467  2.031   -6.681  1.00 20.33 ? 58  ASP A N   1 
ATOM   507  C CA  . ASP A 1 58  ? -6.766  1.454   -7.056  1.00 21.26 ? 58  ASP A CA  1 
ATOM   508  C C   . ASP A 1 58  ? -6.506  0.623   -8.306  1.00 22.22 ? 58  ASP A C   1 
ATOM   509  O O   . ASP A 1 58  ? -6.019  1.141   -9.285  1.00 22.96 ? 58  ASP A O   1 
ATOM   510  C CB  . ASP A 1 58  ? -7.854  2.502   -7.425  1.00 26.59 ? 58  ASP A CB  1 
ATOM   511  C CG  . ASP A 1 58  ? -9.206  1.826   -7.894  1.00 32.62 ? 58  ASP A CG  1 
ATOM   512  O OD1 . ASP A 1 58  ? -9.296  1.293   -9.018  1.00 35.58 ? 58  ASP A OD1 1 
ATOM   513  O OD2 . ASP A 1 58  ? -10.215 1.780   -7.126  1.00 40.71 ? 58  ASP A OD2 1 
ATOM   514  N N   . VAL A 1 59  ? -6.766  -0.661  -8.214  1.00 22.92 ? 59  VAL A N   1 
ATOM   515  C CA  . VAL A 1 59  ? -6.409  -1.629  -9.252  1.00 23.74 ? 59  VAL A CA  1 
ATOM   516  C C   . VAL A 1 59  ? -7.092  -1.418  -10.600 1.00 27.85 ? 59  VAL A C   1 
ATOM   517  O O   . VAL A 1 59  ? -6.514  -1.817  -11.624 1.00 27.73 ? 59  VAL A O   1 
ATOM   518  C CB  . VAL A 1 59  ? -6.603  -3.091  -8.769  1.00 24.90 ? 59  VAL A CB  1 
ATOM   519  C CG1 . VAL A 1 59  ? -5.645  -3.420  -7.592  1.00 27.41 ? 59  VAL A CG1 1 
ATOM   520  C CG2 . VAL A 1 59  ? -8.067  -3.376  -8.396  1.00 24.86 ? 59  VAL A CG2 1 
ATOM   521  N N   A ASP A 1 60  ? -8.260  -0.777  -10.612 0.50 25.68 ? 60  ASP A N   1 
ATOM   522  N N   B ASP A 1 60  ? -8.276  -0.797  -10.625 0.50 27.14 ? 60  ASP A N   1 
ATOM   523  C CA  A ASP A 1 60  ? -8.948  -0.515  -11.868 0.50 27.11 ? 60  ASP A CA  1 
ATOM   524  C CA  B ASP A 1 60  ? -8.902  -0.474  -11.911 0.50 29.49 ? 60  ASP A CA  1 
ATOM   525  C C   A ASP A 1 60  ? -8.434  0.803   -12.500 0.50 29.08 ? 60  ASP A C   1 
ATOM   526  C C   B ASP A 1 60  ? -8.229  0.725   -12.535 0.50 29.93 ? 60  ASP A C   1 
ATOM   527  O O   A ASP A 1 60  ? -8.648  1.066   -13.704 0.50 32.15 ? 60  ASP A O   1 
ATOM   528  O O   B ASP A 1 60  ? -8.142  0.840   -13.764 0.50 32.58 ? 60  ASP A O   1 
ATOM   529  C CB  A ASP A 1 60  ? -10.471 -0.534  -11.606 0.50 27.73 ? 60  ASP A CB  1 
ATOM   530  C CB  B ASP A 1 60  ? -10.386 -0.165  -11.743 0.50 32.34 ? 60  ASP A CB  1 
ATOM   531  C CG  A ASP A 1 60  ? -10.996 -1.939  -11.196 0.50 26.95 ? 60  ASP A CG  1 
ATOM   532  C CG  B ASP A 1 60  ? -11.070 0.104   -13.072 0.50 34.36 ? 60  ASP A CG  1 
ATOM   533  O OD1 A ASP A 1 60  ? -10.974 -2.848  -12.065 0.50 30.72 ? 60  ASP A OD1 1 
ATOM   534  O OD1 B ASP A 1 60  ? -11.170 -0.831  -13.898 0.50 38.14 ? 60  ASP A OD1 1 
ATOM   535  O OD2 A ASP A 1 60  ? -11.461 -2.164  -10.045 0.50 27.47 ? 60  ASP A OD2 1 
ATOM   536  O OD2 B ASP A 1 60  ? -11.475 1.263   -13.286 0.50 36.84 ? 60  ASP A OD2 1 
ATOM   537  N N   . ASP A 1 61  ? -7.786  1.653   -11.709 1.00 28.05 ? 61  ASP A N   1 
ATOM   538  C CA  . ASP A 1 61  ? -7.070  2.840   -12.215 1.00 27.96 ? 61  ASP A CA  1 
ATOM   539  C C   . ASP A 1 61  ? -5.684  2.529   -12.791 1.00 33.13 ? 61  ASP A C   1 
ATOM   540  O O   . ASP A 1 61  ? -5.151  3.223   -13.623 1.00 33.39 ? 61  ASP A O   1 
ATOM   541  C CB  . ASP A 1 61  ? -6.794  3.781   -11.051 1.00 30.22 ? 61  ASP A CB  1 
ATOM   542  C CG  . ASP A 1 61  ? -7.918  4.671   -10.697 1.00 30.58 ? 61  ASP A CG  1 
ATOM   543  O OD1 . ASP A 1 61  ? -8.975  4.694   -11.334 1.00 28.69 ? 61  ASP A OD1 1 
ATOM   544  O OD2 . ASP A 1 61  ? -7.680  5.357   -9.704  1.00 28.05 ? 61  ASP A OD2 1 
HETATM 545  N N   . SNC A 1 62  ? -5.060  1.489   -12.240 1.00 28.15 ? 62  SNC A N   1 
HETATM 546  C CA  . SNC A 1 62  ? -3.659  1.243   -12.417 1.00 30.10 ? 62  SNC A CA  1 
HETATM 547  C CB  . SNC A 1 62  ? -2.898  1.513   -11.120 1.00 30.42 ? 62  SNC A CB  1 
HETATM 548  S SG  . SNC A 1 62  ? -2.910  3.222   -10.632 1.00 36.68 ? 62  SNC A SG  1 
HETATM 549  N ND  . SNC A 1 62  ? -1.317  3.771   -11.092 1.00 37.44 ? 62  SNC A ND  1 
HETATM 550  O OE  . SNC A 1 62  ? -0.668  2.929   -11.611 1.00 54.41 ? 62  SNC A OE  1 
HETATM 551  C C   . SNC A 1 62  ? -3.566  -0.233  -12.690 1.00 27.37 ? 62  SNC A C   1 
HETATM 552  O O   . SNC A 1 62  ? -2.881  -0.962  -11.923 1.00 27.96 ? 62  SNC A O   1 
ATOM   553  N N   . GLN A 1 63  ? -4.151  -0.646  -13.803 1.00 26.74 ? 63  GLN A N   1 
ATOM   554  C CA  . GLN A 1 63  ? -4.210  -2.077  -14.138 1.00 28.49 ? 63  GLN A CA  1 
ATOM   555  C C   . GLN A 1 63  ? -2.833  -2.670  -14.416 1.00 28.40 ? 63  GLN A C   1 
ATOM   556  O O   . GLN A 1 63  ? -2.584  -3.847  -14.059 1.00 29.19 ? 63  GLN A O   1 
ATOM   557  C CB  . GLN A 1 63  ? -5.166  -2.347  -15.293 1.00 30.59 ? 63  GLN A CB  1 
ATOM   558  C CG  . GLN A 1 63  ? -6.604  -2.163  -14.895 1.00 38.76 ? 63  GLN A CG  1 
ATOM   559  C CD  . GLN A 1 63  ? -7.527  -2.340  -16.070 1.00 54.42 ? 63  GLN A CD  1 
ATOM   560  O OE1 . GLN A 1 63  ? -7.088  -2.584  -17.196 1.00 55.08 ? 63  GLN A OE1 1 
ATOM   561  N NE2 . GLN A 1 63  ? -8.825  -2.228  -15.814 1.00 67.40 ? 63  GLN A NE2 1 
ATOM   562  N N   . ASP A 1 64  ? -1.964  -1.874  -15.064 1.00 27.25 ? 64  ASP A N   1 
ATOM   563  C CA  . ASP A 1 64  ? -0.569  -2.271  -15.275 1.00 28.14 ? 64  ASP A CA  1 
ATOM   564  C C   . ASP A 1 64  ? 0.218   -2.528  -13.972 1.00 26.86 ? 64  ASP A C   1 
ATOM   565  O O   . ASP A 1 64  ? 0.889   -3.547  -13.796 1.00 26.78 ? 64  ASP A O   1 
ATOM   566  C CB  . ASP A 1 64  ? 0.166   -1.237  -16.171 1.00 33.29 ? 64  ASP A CB  1 
ATOM   567  C CG  . ASP A 1 64  ? 0.199   0.239   -15.559 1.00 36.52 ? 64  ASP A CG  1 
ATOM   568  O OD1 . ASP A 1 64  ? -0.626  0.703   -14.621 1.00 38.96 ? 64  ASP A OD1 1 
ATOM   569  O OD2 . ASP A 1 64  ? 1.120   0.926   -16.073 1.00 43.49 ? 64  ASP A OD2 1 
ATOM   570  N N   . VAL A 1 65  ? 0.116   -1.564  -13.049 1.00 24.95 ? 65  VAL A N   1 
ATOM   571  C CA  . VAL A 1 65  ? 0.759   -1.689  -11.784 1.00 23.31 ? 65  VAL A CA  1 
ATOM   572  C C   . VAL A 1 65  ? 0.146   -2.920  -11.031 1.00 24.65 ? 65  VAL A C   1 
ATOM   573  O O   . VAL A 1 65  ? 0.889   -3.713  -10.446 1.00 23.30 ? 65  VAL A O   1 
ATOM   574  C CB  . VAL A 1 65  ? 0.693   -0.353  -10.985 1.00 25.48 ? 65  VAL A CB  1 
ATOM   575  C CG1 . VAL A 1 65  ? 1.228   -0.485  -9.542  1.00 27.26 ? 65  VAL A CG1 1 
ATOM   576  C CG2 . VAL A 1 65  ? 1.463   0.756   -11.696 1.00 27.78 ? 65  VAL A CG2 1 
ATOM   577  N N   . ALA A 1 66  ? -1.183  -3.046  -11.058 1.00 25.16 ? 66  ALA A N   1 
ATOM   578  C CA  . ALA A 1 66  ? -1.861  -4.143  -10.411 1.00 23.38 ? 66  ALA A CA  1 
ATOM   579  C C   . ALA A 1 66  ? -1.374  -5.522  -10.959 1.00 25.81 ? 66  ALA A C   1 
ATOM   580  O O   . ALA A 1 66  ? -0.996  -6.436  -10.179 1.00 23.09 ? 66  ALA A O   1 
ATOM   581  C CB  . ALA A 1 66  ? -3.349  -3.989  -10.515 1.00 24.45 ? 66  ALA A CB  1 
ATOM   582  N N   A SER A 1 67  ? -1.375  -5.627  -12.286 0.50 24.39 ? 67  SER A N   1 
ATOM   583  N N   B SER A 1 67  ? -1.360  -5.638  -12.284 0.50 24.30 ? 67  SER A N   1 
ATOM   584  C CA  A SER A 1 67  ? -0.889  -6.817  -12.964 0.50 25.90 ? 67  SER A CA  1 
ATOM   585  C CA  B SER A 1 67  ? -0.870  -6.841  -12.953 0.50 25.57 ? 67  SER A CA  1 
ATOM   586  C C   A SER A 1 67  ? 0.563   -7.097  -12.604 0.50 25.52 ? 67  SER A C   1 
ATOM   587  C C   B SER A 1 67  ? 0.581   -7.109  -12.611 0.50 25.45 ? 67  SER A C   1 
ATOM   588  O O   A SER A 1 67  ? 0.897   -8.243  -12.204 0.50 25.41 ? 67  SER A O   1 
ATOM   589  O O   B SER A 1 67  ? 0.936   -8.252  -12.228 0.50 25.22 ? 67  SER A O   1 
ATOM   590  C CB  A SER A 1 67  ? -1.001  -6.618  -14.480 0.50 25.20 ? 67  SER A CB  1 
ATOM   591  C CB  B SER A 1 67  ? -1.025  -6.652  -14.463 0.50 24.88 ? 67  SER A CB  1 
ATOM   592  O OG  A SER A 1 67  ? -0.608  -7.817  -15.101 0.50 27.34 ? 67  SER A OG  1 
ATOM   593  O OG  B SER A 1 67  ? -2.388  -6.766  -14.773 0.50 26.52 ? 67  SER A OG  1 
ATOM   594  N N   . GLU A 1 68  ? 1.418   -6.074  -12.754 1.00 24.86 ? 68  GLU A N   1 
ATOM   595  C CA  . GLU A 1 68  ? 2.888   -6.231  -12.497 1.00 25.39 ? 68  GLU A CA  1 
ATOM   596  C C   . GLU A 1 68  ? 3.185   -6.625  -11.027 1.00 26.90 ? 68  GLU A C   1 
ATOM   597  O O   . GLU A 1 68  ? 4.123   -7.431  -10.726 1.00 30.13 ? 68  GLU A O   1 
ATOM   598  C CB  . GLU A 1 68  ? 3.673   -5.014  -12.950 1.00 28.11 ? 68  GLU A CB  1 
ATOM   599  C CG  . GLU A 1 68  ? 3.628   -4.909  -14.467 1.00 34.10 ? 68  GLU A CG  1 
ATOM   600  C CD  . GLU A 1 68  ? 4.089   -3.557  -15.039 1.00 39.00 ? 68  GLU A CD  1 
ATOM   601  O OE1 . GLU A 1 68  ? 4.791   -2.773  -14.348 1.00 40.66 ? 68  GLU A OE1 1 
ATOM   602  O OE2 . GLU A 1 68  ? 3.743   -3.296  -16.213 1.00 44.39 ? 68  GLU A OE2 1 
ATOM   603  N N   . SER A 1 69  ? 2.330   -6.162  -10.120 1.00 24.39 ? 69  SER A N   1 
ATOM   604  C CA  . SER A 1 69  ? 2.525   -6.437  -8.708  1.00 26.93 ? 69  SER A CA  1 
ATOM   605  C C   . SER A 1 69  ? 1.995   -7.817  -8.276  1.00 25.35 ? 69  SER A C   1 
ATOM   606  O O   . SER A 1 69  ? 2.178   -8.238  -7.104  1.00 24.60 ? 69  SER A O   1 
ATOM   607  C CB  . SER A 1 69  ? 1.938   -5.295  -7.897  1.00 27.94 ? 69  SER A CB  1 
ATOM   608  O OG  . SER A 1 69  ? 2.640   -4.043  -8.237  1.00 29.51 ? 69  SER A OG  1 
ATOM   609  N N   . GLU A 1 70  ? 1.315   -8.539  -9.184  1.00 27.06 ? 70  GLU A N   1 
ATOM   610  C CA  . GLU A 1 70  ? 0.794   -9.880  -8.962  1.00 28.52 ? 70  GLU A CA  1 
ATOM   611  C C   . GLU A 1 70  ? -0.209  -9.913  -7.831  1.00 26.23 ? 70  GLU A C   1 
ATOM   612  O O   . GLU A 1 70  ? -0.355  -10.868 -7.120  1.00 27.40 ? 70  GLU A O   1 
ATOM   613  C CB  . GLU A 1 70  ? 1.925   -10.881 -8.798  1.00 32.16 ? 70  GLU A CB  1 
ATOM   614  C CG  . GLU A 1 70  ? 2.723   -10.920 -10.095 1.00 35.86 ? 70  GLU A CG  1 
ATOM   615  C CD  . GLU A 1 70  ? 3.932   -11.837 -10.085 1.00 45.47 ? 70  GLU A CD  1 
ATOM   616  O OE1 . GLU A 1 70  ? 4.351   -12.300 -9.023  1.00 50.72 ? 70  GLU A OE1 1 
ATOM   617  O OE2 . GLU A 1 70  ? 4.503   -12.024 -11.168 1.00 58.69 ? 70  GLU A OE2 1 
ATOM   618  N N   . VAL A 1 71  ? -0.934  -8.816  -7.709  1.00 27.83 ? 71  VAL A N   1 
ATOM   619  C CA  . VAL A 1 71  ? -2.026  -8.726  -6.784  1.00 29.01 ? 71  VAL A CA  1 
ATOM   620  C C   . VAL A 1 71  ? -3.133  -9.745  -7.131  1.00 26.33 ? 71  VAL A C   1 
ATOM   621  O O   . VAL A 1 71  ? -3.475  -9.871  -8.343  1.00 26.53 ? 71  VAL A O   1 
ATOM   622  C CB  . VAL A 1 71  ? -2.586  -7.267  -6.845  1.00 29.66 ? 71  VAL A CB  1 
ATOM   623  C CG1 . VAL A 1 71  ? -3.845  -7.141  -6.041  1.00 29.75 ? 71  VAL A CG1 1 
ATOM   624  C CG2 . VAL A 1 71  ? -1.506  -6.285  -6.402  1.00 32.29 ? 71  VAL A CG2 1 
ATOM   625  N N   . LYS A 1 72  ? -3.628  -10.439 -6.093  1.00 24.97 ? 72  LYS A N   1 
ATOM   626  C CA  . LYS A 1 72  ? -4.707  -11.467 -6.212  1.00 28.94 ? 72  LYS A CA  1 
ATOM   627  C C   . LYS A 1 72  ? -5.941  -11.246 -5.342  1.00 31.80 ? 72  LYS A C   1 
ATOM   628  O O   . LYS A 1 72  ? -7.067  -11.352 -5.822  1.00 30.56 ? 72  LYS A O   1 
ATOM   629  C CB  . LYS A 1 72  ? -4.226  -12.936 -6.016  1.00 30.74 ? 72  LYS A CB  1 
ATOM   630  C CG  . LYS A 1 72  ? -3.209  -13.281 -4.987  1.00 41.48 ? 72  LYS A CG  1 
ATOM   631  C CD  . LYS A 1 72  ? -2.593  -14.633 -5.366  1.00 45.18 ? 72  LYS A CD  1 
ATOM   632  C CE  . LYS A 1 72  ? -2.441  -14.743 -6.888  1.00 47.96 ? 72  LYS A CE  1 
ATOM   633  N NZ  . LYS A 1 72  ? -1.468  -15.762 -7.366  1.00 55.46 ? 72  LYS A NZ  1 
ATOM   634  N N   A SER A 1 73  ? -5.751  -11.096 -4.016  0.50 31.12 ? 73  SER A N   1 
ATOM   635  N N   B SER A 1 73  ? -5.701  -10.897 -4.094  0.50 30.00 ? 73  SER A N   1 
ATOM   636  C CA  A SER A 1 73  ? -6.853  -10.802 -3.069  0.50 29.64 ? 73  SER A CA  1 
ATOM   637  C CA  B SER A 1 73  ? -6.781  -10.535 -3.263  0.50 27.32 ? 73  SER A CA  1 
ATOM   638  C C   A SER A 1 73  ? -6.877  -9.301  -2.643  0.50 28.87 ? 73  SER A C   1 
ATOM   639  C C   B SER A 1 73  ? -6.903  -9.014  -3.067  0.50 24.67 ? 73  SER A C   1 
ATOM   640  O O   A SER A 1 73  ? -5.804  -8.797  -2.269  0.50 25.52 ? 73  SER A O   1 
ATOM   641  O O   B SER A 1 73  ? -6.011  -8.163  -3.355  0.50 19.63 ? 73  SER A O   1 
ATOM   642  C CB  A SER A 1 73  ? -6.751  -11.670 -1.793  0.50 28.00 ? 73  SER A CB  1 
ATOM   643  C CB  B SER A 1 73  ? -6.730  -11.276 -1.922  0.50 26.30 ? 73  SER A CB  1 
ATOM   644  O OG  A SER A 1 73  ? -6.234  -12.964 -2.062  0.50 32.82 ? 73  SER A OG  1 
ATOM   645  O OG  B SER A 1 73  ? -8.046  -11.519 -1.496  0.50 30.86 ? 73  SER A OG  1 
ATOM   646  N N   . MET A 1 74  ? -8.092  -8.687  -2.617  1.00 24.14 ? 74  MET A N   1 
ATOM   647  C CA  . MET A 1 74  ? -8.379  -7.248  -2.286  1.00 25.91 ? 74  MET A CA  1 
ATOM   648  C C   . MET A 1 74  ? -8.810  -7.237  -0.761  1.00 24.16 ? 74  MET A C   1 
ATOM   649  O O   . MET A 1 74  ? -9.659  -8.046  -0.372  1.00 23.96 ? 74  MET A O   1 
ATOM   650  C CB  . MET A 1 74  ? -9.537  -6.717  -3.183  1.00 28.60 ? 74  MET A CB  1 
ATOM   651  C CG  . MET A 1 74  ? -9.239  -6.491  -4.722  1.00 31.25 ? 74  MET A CG  1 
ATOM   652  S SD  . MET A 1 74  ? -7.999  -5.141  -4.954  1.00 28.68 ? 74  MET A SD  1 
ATOM   653  C CE  . MET A 1 74  ? -6.473  -6.031  -4.994  1.00 33.00 ? 74  MET A CE  1 
ATOM   654  N N   . PRO A 1 75  ? -8.226  -6.338  0.082   1.00 20.80 ? 75  PRO A N   1 
ATOM   655  C CA  . PRO A 1 75  ? -7.018  -5.555  -0.269  1.00 21.28 ? 75  PRO A CA  1 
ATOM   656  C C   . PRO A 1 75  ? -5.715  -6.375  -0.149  1.00 21.25 ? 75  PRO A C   1 
ATOM   657  O O   . PRO A 1 75  ? -5.648  -7.344  0.663   1.00 23.14 ? 75  PRO A O   1 
ATOM   658  C CB  . PRO A 1 75  ? -6.989  -4.499  0.830   1.00 20.86 ? 75  PRO A CB  1 
ATOM   659  C CG  . PRO A 1 75  ? -7.609  -5.195  2.076   1.00 21.39 ? 75  PRO A CG  1 
ATOM   660  C CD  . PRO A 1 75  ? -8.668  -6.089  1.486   1.00 21.23 ? 75  PRO A CD  1 
ATOM   661  N N   . THR A 1 76  ? -4.661  -5.939  -0.837  1.00 19.27 ? 76  THR A N   1 
ATOM   662  C CA  . THR A 1 76  ? -3.342  -6.438  -0.627  1.00 18.93 ? 76  THR A CA  1 
ATOM   663  C C   . THR A 1 76  ? -2.472  -5.298  -0.141  1.00 20.65 ? 76  THR A C   1 
ATOM   664  O O   . THR A 1 76  ? -2.542  -4.191  -0.667  1.00 20.74 ? 76  THR A O   1 
ATOM   665  C CB  . THR A 1 76  ? -2.725  -7.039  -1.888  1.00 21.78 ? 76  THR A CB  1 
ATOM   666  O OG1 . THR A 1 76  ? -3.427  -8.243  -2.231  1.00 23.09 ? 76  THR A OG1 1 
ATOM   667  C CG2 . THR A 1 76  ? -1.189  -7.337  -1.752  1.00 23.12 ? 76  THR A CG2 1 
ATOM   668  N N   . PHE A 1 77  ? -1.698  -5.584  0.890   1.00 18.57 ? 77  PHE A N   1 
ATOM   669  C CA  . PHE A 1 77  ? -0.711  -4.665  1.390   1.00 18.01 ? 77  PHE A CA  1 
ATOM   670  C C   . PHE A 1 77  ? 0.685   -5.183  0.990   1.00 20.05 ? 77  PHE A C   1 
ATOM   671  O O   . PHE A 1 77  ? 1.021   -6.295  1.353   1.00 19.95 ? 77  PHE A O   1 
ATOM   672  C CB  . PHE A 1 77  ? -0.818  -4.471  2.925   1.00 18.79 ? 77  PHE A CB  1 
ATOM   673  C CG  . PHE A 1 77  ? -2.126  -3.936  3.338   1.00 17.16 ? 77  PHE A CG  1 
ATOM   674  C CD1 . PHE A 1 77  ? -2.432  -2.565  3.181   1.00 17.14 ? 77  PHE A CD1 1 
ATOM   675  C CD2 . PHE A 1 77  ? -3.175  -4.758  3.684   1.00 17.04 ? 77  PHE A CD2 1 
ATOM   676  C CE1 . PHE A 1 77  ? -3.662  -2.051  3.467   1.00 18.38 ? 77  PHE A CE1 1 
ATOM   677  C CE2 . PHE A 1 77  ? -4.392  -4.275  4.042   1.00 16.27 ? 77  PHE A CE2 1 
ATOM   678  C CZ  . PHE A 1 77  ? -4.678  -2.899  3.857   1.00 17.31 ? 77  PHE A CZ  1 
ATOM   679  N N   . GLN A 1 78  ? 1.427   -4.393  0.211   1.00 20.71 ? 78  GLN A N   1 
ATOM   680  C CA  . GLN A 1 78  ? 2.858   -4.684  -0.062  1.00 20.83 ? 78  GLN A CA  1 
ATOM   681  C C   . GLN A 1 78  ? 3.747   -3.663  0.632   1.00 20.83 ? 78  GLN A C   1 
ATOM   682  O O   . GLN A 1 78  ? 3.352   -2.490  0.797   1.00 22.15 ? 78  GLN A O   1 
ATOM   683  C CB  . GLN A 1 78  ? 3.159   -4.678  -1.569  1.00 21.45 ? 78  GLN A CB  1 
ATOM   684  C CG  . GLN A 1 78  ? 2.386   -5.742  -2.305  1.00 22.52 ? 78  GLN A CG  1 
ATOM   685  C CD  . GLN A 1 78  ? 2.776   -5.863  -3.759  1.00 23.08 ? 78  GLN A CD  1 
ATOM   686  O OE1 . GLN A 1 78  ? 3.372   -4.967  -4.329  1.00 25.98 ? 78  GLN A OE1 1 
ATOM   687  N NE2 . GLN A 1 78  ? 2.471   -6.985  -4.337  1.00 24.34 ? 78  GLN A NE2 1 
ATOM   688  N N   . PHE A 1 79  ? 4.941   -4.126  0.978   1.00 21.08 ? 79  PHE A N   1 
ATOM   689  C CA  . PHE A 1 79  ? 5.844   -3.331  1.789   1.00 21.20 ? 79  PHE A CA  1 
ATOM   690  C C   . PHE A 1 79  ? 7.176   -3.330  1.071   1.00 20.75 ? 79  PHE A C   1 
ATOM   691  O O   . PHE A 1 79  ? 7.665   -4.361  0.596   1.00 23.39 ? 79  PHE A O   1 
ATOM   692  C CB  . PHE A 1 79  ? 6.003   -4.134  3.149   1.00 23.06 ? 79  PHE A CB  1 
ATOM   693  C CG  . PHE A 1 79  ? 4.714   -4.198  3.933   1.00 22.40 ? 79  PHE A CG  1 
ATOM   694  C CD1 . PHE A 1 79  ? 3.771   -5.176  3.615   1.00 22.57 ? 79  PHE A CD1 1 
ATOM   695  C CD2 . PHE A 1 79  ? 4.435   -3.280  4.930   1.00 23.08 ? 79  PHE A CD2 1 
ATOM   696  C CE1 . PHE A 1 79  ? 2.593   -5.250  4.292   1.00 23.51 ? 79  PHE A CE1 1 
ATOM   697  C CE2 . PHE A 1 79  ? 3.227   -3.364  5.631   1.00 23.69 ? 79  PHE A CE2 1 
ATOM   698  C CZ  . PHE A 1 79  ? 2.321   -4.325  5.290   1.00 23.58 ? 79  PHE A CZ  1 
ATOM   699  N N   . PHE A 1 80  ? 7.696   -2.152  0.999   1.00 22.42 ? 80  PHE A N   1 
ATOM   700  C CA  . PHE A 1 80  ? 9.009   -1.916  0.320   1.00 27.37 ? 80  PHE A CA  1 
ATOM   701  C C   . PHE A 1 80  ? 10.009  -1.122  1.152   1.00 26.39 ? 80  PHE A C   1 
ATOM   702  O O   . PHE A 1 80  ? 9.645   -0.217  1.939   1.00 26.33 ? 80  PHE A O   1 
ATOM   703  C CB  . PHE A 1 80  ? 8.794   -1.187  -0.990  1.00 25.46 ? 80  PHE A CB  1 
ATOM   704  C CG  . PHE A 1 80  ? 7.878   -1.880  -1.949  1.00 27.41 ? 80  PHE A CG  1 
ATOM   705  C CD1 . PHE A 1 80  ? 6.478   -1.791  -1.818  1.00 29.06 ? 80  PHE A CD1 1 
ATOM   706  C CD2 . PHE A 1 80  ? 8.405   -2.556  -3.052  1.00 28.28 ? 80  PHE A CD2 1 
ATOM   707  C CE1 . PHE A 1 80  ? 5.656   -2.422  -2.717  1.00 27.58 ? 80  PHE A CE1 1 
ATOM   708  C CE2 . PHE A 1 80  ? 7.580   -3.216  -3.938  1.00 27.26 ? 80  PHE A CE2 1 
ATOM   709  C CZ  . PHE A 1 80  ? 6.197   -3.102  -3.766  1.00 27.96 ? 80  PHE A CZ  1 
ATOM   710  N N   A LYS A 1 81  ? 11.282  -1.463  0.982   0.33 28.08 ? 81  LYS A N   1 
ATOM   711  N N   B LYS A 1 81  ? 11.275  -1.520  0.964   0.33 27.82 ? 81  LYS A N   1 
ATOM   712  N N   C LYS A 1 81  ? 11.271  -1.454  0.960   0.33 28.12 ? 81  LYS A N   1 
ATOM   713  C CA  A LYS A 1 81  ? 12.392  -0.665  1.526   0.33 30.88 ? 81  LYS A CA  1 
ATOM   714  C CA  B LYS A 1 81  ? 12.481  -0.849  1.485   0.33 30.59 ? 81  LYS A CA  1 
ATOM   715  C CA  C LYS A 1 81  ? 12.331  -0.568  1.391   0.33 31.03 ? 81  LYS A CA  1 
ATOM   716  C C   A LYS A 1 81  ? 13.476  -0.622  0.430   0.33 32.41 ? 81  LYS A C   1 
ATOM   717  C C   B LYS A 1 81  ? 13.429  -0.648  0.297   0.33 31.94 ? 81  LYS A C   1 
ATOM   718  C C   C LYS A 1 81  ? 13.446  -0.611  0.384   0.33 32.36 ? 81  LYS A C   1 
ATOM   719  O O   A LYS A 1 81  ? 13.940  -1.676  -0.009  0.33 31.34 ? 81  LYS A O   1 
ATOM   720  O O   B LYS A 1 81  ? 13.786  -1.641  -0.334  0.33 31.00 ? 81  LYS A O   1 
ATOM   721  O O   C LYS A 1 81  ? 13.907  -1.680  -0.023  0.33 31.13 ? 81  LYS A O   1 
ATOM   722  C CB  A LYS A 1 81  ? 12.918  -1.258  2.851   0.33 29.53 ? 81  LYS A CB  1 
ATOM   723  C CB  B LYS A 1 81  ? 13.207  -1.753  2.480   0.33 29.37 ? 81  LYS A CB  1 
ATOM   724  C CB  C LYS A 1 81  ? 12.831  -0.910  2.780   0.33 29.70 ? 81  LYS A CB  1 
ATOM   725  C CG  A LYS A 1 81  ? 12.068  -0.983  4.108   0.33 29.38 ? 81  LYS A CG  1 
ATOM   726  C CG  B LYS A 1 81  ? 12.488  -2.076  3.779   0.33 30.11 ? 81  LYS A CG  1 
ATOM   727  C CG  C LYS A 1 81  ? 12.541  0.178   3.796   0.33 30.58 ? 81  LYS A CG  1 
ATOM   728  C CD  A LYS A 1 81  ? 12.807  -1.265  5.446   0.33 30.17 ? 81  LYS A CD  1 
ATOM   729  C CD  B LYS A 1 81  ? 13.384  -2.920  4.676   0.33 29.26 ? 81  LYS A CD  1 
ATOM   730  C CD  C LYS A 1 81  ? 13.475  0.017   4.979   0.33 30.23 ? 81  LYS A CD  1 
ATOM   731  C CE  A LYS A 1 81  ? 12.683  -2.725  5.915   0.33 28.73 ? 81  LYS A CE  1 
ATOM   732  C CE  B LYS A 1 81  ? 12.625  -3.554  5.829   0.33 28.92 ? 81  LYS A CE  1 
ATOM   733  C CE  C LYS A 1 81  ? 12.802  0.380   6.277   0.33 26.68 ? 81  LYS A CE  1 
ATOM   734  N NZ  A LYS A 1 81  ? 13.390  -3.064  7.201   0.33 26.60 ? 81  LYS A NZ  1 
ATOM   735  N NZ  B LYS A 1 81  ? 12.969  -4.992  5.875   0.33 28.24 ? 81  LYS A NZ  1 
ATOM   736  N NZ  C LYS A 1 81  ? 13.476  -0.348  7.373   0.33 26.56 ? 81  LYS A NZ  1 
ATOM   737  N N   . LYS A 1 82  ? 13.834  0.585   -0.019  1.00 34.94 ? 82  LYS A N   1 
ATOM   738  C CA  . LYS A 1 82  ? 14.875  0.790   -1.096  1.00 39.64 ? 82  LYS A CA  1 
ATOM   739  C C   . LYS A 1 82  ? 14.527  0.087   -2.403  1.00 42.12 ? 82  LYS A C   1 
ATOM   740  O O   . LYS A 1 82  ? 15.324  -0.680  -2.998  1.00 44.60 ? 82  LYS A O   1 
ATOM   741  C CB  . LYS A 1 82  ? 16.264  0.386   -0.571  1.00 45.43 ? 82  LYS A CB  1 
ATOM   742  C CG  . LYS A 1 82  ? 16.720  1.262   0.595   1.00 50.39 ? 82  LYS A CG  1 
ATOM   743  C CD  . LYS A 1 82  ? 18.142  0.932   1.050   1.00 58.17 ? 82  LYS A CD  1 
ATOM   744  C CE  . LYS A 1 82  ? 19.036  2.176   1.057   1.00 60.68 ? 82  LYS A CE  1 
ATOM   745  N NZ  . LYS A 1 82  ? 20.497  1.844   0.941   1.00 64.59 ? 82  LYS A NZ  1 
ATOM   746  N N   . GLY A 1 83  ? 13.284  0.305   -2.810  1.00 39.29 ? 83  GLY A N   1 
ATOM   747  C CA  . GLY A 1 83  ? 12.746  -0.291  -4.016  1.00 36.59 ? 83  GLY A CA  1 
ATOM   748  C C   . GLY A 1 83  ? 12.476  -1.782  -4.030  1.00 35.20 ? 83  GLY A C   1 
ATOM   749  O O   . GLY A 1 83  ? 11.962  -2.298  -5.014  1.00 42.16 ? 83  GLY A O   1 
ATOM   750  N N   . GLN A 1 84  ? 12.812  -2.478  -2.967  1.00 32.10 ? 84  GLN A N   1 
ATOM   751  C CA  . GLN A 1 84  ? 12.672  -3.907  -2.884  1.00 33.38 ? 84  GLN A CA  1 
ATOM   752  C C   . GLN A 1 84  ? 11.448  -4.242  -2.030  1.00 34.47 ? 84  GLN A C   1 
ATOM   753  O O   . GLN A 1 84  ? 11.238  -3.593  -1.004  1.00 32.27 ? 84  GLN A O   1 
ATOM   754  C CB  . GLN A 1 84  ? 13.893  -4.514  -2.209  1.00 35.08 ? 84  GLN A CB  1 
ATOM   755  C CG  . GLN A 1 84  ? 15.197  -4.107  -2.861  1.00 41.97 ? 84  GLN A CG  1 
ATOM   756  C CD  . GLN A 1 84  ? 15.238  -4.542  -4.315  1.00 41.36 ? 84  GLN A CD  1 
ATOM   757  O OE1 . GLN A 1 84  ? 15.354  -3.707  -5.216  1.00 52.32 ? 84  GLN A OE1 1 
ATOM   758  N NE2 . GLN A 1 84  ? 15.044  -5.854  -4.558  1.00 42.54 ? 84  GLN A NE2 1 
ATOM   759  N N   . LYS A 1 85  ? 10.696  -5.254  -2.451  1.00 30.34 ? 85  LYS A N   1 
ATOM   760  C CA  . LYS A 1 85  ? 9.583   -5.781  -1.659  1.00 29.01 ? 85  LYS A CA  1 
ATOM   761  C C   . LYS A 1 85  ? 10.071  -6.653  -0.502  1.00 29.13 ? 85  LYS A C   1 
ATOM   762  O O   . LYS A 1 85  ? 10.657  -7.741  -0.692  1.00 33.65 ? 85  LYS A O   1 
ATOM   763  C CB  . LYS A 1 85  ? 8.598   -6.603  -2.492  1.00 31.19 ? 85  LYS A CB  1 
ATOM   764  C CG  . LYS A 1 85  ? 7.282   -6.907  -1.739  1.00 30.14 ? 85  LYS A CG  1 
ATOM   765  C CD  . LYS A 1 85  ? 6.146   -7.211  -2.710  1.00 32.87 ? 85  LYS A CD  1 
ATOM   766  C CE  . LYS A 1 85  ? 6.227   -8.680  -3.087  1.00 39.53 ? 85  LYS A CE  1 
ATOM   767  N NZ  . LYS A 1 85  ? 5.370   -8.973  -4.265  1.00 43.81 ? 85  LYS A NZ  1 
ATOM   768  N N   . VAL A 1 86  ? 9.724   -6.220  0.701   1.00 29.79 ? 86  VAL A N   1 
ATOM   769  C CA  . VAL A 1 86  ? 10.106  -6.897  1.944   1.00 29.38 ? 86  VAL A CA  1 
ATOM   770  C C   . VAL A 1 86  ? 8.917   -7.470  2.698   1.00 34.27 ? 86  VAL A C   1 
ATOM   771  O O   . VAL A 1 86  ? 9.072   -8.106  3.764   1.00 33.78 ? 86  VAL A O   1 
ATOM   772  C CB  . VAL A 1 86  ? 10.850  -5.898  2.873   1.00 32.41 ? 86  VAL A CB  1 
ATOM   773  C CG1 . VAL A 1 86  ? 12.111  -5.409  2.156   1.00 37.55 ? 86  VAL A CG1 1 
ATOM   774  C CG2 . VAL A 1 86  ? 10.003  -4.698  3.225   1.00 28.15 ? 86  VAL A CG2 1 
ATOM   775  N N   . GLY A 1 87  ? 7.715   -7.306  2.150   1.00 29.25 ? 87  GLY A N   1 
ATOM   776  C CA  . GLY A 1 87  ? 6.554   -7.983  2.739   1.00 28.84 ? 87  GLY A CA  1 
ATOM   777  C C   . GLY A 1 87  ? 5.326   -7.911  1.890   1.00 24.21 ? 87  GLY A C   1 
ATOM   778  O O   . GLY A 1 87  ? 5.188   -6.988  1.085   1.00 24.48 ? 87  GLY A O   1 
ATOM   779  N N   . GLU A 1 88  ? 4.384   -8.814  2.145   1.00 24.25 ? 88  GLU A N   1 
ATOM   780  C CA  . GLU A 1 88  ? 3.090   -8.795  1.545   1.00 22.62 ? 88  GLU A CA  1 
ATOM   781  C C   . GLU A 1 88  ? 2.073   -9.660  2.270   1.00 23.88 ? 88  GLU A C   1 
ATOM   782  O O   . GLU A 1 88  ? 2.372   -10.793 2.672   1.00 24.38 ? 88  GLU A O   1 
ATOM   783  C CB  . GLU A 1 88  ? 3.148   -9.317  0.116   1.00 25.07 ? 88  GLU A CB  1 
ATOM   784  C CG  . GLU A 1 88  ? 1.871   -9.172  -0.675  1.00 29.78 ? 88  GLU A CG  1 
ATOM   785  C CD  . GLU A 1 88  ? 2.112   -9.476  -2.136  1.00 35.85 ? 88  GLU A CD  1 
ATOM   786  O OE1 . GLU A 1 88  ? 3.327   -9.565  -2.517  1.00 40.05 ? 88  GLU A OE1 1 
ATOM   787  O OE2 . GLU A 1 88  ? 1.105   -9.659  -2.866  1.00 38.67 ? 88  GLU A OE2 1 
ATOM   788  N N   . PHE A 1 89  ? 0.854   -9.174  2.345   1.00 21.93 ? 89  PHE A N   1 
ATOM   789  C CA  . PHE A 1 89  ? -0.275  -10.035 2.708   1.00 21.99 ? 89  PHE A CA  1 
ATOM   790  C C   . PHE A 1 89  ? -1.575  -9.443  2.171   1.00 22.93 ? 89  PHE A C   1 
ATOM   791  O O   . PHE A 1 89  ? -1.636  -8.254  1.754   1.00 23.46 ? 89  PHE A O   1 
ATOM   792  C CB  . PHE A 1 89  ? -0.350  -10.254 4.283   1.00 23.45 ? 89  PHE A CB  1 
ATOM   793  C CG  . PHE A 1 89  ? -0.778  -9.041  5.033   1.00 21.23 ? 89  PHE A CG  1 
ATOM   794  C CD1 . PHE A 1 89  ? -2.120  -8.809  5.303   1.00 23.34 ? 89  PHE A CD1 1 
ATOM   795  C CD2 . PHE A 1 89  ? 0.152   -8.139  5.547   1.00 22.05 ? 89  PHE A CD2 1 
ATOM   796  C CE1 . PHE A 1 89  ? -2.525  -7.638  5.978   1.00 23.46 ? 89  PHE A CE1 1 
ATOM   797  C CE2 . PHE A 1 89  ? -0.213  -7.003  6.223   1.00 22.92 ? 89  PHE A CE2 1 
ATOM   798  C CZ  . PHE A 1 89  ? -1.552  -6.741  6.465   1.00 22.15 ? 89  PHE A CZ  1 
ATOM   799  N N   A SER A 1 90  ? -2.623  -10.262 2.138   0.50 22.28 ? 90  SER A N   1 
ATOM   800  N N   B SER A 1 90  ? -2.631  -10.240 2.217   0.50 22.76 ? 90  SER A N   1 
ATOM   801  C CA  A SER A 1 90  ? -3.930  -9.789  1.763   0.50 23.22 ? 90  SER A CA  1 
ATOM   802  C CA  B SER A 1 90  ? -3.914  -9.808  1.770   0.50 23.81 ? 90  SER A CA  1 
ATOM   803  C C   A SER A 1 90  ? -4.903  -9.881  2.922   0.50 22.42 ? 90  SER A C   1 
ATOM   804  C C   B SER A 1 90  ? -4.912  -9.898  2.914   0.50 22.68 ? 90  SER A C   1 
ATOM   805  O O   A SER A 1 90  ? -4.652  -10.610 3.899   0.50 22.40 ? 90  SER A O   1 
ATOM   806  O O   B SER A 1 90  ? -4.682  -10.643 3.880   0.50 22.38 ? 90  SER A O   1 
ATOM   807  C CB  A SER A 1 90  ? -4.451  -10.556 0.549   0.50 23.14 ? 90  SER A CB  1 
ATOM   808  C CB  B SER A 1 90  ? -4.320  -10.677 0.595   0.50 23.96 ? 90  SER A CB  1 
ATOM   809  O OG  A SER A 1 90  ? -4.521  -11.956 0.755   0.50 22.95 ? 90  SER A OG  1 
ATOM   810  O OG  B SER A 1 90  ? -3.464  -10.430 -0.525  0.50 25.89 ? 90  SER A OG  1 
ATOM   811  N N   . GLY A 1 91  ? -5.987  -9.127  2.784   1.00 21.87 ? 91  GLY A N   1 
ATOM   812  C CA  . GLY A 1 91  ? -7.094  -9.114  3.727   1.00 22.57 ? 91  GLY A CA  1 
ATOM   813  C C   . GLY A 1 91  ? -7.030  -7.862  4.590   1.00 22.57 ? 91  GLY A C   1 
ATOM   814  O O   . GLY A 1 91  ? -5.930  -7.382  4.985   1.00 21.38 ? 91  GLY A O   1 
ATOM   815  N N   . ALA A 1 92  ? -8.228  -7.404  4.939   1.00 24.09 ? 92  ALA A N   1 
ATOM   816  C CA  . ALA A 1 92  ? -8.377  -6.121  5.756   1.00 25.55 ? 92  ALA A CA  1 
ATOM   817  C C   . ALA A 1 92  ? -8.184  -6.350  7.257   1.00 27.14 ? 92  ALA A C   1 
ATOM   818  O O   . ALA A 1 92  ? -9.097  -6.021  8.064   1.00 32.63 ? 92  ALA A O   1 
ATOM   819  C CB  . ALA A 1 92  ? -9.729  -5.482  5.506   1.00 26.42 ? 92  ALA A CB  1 
ATOM   820  N N   . ASN A 1 93  ? -7.017  -6.840  7.687   1.00 25.87 ? 93  ASN A N   1 
ATOM   821  C CA  . ASN A 1 93  ? -6.725  -7.180  9.061   1.00 23.24 ? 93  ASN A CA  1 
ATOM   822  C C   . ASN A 1 93  ? -5.866  -6.033  9.613   1.00 25.63 ? 93  ASN A C   1 
ATOM   823  O O   . ASN A 1 93  ? -4.634  -5.936  9.310   1.00 23.34 ? 93  ASN A O   1 
ATOM   824  C CB  . ASN A 1 93  ? -5.980  -8.520  9.130   1.00 24.39 ? 93  ASN A CB  1 
ATOM   825  C CG  . ASN A 1 93  ? -5.644  -8.961  10.524  1.00 25.33 ? 93  ASN A CG  1 
ATOM   826  O OD1 . ASN A 1 93  ? -5.404  -8.146  11.455  1.00 23.77 ? 93  ASN A OD1 1 
ATOM   827  N ND2 . ASN A 1 93  ? -5.551  -10.288 10.703  1.00 31.97 ? 93  ASN A ND2 1 
ATOM   828  N N   . LYS A 1 94  ? -6.517  -5.190  10.434  1.00 22.62 ? 94  LYS A N   1 
ATOM   829  C CA  . LYS A 1 94  ? -5.876  -3.971  11.018  1.00 21.95 ? 94  LYS A CA  1 
ATOM   830  C C   . LYS A 1 94  ? -4.686  -4.268  11.916  1.00 22.93 ? 94  LYS A C   1 
ATOM   831  O O   . LYS A 1 94  ? -3.632  -3.634  11.856  1.00 20.01 ? 94  LYS A O   1 
ATOM   832  C CB  . LYS A 1 94  ? -6.938  -3.169  11.808  1.00 23.02 ? 94  LYS A CB  1 
ATOM   833  C CG  . LYS A 1 94  ? -7.990  -2.520  10.948  1.00 24.87 ? 94  LYS A CG  1 
ATOM   834  C CD  . LYS A 1 94  ? -9.051  -1.868  11.834  1.00 25.77 ? 94  LYS A CD  1 
ATOM   835  C CE  . LYS A 1 94  ? -10.045 -1.242  10.922  1.00 28.87 ? 94  LYS A CE  1 
ATOM   836  N NZ  . LYS A 1 94  ? -11.149 -0.632  11.709  1.00 32.72 ? 94  LYS A NZ  1 
ATOM   837  N N   . GLU A 1 95  ? -4.883  -5.226  12.810  1.00 26.90 ? 95  GLU A N   1 
ATOM   838  C CA  . GLU A 1 95  ? -3.845  -5.604  13.767  1.00 27.79 ? 95  GLU A CA  1 
ATOM   839  C C   . GLU A 1 95  ? -2.591  -6.144  13.057  1.00 25.35 ? 95  GLU A C   1 
ATOM   840  O O   . GLU A 1 95  ? -1.467  -5.769  13.361  1.00 25.11 ? 95  GLU A O   1 
ATOM   841  C CB  . GLU A 1 95  ? -4.441  -6.681  14.700  1.00 35.84 ? 95  GLU A CB  1 
ATOM   842  C CG  . GLU A 1 95  ? -3.540  -7.161  15.806  1.00 46.89 ? 95  GLU A CG  1 
ATOM   843  C CD  . GLU A 1 95  ? -4.328  -8.021  16.802  1.00 58.60 ? 95  GLU A CD  1 
ATOM   844  O OE1 . GLU A 1 95  ? -4.187  -9.271  16.715  1.00 65.63 ? 95  GLU A OE1 1 
ATOM   845  O OE2 . GLU A 1 95  ? -5.117  -7.441  17.622  1.00 59.00 ? 95  GLU A OE2 1 
ATOM   846  N N   . LYS A 1 96  ? -2.826  -6.992  12.073  1.00 23.84 ? 96  LYS A N   1 
ATOM   847  C CA  . LYS A 1 96  ? -1.719  -7.531  11.310  1.00 24.22 ? 96  LYS A CA  1 
ATOM   848  C C   . LYS A 1 96  ? -0.996  -6.443  10.504  1.00 23.89 ? 96  LYS A C   1 
ATOM   849  O O   . LYS A 1 96  ? 0.279   -6.475  10.374  1.00 22.74 ? 96  LYS A O   1 
ATOM   850  C CB  . LYS A 1 96  ? -2.179  -8.563  10.381  1.00 27.32 ? 96  LYS A CB  1 
ATOM   851  C CG  . LYS A 1 96  ? -1.021  -9.165  9.580   1.00 29.29 ? 96  LYS A CG  1 
ATOM   852  C CD  . LYS A 1 96  ? -1.610  -10.056 8.534   1.00 32.54 ? 96  LYS A CD  1 
ATOM   853  C CE  . LYS A 1 96  ? -1.971  -11.427 9.126   1.00 35.63 ? 96  LYS A CE  1 
ATOM   854  N NZ  . LYS A 1 96  ? -2.914  -12.151 8.201   1.00 34.60 ? 96  LYS A NZ  1 
ATOM   855  N N   . LEU A 1 97  ? -1.782  -5.520  9.935   1.00 22.22 ? 97  LEU A N   1 
ATOM   856  C CA  . LEU A 1 97  ? -1.183  -4.412  9.169   1.00 20.86 ? 97  LEU A CA  1 
ATOM   857  C C   . LEU A 1 97  ? -0.200  -3.642  10.059  1.00 23.39 ? 97  LEU A C   1 
ATOM   858  O O   . LEU A 1 97  ? 1.005   -3.400  9.695   1.00 21.97 ? 97  LEU A O   1 
ATOM   859  C CB  . LEU A 1 97  ? -2.255  -3.543  8.651   1.00 20.35 ? 97  LEU A CB  1 
ATOM   860  C CG  . LEU A 1 97  ? -1.853  -2.263  7.868   1.00 18.86 ? 97  LEU A CG  1 
ATOM   861  C CD1 . LEU A 1 97  ? -0.837  -2.556  6.729   1.00 20.70 ? 97  LEU A CD1 1 
ATOM   862  C CD2 . LEU A 1 97  ? -3.102  -1.516  7.402   1.00 20.80 ? 97  LEU A CD2 1 
ATOM   863  N N   . GLU A 1 98  ? -0.672  -3.277  11.247  1.00 21.38 ? 98  GLU A N   1 
ATOM   864  C CA  . GLU A 1 98  ? 0.178   -2.449  12.099  1.00 24.05 ? 98  GLU A CA  1 
ATOM   865  C C   . GLU A 1 98  ? 1.365   -3.257  12.603  1.00 24.62 ? 98  GLU A C   1 
ATOM   866  O O   . GLU A 1 98  ? 2.492   -2.743  12.651  1.00 25.43 ? 98  GLU A O   1 
ATOM   867  C CB  . GLU A 1 98  ? -0.620  -1.801  13.233  1.00 24.09 ? 98  GLU A CB  1 
ATOM   868  C CG  . GLU A 1 98  ? 0.237   -0.826  14.070  1.00 25.07 ? 98  GLU A CG  1 
ATOM   869  C CD  . GLU A 1 98  ? -0.568  0.121   14.909  1.00 24.61 ? 98  GLU A CD  1 
ATOM   870  O OE1 . GLU A 1 98  ? -1.807  -0.013  15.068  1.00 24.29 ? 98  GLU A OE1 1 
ATOM   871  O OE2 . GLU A 1 98  ? 0.105   1.014   15.477  1.00 26.89 ? 98  GLU A OE2 1 
ATOM   872  N N   . ALA A 1 99  ? 1.129   -4.499  12.950  1.00 26.21 ? 99  ALA A N   1 
ATOM   873  C CA  . ALA A 1 99  ? 2.185   -5.365  13.493  1.00 30.28 ? 99  ALA A CA  1 
ATOM   874  C C   . ALA A 1 99  ? 3.271   -5.467  12.408  1.00 33.38 ? 99  ALA A C   1 
ATOM   875  O O   . ALA A 1 99  ? 4.478   -5.305  12.685  1.00 34.57 ? 99  ALA A O   1 
ATOM   876  C CB  . ALA A 1 99  ? 1.635   -6.724  13.869  1.00 27.10 ? 99  ALA A CB  1 
ATOM   877  N N   . THR A 1 100 ? 2.833   -5.675  11.174  1.00 25.32 ? 100 THR A N   1 
ATOM   878  C CA  . THR A 1 100 ? 3.810   -5.808  10.065  1.00 26.78 ? 100 THR A CA  1 
ATOM   879  C C   . THR A 1 100 ? 4.671   -4.549  9.921   1.00 24.45 ? 100 THR A C   1 
ATOM   880  O O   . THR A 1 100 ? 5.941   -4.617  9.718   1.00 27.30 ? 100 THR A O   1 
ATOM   881  C CB  . THR A 1 100 ? 3.116   -6.170  8.730   1.00 24.14 ? 100 THR A CB  1 
ATOM   882  O OG1 . THR A 1 100 ? 2.353   -7.358  8.867   1.00 21.76 ? 100 THR A OG1 1 
ATOM   883  C CG2 . THR A 1 100 ? 4.176   -6.400  7.609   1.00 22.93 ? 100 THR A CG2 1 
ATOM   884  N N   . ILE A 1 101 ? 4.053   -3.379  9.996   1.00 22.20 ? 101 ILE A N   1 
ATOM   885  C CA  . ILE A 1 101 ? 4.746   -2.117  9.935   1.00 24.04 ? 101 ILE A CA  1 
ATOM   886  C C   . ILE A 1 101 ? 5.808   -2.080  11.077  1.00 29.43 ? 101 ILE A C   1 
ATOM   887  O O   . ILE A 1 101 ? 6.972   -1.797  10.831  1.00 28.31 ? 101 ILE A O   1 
ATOM   888  C CB  . ILE A 1 101 ? 3.778   -0.987  10.091  1.00 25.39 ? 101 ILE A CB  1 
ATOM   889  C CG1 . ILE A 1 101 ? 2.887   -0.899  8.795   1.00 27.23 ? 101 ILE A CG1 1 
ATOM   890  C CG2 . ILE A 1 101 ? 4.525   0.315   10.438  1.00 27.19 ? 101 ILE A CG2 1 
ATOM   891  C CD1 . ILE A 1 101 ? 1.725   0.050   8.892   1.00 25.97 ? 101 ILE A CD1 1 
ATOM   892  N N   . ASN A 1 102 ? 5.390   -2.432  12.282  1.00 29.53 ? 102 ASN A N   1 
ATOM   893  C CA  . ASN A 1 102 ? 6.338   -2.299  13.384  1.00 33.66 ? 102 ASN A CA  1 
ATOM   894  C C   . ASN A 1 102 ? 7.526   -3.304  13.188  1.00 33.41 ? 102 ASN A C   1 
ATOM   895  O O   . ASN A 1 102 ? 8.654   -2.961  13.567  1.00 37.37 ? 102 ASN A O   1 
ATOM   896  C CB  . ASN A 1 102 ? 5.633   -2.411  14.765  1.00 31.65 ? 102 ASN A CB  1 
ATOM   897  C CG  . ASN A 1 102 ? 4.781   -1.174  15.112  1.00 33.44 ? 102 ASN A CG  1 
ATOM   898  O OD1 . ASN A 1 102 ? 5.241   -0.009  15.065  1.00 39.80 ? 102 ASN A OD1 1 
ATOM   899  N ND2 . ASN A 1 102 ? 3.547   -1.421  15.489  1.00 39.42 ? 102 ASN A ND2 1 
ATOM   900  N N   A GLU A 1 103 ? 7.300   -4.468  12.576  0.50 28.12 ? 103 GLU A N   1 
ATOM   901  N N   B GLU A 1 103 ? 7.271   -4.472  12.581  0.50 30.02 ? 103 GLU A N   1 
ATOM   902  C CA  A GLU A 1 103 ? 8.406   -5.386  12.273  0.50 27.62 ? 103 GLU A CA  1 
ATOM   903  C CA  B GLU A 1 103 ? 8.320   -5.447  12.221  0.50 30.66 ? 103 GLU A CA  1 
ATOM   904  C C   A GLU A 1 103 ? 9.387   -4.884  11.205  0.50 28.42 ? 103 GLU A C   1 
ATOM   905  C C   B GLU A 1 103 ? 9.347   -4.927  11.193  0.50 30.17 ? 103 GLU A C   1 
ATOM   906  O O   A GLU A 1 103 ? 10.579  -5.212  11.246  0.50 29.07 ? 103 GLU A O   1 
ATOM   907  O O   B GLU A 1 103 ? 10.528  -5.292  11.246  0.50 30.57 ? 103 GLU A O   1 
ATOM   908  C CB  A GLU A 1 103 ? 7.908   -6.762  11.883  0.50 25.69 ? 103 GLU A CB  1 
ATOM   909  C CB  B GLU A 1 103 ? 7.706   -6.747  11.697  0.50 31.17 ? 103 GLU A CB  1 
ATOM   910  C CG  A GLU A 1 103 ? 8.983   -7.816  12.115  0.50 26.09 ? 103 GLU A CG  1 
ATOM   911  C CG  B GLU A 1 103 ? 8.573   -7.983  11.936  0.50 33.94 ? 103 GLU A CG  1 
ATOM   912  C CD  A GLU A 1 103 ? 9.964   -8.010  10.932  0.50 24.07 ? 103 GLU A CD  1 
ATOM   913  C CD  B GLU A 1 103 ? 9.900   -8.022  11.140  0.50 34.49 ? 103 GLU A CD  1 
ATOM   914  O OE1 A GLU A 1 103 ? 9.585   -7.651  9.779   0.50 21.00 ? 103 GLU A OE1 1 
ATOM   915  O OE1 B GLU A 1 103 ? 9.852   -8.251  9.892   0.50 33.82 ? 103 GLU A OE1 1 
ATOM   916  O OE2 A GLU A 1 103 ? 11.098  -8.536  11.161  0.50 20.75 ? 103 GLU A OE2 1 
ATOM   917  O OE2 B GLU A 1 103 ? 10.988  -7.868  11.783  0.50 31.52 ? 103 GLU A OE2 1 
ATOM   918  N N   . LEU A 1 104 ? 8.895   -4.071  10.283  1.00 27.22 ? 104 LEU A N   1 
ATOM   919  C CA  . LEU A 1 104 ? 9.700   -3.676  9.106   1.00 27.88 ? 104 LEU A CA  1 
ATOM   920  C C   . LEU A 1 104 ? 10.347  -2.296  9.178   1.00 29.32 ? 104 LEU A C   1 
ATOM   921  O O   . LEU A 1 104 ? 11.326  -2.057  8.456   1.00 35.16 ? 104 LEU A O   1 
ATOM   922  C CB  . LEU A 1 104 ? 8.819   -3.757  7.849   1.00 24.38 ? 104 LEU A CB  1 
ATOM   923  C CG  . LEU A 1 104 ? 8.489   -5.158  7.385   1.00 24.44 ? 104 LEU A CG  1 
ATOM   924  C CD1 . LEU A 1 104 ? 7.449   -5.141  6.231   1.00 25.06 ? 104 LEU A CD1 1 
ATOM   925  C CD2 . LEU A 1 104 ? 9.721   -5.926  6.940   1.00 25.87 ? 104 LEU A CD2 1 
ATOM   926  N N   . VAL A 1 105 ? 9.719   -1.372  9.889   1.00 30.29 ? 105 VAL A N   1 
ATOM   927  C CA  . VAL A 1 105 ? 10.156  -0.006  9.962   1.00 35.01 ? 105 VAL A CA  1 
ATOM   928  C C   . VAL A 1 105 ? 11.612  -0.017  10.491  1.00 35.51 ? 105 VAL A C   1 
ATOM   929  O O   . VAL A 1 105 ? 12.036  -0.841  11.369  1.00 39.58 ? 105 VAL A O   1 
ATOM   930  C CB  . VAL A 1 105 ? 9.200   0.859   10.838  1.00 35.65 ? 105 VAL A CB  1 
ATOM   931  C CG1 . VAL A 1 105 ? 9.329   0.486   12.303  1.00 36.17 ? 105 VAL A CG1 1 
ATOM   932  C CG2 . VAL A 1 105 ? 9.450   2.354   10.632  1.00 42.76 ? 105 VAL A CG2 1 
ATOM   933  O OXT . VAL A 1 105 ? 12.357  0.804   9.984   1.00 38.97 ? 105 VAL A OXT 1 
HETATM 934  O O   . HOH B 2 .   ? 7.283   -8.666  8.294   1.00 26.51 ? 201 HOH A O   1 
HETATM 935  O O   . HOH B 2 .   ? -2.777  4.257   17.803  1.00 23.51 ? 202 HOH A O   1 
HETATM 936  O O   . HOH B 2 .   ? -10.810 1.705   9.265   1.00 26.65 ? 203 HOH A O   1 
HETATM 937  O O   . HOH B 2 .   ? -3.322  4.265   13.834  1.00 26.46 ? 204 HOH A O   1 
HETATM 938  O O   . HOH B 2 .   ? -9.156  -6.062  11.499  1.00 27.89 ? 205 HOH A O   1 
HETATM 939  O O   . HOH B 2 .   ? -2.049  -13.095 2.802   1.00 26.86 ? 206 HOH A O   1 
HETATM 940  O O   . HOH B 2 .   ? 2.350   9.123   16.513  1.00 23.90 ? 207 HOH A O   1 
HETATM 941  O O   . HOH B 2 .   ? -11.059 -4.698  -10.038 0.50 40.69 ? 208 HOH A O   1 
HETATM 942  O O   . HOH B 2 .   ? -11.839 -7.794  1.140   1.00 28.93 ? 209 HOH A O   1 
HETATM 943  O O   . HOH B 2 .   ? -5.016  4.437   -7.947  1.00 26.63 ? 210 HOH A O   1 
HETATM 944  O O   . HOH B 2 .   ? 3.274   5.853   -16.162 1.00 33.63 ? 211 HOH A O   1 
HETATM 945  O O   . HOH B 2 .   ? -7.462  -6.464  13.610  1.00 33.57 ? 212 HOH A O   1 
HETATM 946  O O   . HOH B 2 .   ? 2.903   8.644   3.976   1.00 31.45 ? 213 HOH A O   1 
HETATM 947  O O   . HOH B 2 .   ? 12.504  2.800   0.879   1.00 31.73 ? 214 HOH A O   1 
HETATM 948  O O   . HOH B 2 .   ? -10.774 -8.531  3.785   1.00 30.00 ? 215 HOH A O   1 
HETATM 949  O O   . HOH B 2 .   ? 3.127   8.939   6.992   1.00 31.15 ? 216 HOH A O   1 
HETATM 950  O O   . HOH B 2 .   ? -0.855  -4.669  15.827  1.00 34.49 ? 217 HOH A O   1 
HETATM 951  O O   . HOH B 2 .   ? 6.868   -10.136 -0.052  1.00 35.73 ? 218 HOH A O   1 
HETATM 952  O O   . HOH B 2 .   ? 11.803  6.398   -10.664 1.00 32.66 ? 219 HOH A O   1 
HETATM 953  O O   . HOH B 2 .   ? -2.641  -10.462 -3.586  1.00 29.42 ? 220 HOH A O   1 
HETATM 954  O O   . HOH B 2 .   ? 12.852  -4.729  10.095  1.00 32.84 ? 221 HOH A O   1 
HETATM 955  O O   . HOH B 2 .   ? 5.406   9.810   -7.391  1.00 33.07 ? 222 HOH A O   1 
HETATM 956  O O   . HOH B 2 .   ? 7.390   -8.887  5.721   1.00 41.82 ? 223 HOH A O   1 
HETATM 957  O O   . HOH B 2 .   ? -10.105 1.496   -4.506  1.00 31.20 ? 224 HOH A O   1 
HETATM 958  O O   . HOH B 2 .   ? -5.196  -10.624 6.391   1.00 35.63 ? 225 HOH A O   1 
HETATM 959  O O   . HOH B 2 .   ? 10.389  10.870  8.749   1.00 36.78 ? 226 HOH A O   1 
HETATM 960  O O   . HOH B 2 .   ? 5.814   -6.598  14.683  1.00 35.58 ? 227 HOH A O   1 
HETATM 961  O O   . HOH B 2 .   ? 11.177  2.087   -1.725  1.00 29.30 ? 228 HOH A O   1 
HETATM 962  O O   . HOH B 2 .   ? 10.364  1.108   -9.265  1.00 45.64 ? 229 HOH A O   1 
HETATM 963  O O   . HOH B 2 .   ? -8.199  -0.098  1.493   1.00 38.89 ? 230 HOH A O   1 
HETATM 964  O O   . HOH B 2 .   ? 4.574   -4.002  -6.561  1.00 39.60 ? 231 HOH A O   1 
HETATM 965  O O   . HOH B 2 .   ? 2.555   11.701  14.014  1.00 34.11 ? 232 HOH A O   1 
HETATM 966  O O   . HOH B 2 .   ? 11.479  10.030  -7.768  1.00 40.95 ? 233 HOH A O   1 
HETATM 967  O O   . HOH B 2 .   ? 7.995   8.956   -1.700  1.00 38.91 ? 234 HOH A O   1 
HETATM 968  O O   . HOH B 2 .   ? -8.417  -10.319 0.746   1.00 35.48 ? 235 HOH A O   1 
HETATM 969  O O   . HOH B 2 .   ? 10.076  4.076   7.880   1.00 39.85 ? 236 HOH A O   1 
HETATM 970  O O   . HOH B 2 .   ? -11.270 3.136   -10.928 1.00 46.39 ? 237 HOH A O   1 
HETATM 971  O O   . HOH B 2 .   ? -3.383  -2.173  15.589  1.00 34.57 ? 238 HOH A O   1 
HETATM 972  O O   . HOH B 2 .   ? -8.801  -0.215  15.117  1.00 33.86 ? 239 HOH A O   1 
HETATM 973  O O   . HOH B 2 .   ? -7.984  -10.613 6.935   1.00 38.51 ? 240 HOH A O   1 
HETATM 974  O O   . HOH B 2 .   ? 0.823   3.942   -15.624 1.00 40.92 ? 241 HOH A O   1 
HETATM 975  O O   . HOH B 2 .   ? -7.591  2.941   -4.344  1.00 34.90 ? 242 HOH A O   1 
HETATM 976  O O   . HOH B 2 .   ? -13.880 -7.987  -0.517  1.00 36.65 ? 243 HOH A O   1 
HETATM 977  O O   . HOH B 2 .   ? 1.715   -3.561  16.349  1.00 37.38 ? 244 HOH A O   1 
HETATM 978  O O   . HOH B 2 .   ? 7.159   10.833  -3.712  1.00 46.32 ? 245 HOH A O   1 
HETATM 979  O O   . HOH B 2 .   ? -6.409  -1.752  15.212  1.00 37.96 ? 246 HOH A O   1 
HETATM 980  O O   . HOH B 2 .   ? -15.963 -9.206  0.992   1.00 35.48 ? 247 HOH A O   1 
HETATM 981  O O   . HOH B 2 .   ? 11.459  2.908   -8.068  1.00 46.91 ? 248 HOH A O   1 
HETATM 982  O O   . HOH B 2 .   ? 4.403   -1.532  -11.609 1.00 38.43 ? 249 HOH A O   1 
HETATM 983  O O   . HOH B 2 .   ? -5.851  -4.925  -17.720 1.00 39.52 ? 250 HOH A O   1 
HETATM 984  O O   . HOH B 2 .   ? -5.400  0.892   -15.804 1.00 39.29 ? 251 HOH A O   1 
HETATM 985  O O   . HOH B 2 .   ? 7.020   9.705   6.022   1.00 41.91 ? 252 HOH A O   1 
HETATM 986  O O   . HOH B 2 .   ? 14.195  4.008   -2.413  1.00 42.06 ? 253 HOH A O   1 
HETATM 987  O O   . HOH B 2 .   ? -12.566 -8.492  6.213   1.00 34.98 ? 254 HOH A O   1 
HETATM 988  O O   . HOH B 2 .   ? 9.778   -10.118 -0.142  1.00 40.57 ? 255 HOH A O   1 
HETATM 989  O O   . HOH B 2 .   ? 8.896   -11.106 -3.002  1.00 44.05 ? 256 HOH A O   1 
HETATM 990  O O   . HOH B 2 .   ? 5.510   9.639   -1.506  1.00 38.56 ? 257 HOH A O   1 
HETATM 991  O O   . HOH B 2 .   ? 14.359  11.578  -0.880  1.00 43.38 ? 258 HOH A O   1 
HETATM 992  O O   . HOH B 2 .   ? 3.973   -5.749  16.722  1.00 39.11 ? 259 HOH A O   1 
HETATM 993  O O   . HOH B 2 .   ? -10.973 -4.031  8.629   1.00 45.59 ? 260 HOH A O   1 
HETATM 994  O O   . HOH B 2 .   ? -6.147  5.377   3.617   1.00 47.62 ? 261 HOH A O   1 
HETATM 995  O O   . HOH B 2 .   ? -13.402 0.025   14.031  1.00 40.19 ? 262 HOH A O   1 
HETATM 996  O O   . HOH B 2 .   ? 5.339   -6.715  -6.370  1.00 39.16 ? 263 HOH A O   1 
HETATM 997  O O   . HOH B 2 .   ? -11.318 4.489   -6.776  1.00 43.55 ? 264 HOH A O   1 
HETATM 998  O O   . HOH B 2 .   ? -17.370 -3.084  4.099   1.00 43.90 ? 265 HOH A O   1 
HETATM 999  O O   . HOH B 2 .   ? -16.973 0.025   5.493   1.00 46.49 ? 266 HOH A O   1 
HETATM 1000 O O   . HOH B 2 .   ? -4.733  10.657  6.140   1.00 50.90 ? 267 HOH A O   1 
HETATM 1001 O O   . HOH B 2 .   ? 4.059   2.215   17.549  1.00 39.93 ? 268 HOH A O   1 
HETATM 1002 O O   . HOH B 2 .   ? 1.859   2.602   19.384  1.00 42.00 ? 269 HOH A O   1 
HETATM 1003 O O   . HOH B 2 .   ? 5.783   11.592  -9.544  1.00 43.16 ? 270 HOH A O   1 
HETATM 1004 O O   . HOH B 2 .   ? 11.015  -2.088  13.310  1.00 44.89 ? 271 HOH A O   1 
HETATM 1005 O O   . HOH B 2 .   ? 0.722   -13.175 2.293   1.00 45.78 ? 272 HOH A O   1 
HETATM 1006 O O   . HOH B 2 .   ? 3.014   -10.196 -5.423  1.00 41.13 ? 273 HOH A O   1 
HETATM 1007 O O   . HOH B 2 .   ? -1.923  0.719   18.922  0.50 47.81 ? 274 HOH A O   1 
HETATM 1008 O O   . HOH B 2 .   ? -2.058  -10.905 13.018  1.00 48.05 ? 275 HOH A O   1 
HETATM 1009 O O   . HOH B 2 .   ? 3.657   -13.117 2.281   1.00 43.73 ? 276 HOH A O   1 
HETATM 1010 O O   . HOH B 2 .   ? 5.320   -9.073  -12.516 1.00 41.26 ? 277 HOH A O   1 
HETATM 1011 O O   B HOH B 2 .   ? -6.168  1.640   -1.735  0.33 17.25 ? 278 HOH A O   1 
HETATM 1012 O O   . HOH B 2 .   ? -11.865 -0.007  -8.262  1.00 32.12 ? 279 HOH A O   1 
HETATM 1013 O O   . HOH B 2 .   ? 9.473   6.814   -12.610 1.00 63.43 ? 280 HOH A O   1 
HETATM 1014 O O   . HOH B 2 .   ? 14.762  11.737  -3.846  1.00 39.12 ? 281 HOH A O   1 
HETATM 1015 O O   . HOH B 2 .   ? 1.896   12.562  10.461  1.00 41.67 ? 282 HOH A O   1 
HETATM 1016 O O   . HOH B 2 .   ? -10.511 -3.004  -14.569 1.00 51.89 ? 283 HOH A O   1 
HETATM 1017 O O   . HOH B 2 .   ? 3.023   -5.136  -17.354 1.00 50.36 ? 284 HOH A O   1 
HETATM 1018 O O   A HOH B 2 .   ? 12.173  -6.407  13.370  0.50 23.51 ? 285 HOH A O   1 
HETATM 1019 O O   . HOH B 2 .   ? -9.458  -8.670  10.988  1.00 44.44 ? 286 HOH A O   1 
HETATM 1020 O O   . HOH B 2 .   ? -9.048  -10.235 8.928   1.00 54.96 ? 287 HOH A O   1 
HETATM 1021 O O   . HOH B 2 .   ? -8.363  -12.850 10.327  1.00 47.93 ? 288 HOH A O   1 
HETATM 1022 O O   . HOH B 2 .   ? -7.315  -8.899  13.575  1.00 58.54 ? 289 HOH A O   1 
HETATM 1023 O O   . HOH B 2 .   ? -7.501  -4.439  15.311  1.00 41.84 ? 290 HOH A O   1 
HETATM 1024 O O   . HOH B 2 .   ? -11.506 -4.667  11.680  1.00 42.84 ? 291 HOH A O   1 
HETATM 1025 O O   . HOH B 2 .   ? 15.832  7.694   -2.594  1.00 46.68 ? 292 HOH A O   1 
HETATM 1026 O O   . HOH B 2 .   ? 11.390  -1.099  -7.461  1.00 47.32 ? 293 HOH A O   1 
HETATM 1027 O O   . HOH B 2 .   ? 17.759  -2.196  -0.972  1.00 44.54 ? 294 HOH A O   1 
HETATM 1028 O O   . HOH B 2 .   ? -18.623 -3.471  -0.795  1.00 45.67 ? 295 HOH A O   1 
HETATM 1029 O O   . HOH B 2 .   ? -9.141  2.049   -0.181  1.00 49.85 ? 296 HOH A O   1 
HETATM 1030 O O   . HOH B 2 .   ? 10.975  -6.097  -5.151  1.00 49.07 ? 297 HOH A O   1 
HETATM 1031 O O   . HOH B 2 .   ? 8.687   -9.283  -11.578 1.00 45.64 ? 298 HOH A O   1 
HETATM 1032 O O   . HOH B 2 .   ? -16.757 -6.923  -0.619  1.00 38.62 ? 299 HOH A O   1 
HETATM 1033 O O   . HOH B 2 .   ? -2.317  -9.150  -10.656 1.00 34.55 ? 300 HOH A O   1 
HETATM 1034 O O   . HOH B 2 .   ? -0.128  -10.617 -12.962 1.00 44.15 ? 301 HOH A O   1 
# 
